data_8D9Y
#
_entry.id   8D9Y
#
_cell.length_a   77.808
_cell.length_b   87.228
_cell.length_c   101.302
_cell.angle_alpha   109.29
_cell.angle_beta   104.25
_cell.angle_gamma   106.48
#
_symmetry.space_group_name_H-M   'P 1'
#
loop_
_entity.id
_entity.type
_entity.pdbx_description
1 polymer 'Centi-LNX-D09 Fab light chain'
2 polymer 'Centi-LNX-D09 Fab heavy chain'
3 polymer 'Long neurotoxin 1'
4 non-polymer '4-(2-HYDROXYETHYL)-1-PIPERAZINE ETHANESULFONIC ACID'
5 non-polymer 1-(2-METHOXY-ETHOXY)-2-{2-[2-(2-METHOXY-ETHOXY]-ETHOXY}-ETHANE
6 non-polymer 'TETRAETHYLENE GLYCOL'
7 non-polymer GLYCEROL
8 water water
#
loop_
_entity_poly.entity_id
_entity_poly.type
_entity_poly.pdbx_seq_one_letter_code
_entity_poly.pdbx_strand_id
1 'polypeptide(L)'
;EIVLTQSPSSLSASVGDRVTITCQASQDISNYLNWYQQKPGKAPKLLIYAASSLESGVPSRFSGSGSGTDFTLTISSQQP
EDFATYYCQQANSFPYTFGQGTKVEIKRTVAAPSVFIFPPSDEQLKSGTASVVCLLNNFYPREAKVQWKVDNALQSGNSQ
ESVTEQDSKDSTYSLSSTLTLSKADYEKHKVYACEVTHQGLSSPVTKSFNRGEC
;
A,C,E,G
2 'polypeptide(L)'
;EVQLVESGGGFVQPGGSLRLSCAASGFTFSNFDMHWVRQSPGKGLEWVSGLDHSGGAHYAGSVKGRFTISREDAKNSLDL
QMNNLRVDDTAVYFCVRGTLYHYTSGSYYSDAFDIWGQGTLVTVSSASVKGPSVFPLAPSSKSTSGGTAALGCLVKDYFP
EPVTVSWNSGALTSGVHTFPAVLQSSGLYSLSSVVTVPSSSLGTQTYICNVNHKPSNTKVDKKVEPKSCDKTHTGLE
;
B,D,F,H
3 'polypeptide(L)' RRCFTTPSVRSERCPPGQEVCYTKTWTDGHGGSRGKRVDLGCAATCPTPKKKDIKIICCSTDNCNTFPKWP I,J,K,L
#
# COMPACT_ATOMS: atom_id res chain seq x y z
N GLU A 1 -30.64 -10.78 -18.20
CA GLU A 1 -31.85 -10.81 -17.40
C GLU A 1 -32.34 -9.39 -17.14
N ILE A 2 -33.58 -9.10 -17.53
CA ILE A 2 -34.16 -7.78 -17.27
C ILE A 2 -34.49 -7.66 -15.80
N VAL A 3 -34.05 -6.57 -15.18
CA VAL A 3 -34.28 -6.32 -13.76
C VAL A 3 -35.40 -5.30 -13.62
N LEU A 4 -36.38 -5.62 -12.78
CA LEU A 4 -37.51 -4.73 -12.50
C LEU A 4 -37.35 -4.20 -11.08
N THR A 5 -37.41 -2.88 -10.94
CA THR A 5 -37.24 -2.20 -9.66
C THR A 5 -38.58 -1.58 -9.28
N GLN A 6 -39.26 -2.20 -8.32
CA GLN A 6 -40.50 -1.66 -7.78
C GLN A 6 -40.19 -0.73 -6.61
N SER A 7 -40.90 0.39 -6.56
CA SER A 7 -40.75 1.33 -5.47
C SER A 7 -42.15 1.83 -5.11
N PRO A 8 -42.48 1.90 -3.82
CA PRO A 8 -41.65 1.47 -2.68
C PRO A 8 -41.83 -0.02 -2.39
N SER A 9 -40.92 -0.64 -1.62
CA SER A 9 -41.13 -2.02 -1.21
C SER A 9 -42.33 -2.14 -0.28
N SER A 10 -42.71 -1.08 0.41
CA SER A 10 -43.85 -1.08 1.32
C SER A 10 -44.39 0.34 1.41
N LEU A 11 -45.67 0.44 1.70
CA LEU A 11 -46.30 1.75 1.88
C LEU A 11 -47.59 1.58 2.66
N SER A 12 -47.89 2.58 3.48
CA SER A 12 -49.13 2.61 4.25
C SER A 12 -50.13 3.52 3.56
N ALA A 13 -51.40 3.13 3.60
CA ALA A 13 -52.45 3.90 2.97
C ALA A 13 -53.73 3.75 3.77
N SER A 14 -54.54 4.80 3.73
CA SER A 14 -55.88 4.77 4.31
C SER A 14 -56.91 4.54 3.22
N VAL A 15 -58.09 4.09 3.64
CA VAL A 15 -59.19 3.89 2.69
C VAL A 15 -59.52 5.21 2.04
N GLY A 16 -59.62 5.21 0.70
CA GLY A 16 -59.88 6.40 -0.07
C GLY A 16 -58.65 7.11 -0.59
N ASP A 17 -57.47 6.80 -0.03
CA ASP A 17 -56.24 7.43 -0.50
C ASP A 17 -55.93 7.01 -1.93
N ARG A 18 -55.07 7.80 -2.57
CA ARG A 18 -54.60 7.53 -3.91
C ARG A 18 -53.25 6.85 -3.82
N VAL A 19 -53.17 5.61 -4.28
CA VAL A 19 -51.96 4.79 -4.16
C VAL A 19 -51.24 4.80 -5.51
N THR A 20 -49.92 4.99 -5.46
CA THR A 20 -49.09 5.02 -6.66
C THR A 20 -47.90 4.09 -6.45
N ILE A 21 -47.77 3.11 -7.35
CA ILE A 21 -46.66 2.16 -7.33
C ILE A 21 -45.93 2.27 -8.66
N THR A 22 -44.60 2.33 -8.61
CA THR A 22 -43.81 2.46 -9.82
C THR A 22 -42.99 1.20 -10.04
N CYS A 23 -42.59 0.99 -11.30
CA CYS A 23 -41.80 -0.15 -11.69
C CYS A 23 -40.87 0.31 -12.81
N GLN A 24 -39.57 0.10 -12.64
CA GLN A 24 -38.58 0.56 -13.61
C GLN A 24 -37.82 -0.63 -14.16
N ALA A 25 -37.78 -0.74 -15.49
CA ALA A 25 -37.06 -1.82 -16.16
C ALA A 25 -35.65 -1.38 -16.52
N SER A 26 -34.71 -2.32 -16.41
CA SER A 26 -33.31 -2.03 -16.72
C SER A 26 -33.05 -1.83 -18.21
N GLN A 27 -34.06 -2.04 -19.06
CA GLN A 27 -33.95 -1.73 -20.48
C GLN A 27 -35.36 -1.60 -21.05
N ASP A 28 -35.43 -1.15 -22.30
CA ASP A 28 -36.72 -0.90 -22.95
C ASP A 28 -37.48 -2.22 -23.12
N ILE A 29 -38.77 -2.21 -22.77
CA ILE A 29 -39.61 -3.38 -22.90
C ILE A 29 -40.94 -3.02 -23.56
N SER A 30 -40.99 -1.83 -24.17
CA SER A 30 -42.19 -1.33 -24.86
C SER A 30 -43.32 -1.30 -23.84
N ASN A 31 -44.49 -1.86 -24.14
CA ASN A 31 -45.59 -1.93 -23.17
C ASN A 31 -45.82 -3.35 -22.67
N TYR A 32 -44.81 -4.23 -22.83
CA TYR A 32 -44.93 -5.63 -22.39
C TYR A 32 -44.65 -5.74 -20.88
N LEU A 33 -45.52 -5.11 -20.09
CA LEU A 33 -45.41 -5.13 -18.65
C LEU A 33 -46.78 -5.36 -18.03
N ASN A 34 -46.84 -6.23 -17.02
CA ASN A 34 -48.08 -6.65 -16.40
C ASN A 34 -48.02 -6.37 -14.89
N TRP A 35 -49.20 -6.35 -14.27
CA TRP A 35 -49.33 -6.11 -12.84
C TRP A 35 -50.17 -7.22 -12.21
N TYR A 36 -49.73 -7.70 -11.05
CA TYR A 36 -50.42 -8.76 -10.33
C TYR A 36 -50.72 -8.30 -8.91
N GLN A 37 -51.74 -8.91 -8.33
CA GLN A 37 -52.12 -8.70 -6.94
C GLN A 37 -52.08 -10.04 -6.21
N GLN A 38 -51.50 -10.06 -5.02
CA GLN A 38 -51.41 -11.28 -4.24
C GLN A 38 -51.72 -10.98 -2.79
N LYS A 39 -52.64 -11.77 -2.22
CA LYS A 39 -53.03 -11.85 -0.82
C LYS A 39 -52.23 -12.94 -0.11
N PRO A 40 -52.01 -12.83 1.20
CA PRO A 40 -51.22 -13.86 1.89
C PRO A 40 -51.90 -15.22 1.85
N GLY A 41 -51.09 -16.26 1.64
CA GLY A 41 -51.58 -17.62 1.51
C GLY A 41 -52.21 -17.93 0.17
N LYS A 42 -52.26 -16.98 -0.76
CA LYS A 42 -52.94 -17.13 -2.03
C LYS A 42 -51.94 -16.94 -3.18
N ALA A 43 -52.39 -17.32 -4.40
CA ALA A 43 -51.62 -17.16 -5.62
C ALA A 43 -51.86 -15.76 -6.20
N PRO A 44 -50.90 -15.24 -6.96
CA PRO A 44 -51.08 -13.91 -7.56
C PRO A 44 -52.27 -13.89 -8.53
N LYS A 45 -52.88 -12.72 -8.65
CA LYS A 45 -53.99 -12.49 -9.57
C LYS A 45 -53.57 -11.46 -10.61
N LEU A 46 -53.72 -11.81 -11.88
CA LEU A 46 -53.45 -10.87 -12.95
C LEU A 46 -54.46 -9.72 -12.89
N LEU A 47 -53.96 -8.49 -12.93
CA LEU A 47 -54.78 -7.29 -12.87
C LEU A 47 -54.72 -6.47 -14.15
N ILE A 48 -53.53 -6.27 -14.70
CA ILE A 48 -53.33 -5.40 -15.86
C ILE A 48 -52.27 -6.05 -16.75
N TYR A 49 -52.55 -6.13 -18.04
CA TYR A 49 -51.56 -6.55 -19.02
C TYR A 49 -51.38 -5.45 -20.04
N ALA A 50 -50.28 -5.53 -20.81
CA ALA A 50 -49.94 -4.52 -21.80
C ALA A 50 -49.90 -3.12 -21.18
N ALA A 51 -49.37 -3.06 -19.95
CA ALA A 51 -49.14 -1.83 -19.20
C ALA A 51 -50.43 -1.14 -18.73
N SER A 52 -51.47 -1.14 -19.55
CA SER A 52 -52.66 -0.34 -19.27
C SER A 52 -53.99 -1.08 -19.44
N SER A 53 -54.00 -2.29 -19.99
CA SER A 53 -55.25 -2.99 -20.26
C SER A 53 -55.66 -3.83 -19.04
N LEU A 54 -56.89 -3.60 -18.57
CA LEU A 54 -57.40 -4.33 -17.42
C LEU A 54 -57.96 -5.69 -17.83
N GLU A 55 -57.82 -6.65 -16.93
CA GLU A 55 -58.49 -7.94 -17.07
C GLU A 55 -59.96 -7.82 -16.68
N SER A 56 -60.77 -8.76 -17.15
CA SER A 56 -62.20 -8.72 -16.89
C SER A 56 -62.46 -8.95 -15.41
N GLY A 57 -63.34 -8.12 -14.84
CA GLY A 57 -63.65 -8.19 -13.43
C GLY A 57 -62.80 -7.31 -12.54
N VAL A 58 -61.77 -6.67 -13.08
CA VAL A 58 -60.92 -5.79 -12.28
C VAL A 58 -61.60 -4.42 -12.16
N PRO A 59 -61.78 -3.90 -10.94
CA PRO A 59 -62.47 -2.62 -10.78
C PRO A 59 -61.77 -1.49 -11.51
N SER A 60 -62.55 -0.44 -11.80
CA SER A 60 -62.06 0.67 -12.62
C SER A 60 -61.08 1.55 -11.87
N ARG A 61 -61.03 1.46 -10.54
CA ARG A 61 -60.09 2.27 -9.77
C ARG A 61 -58.64 1.87 -10.03
N PHE A 62 -58.40 0.67 -10.52
CA PHE A 62 -57.07 0.26 -10.93
C PHE A 62 -56.77 0.78 -12.33
N SER A 63 -55.54 1.26 -12.53
CA SER A 63 -55.14 1.76 -13.83
C SER A 63 -53.62 1.66 -13.95
N GLY A 64 -53.15 1.61 -15.19
CA GLY A 64 -51.73 1.48 -15.44
C GLY A 64 -51.29 2.43 -16.53
N SER A 65 -50.00 2.76 -16.51
CA SER A 65 -49.44 3.71 -17.45
C SER A 65 -47.98 3.38 -17.71
N GLY A 66 -47.49 3.81 -18.87
CA GLY A 66 -46.07 3.72 -19.16
C GLY A 66 -45.71 2.89 -20.37
N SER A 67 -44.55 3.19 -20.95
CA SER A 67 -43.99 2.40 -22.04
C SER A 67 -42.51 2.70 -22.11
N GLY A 68 -41.72 1.65 -22.34
CA GLY A 68 -40.27 1.81 -22.35
C GLY A 68 -39.62 1.26 -21.11
N THR A 69 -39.45 2.12 -20.09
CA THR A 69 -38.78 1.73 -18.86
C THR A 69 -39.50 2.15 -17.58
N ASP A 70 -40.40 3.12 -17.63
CA ASP A 70 -41.02 3.68 -16.44
C ASP A 70 -42.52 3.41 -16.47
N PHE A 71 -43.01 2.70 -15.46
CA PHE A 71 -44.39 2.22 -15.42
C PHE A 71 -45.00 2.53 -14.08
N THR A 72 -46.33 2.68 -14.07
CA THR A 72 -47.03 3.08 -12.86
C THR A 72 -48.33 2.30 -12.73
N LEU A 73 -48.60 1.84 -11.51
CA LEU A 73 -49.90 1.29 -11.13
C LEU A 73 -50.55 2.25 -10.16
N THR A 74 -51.81 2.61 -10.44
CA THR A 74 -52.52 3.59 -9.64
C THR A 74 -53.84 2.99 -9.16
N ILE A 75 -54.11 3.12 -7.86
CA ILE A 75 -55.40 2.82 -7.28
C ILE A 75 -56.04 4.17 -6.95
N SER A 76 -57.07 4.55 -7.72
CA SER A 76 -57.64 5.89 -7.59
C SER A 76 -58.21 6.13 -6.21
N SER A 77 -58.71 5.09 -5.55
CA SER A 77 -59.27 5.21 -4.20
C SER A 77 -59.10 3.88 -3.50
N GLN A 78 -58.18 3.83 -2.54
CA GLN A 78 -57.87 2.58 -1.84
C GLN A 78 -59.11 2.05 -1.12
N GLN A 79 -59.41 0.78 -1.37
CA GLN A 79 -60.53 0.09 -0.75
C GLN A 79 -60.04 -0.99 0.20
N PRO A 80 -60.88 -1.47 1.12
CA PRO A 80 -60.41 -2.45 2.10
C PRO A 80 -59.83 -3.71 1.47
N GLU A 81 -60.37 -4.16 0.34
CA GLU A 81 -59.92 -5.38 -0.30
C GLU A 81 -58.65 -5.20 -1.13
N ASP A 82 -58.07 -4.00 -1.14
CA ASP A 82 -56.88 -3.72 -1.94
C ASP A 82 -55.58 -3.80 -1.14
N PHE A 83 -55.65 -4.09 0.15
CA PHE A 83 -54.44 -4.22 0.97
C PHE A 83 -53.80 -5.57 0.66
N ALA A 84 -52.75 -5.55 -0.14
CA ALA A 84 -52.10 -6.77 -0.62
C ALA A 84 -50.70 -6.40 -1.11
N THR A 85 -50.06 -7.34 -1.79
CA THR A 85 -48.76 -7.12 -2.40
C THR A 85 -48.90 -7.12 -3.91
N TYR A 86 -48.28 -6.13 -4.56
CA TYR A 86 -48.44 -5.91 -5.99
C TYR A 86 -47.09 -6.11 -6.69
N TYR A 87 -47.11 -6.87 -7.77
CA TYR A 87 -45.90 -7.21 -8.53
C TYR A 87 -46.04 -6.75 -9.97
N CYS A 88 -44.96 -6.22 -10.53
CA CYS A 88 -44.87 -6.02 -11.96
C CYS A 88 -44.06 -7.16 -12.59
N GLN A 89 -44.33 -7.41 -13.87
CA GLN A 89 -43.73 -8.54 -14.57
C GLN A 89 -43.58 -8.20 -16.04
N GLN A 90 -42.38 -8.36 -16.58
CA GLN A 90 -42.13 -8.07 -17.98
C GLN A 90 -42.28 -9.33 -18.83
N ALA A 91 -42.83 -9.15 -20.03
CA ALA A 91 -43.00 -10.23 -20.99
C ALA A 91 -42.29 -9.92 -22.30
N ASN A 92 -41.20 -9.16 -22.22
CA ASN A 92 -40.50 -8.71 -23.41
C ASN A 92 -39.52 -9.76 -23.92
N SER A 93 -38.79 -10.43 -23.03
CA SER A 93 -37.79 -11.39 -23.45
C SER A 93 -37.56 -12.40 -22.34
N PHE A 94 -36.94 -13.52 -22.70
CA PHE A 94 -36.63 -14.56 -21.74
C PHE A 94 -35.43 -14.14 -20.88
N PRO A 95 -35.44 -14.48 -19.59
CA PRO A 95 -36.50 -15.16 -18.84
C PRO A 95 -37.55 -14.17 -18.37
N TYR A 96 -38.79 -14.60 -18.15
CA TYR A 96 -39.78 -13.74 -17.51
C TYR A 96 -39.31 -13.38 -16.10
N THR A 97 -39.38 -12.10 -15.76
CA THR A 97 -38.88 -11.62 -14.48
C THR A 97 -39.91 -10.72 -13.81
N PHE A 98 -39.90 -10.75 -12.48
CA PHE A 98 -40.85 -10.03 -11.65
C PHE A 98 -40.13 -8.98 -10.82
N GLY A 99 -40.86 -7.94 -10.43
CA GLY A 99 -40.37 -7.03 -9.43
C GLY A 99 -40.42 -7.64 -8.05
N GLN A 100 -39.78 -6.96 -7.10
CA GLN A 100 -39.72 -7.46 -5.73
C GLN A 100 -41.03 -7.27 -4.97
N GLY A 101 -41.98 -6.52 -5.51
CA GLY A 101 -43.28 -6.39 -4.89
C GLY A 101 -43.42 -5.12 -4.07
N THR A 102 -44.66 -4.65 -3.94
CA THR A 102 -45.00 -3.50 -3.11
C THR A 102 -46.15 -3.91 -2.18
N LYS A 103 -45.86 -3.97 -0.89
CA LYS A 103 -46.85 -4.42 0.10
C LYS A 103 -47.59 -3.20 0.63
N VAL A 104 -48.87 -3.10 0.27
CA VAL A 104 -49.72 -2.00 0.73
C VAL A 104 -50.32 -2.40 2.07
N GLU A 105 -50.07 -1.60 3.10
CA GLU A 105 -50.49 -1.89 4.46
C GLU A 105 -51.43 -0.81 4.97
N ILE A 106 -52.12 -1.13 6.06
CA ILE A 106 -53.15 -0.26 6.62
C ILE A 106 -52.50 0.80 7.49
N LYS A 107 -52.72 2.07 7.15
CA LYS A 107 -52.19 3.17 7.96
C LYS A 107 -53.08 3.40 9.18
N ARG A 108 -52.44 3.70 10.31
CA ARG A 108 -53.14 4.03 11.54
C ARG A 108 -52.26 4.97 12.36
N THR A 109 -52.75 5.32 13.55
CA THR A 109 -51.97 6.20 14.42
C THR A 109 -50.85 5.43 15.09
N VAL A 110 -49.82 6.16 15.52
CA VAL A 110 -48.65 5.55 16.15
C VAL A 110 -49.04 5.01 17.51
N ALA A 111 -48.60 3.78 17.80
CA ALA A 111 -48.80 3.16 19.11
C ALA A 111 -47.47 2.59 19.58
N ALA A 112 -47.08 2.94 20.80
CA ALA A 112 -45.81 2.46 21.34
C ALA A 112 -45.90 0.99 21.69
N PRO A 113 -44.80 0.25 21.56
CA PRO A 113 -44.81 -1.16 21.95
C PRO A 113 -44.80 -1.34 23.45
N SER A 114 -45.39 -2.44 23.89
CA SER A 114 -45.29 -2.92 25.25
C SER A 114 -44.21 -4.00 25.30
N VAL A 115 -43.19 -3.79 26.13
CA VAL A 115 -41.97 -4.57 26.08
C VAL A 115 -41.91 -5.53 27.26
N PHE A 116 -41.49 -6.76 27.00
CA PHE A 116 -41.28 -7.77 28.03
C PHE A 116 -40.00 -8.54 27.71
N ILE A 117 -39.32 -8.99 28.76
CA ILE A 117 -38.13 -9.82 28.63
C ILE A 117 -38.36 -11.12 29.39
N PHE A 118 -37.86 -12.22 28.86
CA PHE A 118 -38.04 -13.54 29.45
C PHE A 118 -36.68 -14.21 29.62
N PRO A 119 -36.32 -14.64 30.82
CA PRO A 119 -35.08 -15.39 31.00
C PRO A 119 -35.26 -16.83 30.53
N PRO A 120 -34.18 -17.52 30.20
CA PRO A 120 -34.31 -18.94 29.81
C PRO A 120 -34.73 -19.78 31.00
N SER A 121 -35.47 -20.84 30.71
CA SER A 121 -35.93 -21.76 31.74
C SER A 121 -34.79 -22.68 32.16
N ASP A 122 -34.88 -23.18 33.40
CA ASP A 122 -33.90 -24.15 33.88
C ASP A 122 -33.97 -25.45 33.10
N GLU A 123 -35.11 -25.75 32.47
CA GLU A 123 -35.21 -26.93 31.62
C GLU A 123 -34.28 -26.82 30.41
N GLN A 124 -34.35 -25.70 29.69
CA GLN A 124 -33.49 -25.50 28.54
C GLN A 124 -32.01 -25.44 28.93
N LEU A 125 -31.71 -24.89 30.11
CA LEU A 125 -30.33 -24.84 30.58
C LEU A 125 -29.74 -26.23 30.78
N LYS A 126 -30.58 -27.25 30.97
CA LYS A 126 -30.08 -28.62 31.01
C LYS A 126 -29.56 -29.09 29.65
N SER A 127 -29.96 -28.43 28.57
CA SER A 127 -29.58 -28.83 27.22
C SER A 127 -28.28 -28.22 26.75
N GLY A 128 -27.68 -27.31 27.51
CA GLY A 128 -26.48 -26.62 27.09
C GLY A 128 -26.71 -25.40 26.25
N THR A 129 -27.95 -24.94 26.11
CA THR A 129 -28.30 -23.77 25.32
C THR A 129 -29.24 -22.89 26.12
N ALA A 130 -29.09 -21.58 25.95
CA ALA A 130 -29.94 -20.60 26.64
C ALA A 130 -30.54 -19.66 25.60
N SER A 131 -31.85 -19.48 25.67
CA SER A 131 -32.56 -18.54 24.81
C SER A 131 -33.16 -17.43 25.66
N VAL A 132 -32.96 -16.19 25.23
CA VAL A 132 -33.52 -15.02 25.90
C VAL A 132 -34.43 -14.31 24.90
N VAL A 133 -35.66 -14.04 25.32
CA VAL A 133 -36.69 -13.49 24.43
C VAL A 133 -37.06 -12.10 24.89
N CYS A 134 -37.17 -11.18 23.94
CA CYS A 134 -37.67 -9.83 24.17
C CYS A 134 -38.91 -9.63 23.31
N LEU A 135 -40.03 -9.32 23.95
CA LEU A 135 -41.34 -9.22 23.30
C LEU A 135 -41.73 -7.76 23.13
N LEU A 136 -42.08 -7.39 21.90
CA LEU A 136 -42.63 -6.07 21.59
C LEU A 136 -44.07 -6.27 21.13
N ASN A 137 -45.02 -5.81 21.95
CA ASN A 137 -46.42 -6.17 21.79
C ASN A 137 -47.23 -4.98 21.28
N ASN A 138 -47.91 -5.17 20.15
CA ASN A 138 -48.94 -4.27 19.66
C ASN A 138 -48.45 -2.84 19.44
N PHE A 139 -47.70 -2.62 18.37
CA PHE A 139 -47.15 -1.30 18.08
C PHE A 139 -47.34 -0.98 16.61
N TYR A 140 -47.13 0.31 16.28
CA TYR A 140 -47.22 0.79 14.91
C TYR A 140 -46.43 2.08 14.83
N PRO A 141 -45.66 2.31 13.75
CA PRO A 141 -45.46 1.43 12.59
C PRO A 141 -44.49 0.28 12.87
N ARG A 142 -44.11 -0.48 11.84
CA ARG A 142 -43.32 -1.70 12.06
C ARG A 142 -41.90 -1.39 12.51
N GLU A 143 -41.34 -0.27 12.04
CA GLU A 143 -39.92 0.02 12.28
C GLU A 143 -39.63 0.16 13.77
N ALA A 144 -38.74 -0.70 14.27
CA ALA A 144 -38.35 -0.68 15.67
C ALA A 144 -36.91 -1.14 15.79
N LYS A 145 -36.23 -0.64 16.82
CA LYS A 145 -34.83 -0.95 17.07
C LYS A 145 -34.71 -1.69 18.40
N VAL A 146 -34.21 -2.92 18.35
CA VAL A 146 -34.05 -3.77 19.53
C VAL A 146 -32.56 -4.05 19.69
N GLN A 147 -32.02 -3.68 20.85
CA GLN A 147 -30.60 -3.88 21.15
C GLN A 147 -30.46 -4.75 22.39
N TRP A 148 -29.64 -5.79 22.29
CA TRP A 148 -29.34 -6.69 23.40
C TRP A 148 -28.06 -6.27 24.10
N LYS A 149 -28.07 -6.33 25.42
CA LYS A 149 -26.91 -5.98 26.24
C LYS A 149 -26.73 -7.03 27.32
N VAL A 150 -25.51 -7.57 27.42
CA VAL A 150 -25.15 -8.60 28.39
C VAL A 150 -24.00 -8.06 29.21
N ASP A 151 -24.28 -7.73 30.47
CA ASP A 151 -23.31 -7.01 31.32
C ASP A 151 -22.79 -5.77 30.60
N ASN A 152 -23.71 -5.06 29.95
CA ASN A 152 -23.49 -3.85 29.14
C ASN A 152 -22.78 -4.10 27.83
N ALA A 153 -22.43 -5.36 27.51
CA ALA A 153 -21.80 -5.66 26.23
C ALA A 153 -22.87 -5.77 25.15
N LEU A 154 -22.69 -5.00 24.07
CA LEU A 154 -23.61 -5.04 22.95
C LEU A 154 -23.46 -6.35 22.19
N GLN A 155 -24.58 -7.04 21.99
CA GLN A 155 -24.61 -8.30 21.25
C GLN A 155 -24.89 -8.05 19.78
N SER A 156 -24.24 -8.82 18.92
CA SER A 156 -24.47 -8.70 17.48
C SER A 156 -24.21 -10.05 16.82
N GLY A 157 -25.14 -10.46 15.95
CA GLY A 157 -24.99 -11.68 15.18
C GLY A 157 -25.51 -12.93 15.85
N ASN A 158 -26.05 -12.84 17.06
CA ASN A 158 -26.50 -13.99 17.81
C ASN A 158 -27.97 -13.86 18.22
N SER A 159 -28.74 -13.10 17.46
CA SER A 159 -30.16 -12.91 17.75
C SER A 159 -30.95 -12.81 16.46
N GLN A 160 -32.19 -13.31 16.51
CA GLN A 160 -33.11 -13.25 15.40
C GLN A 160 -34.43 -12.64 15.87
N GLU A 161 -35.10 -11.95 14.96
CA GLU A 161 -36.40 -11.35 15.30
C GLU A 161 -37.45 -11.76 14.29
N SER A 162 -38.66 -12.01 14.80
CA SER A 162 -39.81 -12.42 14.00
C SER A 162 -40.95 -11.46 14.25
N VAL A 163 -41.74 -11.20 13.20
CA VAL A 163 -42.79 -10.19 13.21
C VAL A 163 -44.10 -10.81 12.77
N THR A 164 -45.18 -10.52 13.51
CA THR A 164 -46.50 -10.97 13.08
C THR A 164 -47.02 -10.08 11.95
N GLU A 165 -48.11 -10.54 11.35
CA GLU A 165 -48.81 -9.73 10.36
C GLU A 165 -49.64 -8.67 11.06
N GLN A 166 -50.03 -7.66 10.29
CA GLN A 166 -50.87 -6.59 10.82
C GLN A 166 -52.16 -7.17 11.38
N ASP A 167 -52.42 -6.88 12.66
CA ASP A 167 -53.56 -7.47 13.35
C ASP A 167 -54.87 -7.07 12.68
N SER A 168 -55.78 -8.02 12.55
CA SER A 168 -57.04 -7.76 11.86
C SER A 168 -57.86 -6.70 12.56
N LYS A 169 -57.62 -6.48 13.84
CA LYS A 169 -58.47 -5.59 14.65
C LYS A 169 -57.88 -4.19 14.73
N ASP A 170 -56.78 -4.05 15.47
CA ASP A 170 -56.15 -2.75 15.70
C ASP A 170 -55.06 -2.41 14.69
N SER A 171 -54.73 -3.32 13.78
CA SER A 171 -53.75 -3.10 12.72
C SER A 171 -52.34 -2.85 13.29
N THR A 172 -52.05 -3.42 14.46
CA THR A 172 -50.74 -3.28 15.07
C THR A 172 -49.86 -4.48 14.73
N TYR A 173 -48.56 -4.31 14.97
CA TYR A 173 -47.58 -5.37 14.80
C TYR A 173 -47.10 -5.85 16.16
N SER A 174 -46.56 -7.06 16.17
CA SER A 174 -45.90 -7.62 17.34
C SER A 174 -44.59 -8.24 16.88
N LEU A 175 -43.57 -8.15 17.72
CA LEU A 175 -42.23 -8.60 17.36
C LEU A 175 -41.60 -9.34 18.54
N SER A 176 -40.85 -10.39 18.22
CA SER A 176 -40.08 -11.12 19.21
C SER A 176 -38.63 -11.16 18.77
N SER A 177 -37.72 -10.81 19.68
CA SER A 177 -36.29 -10.91 19.43
C SER A 177 -35.72 -11.96 20.37
N THR A 178 -35.00 -12.93 19.81
CA THR A 178 -34.54 -14.09 20.56
C THR A 178 -33.01 -14.13 20.55
N LEU A 179 -32.42 -13.98 21.74
CA LEU A 179 -30.97 -14.05 21.90
C LEU A 179 -30.58 -15.48 22.24
N THR A 180 -29.68 -16.06 21.45
CA THR A 180 -29.24 -17.44 21.63
C THR A 180 -27.81 -17.43 22.17
N LEU A 181 -27.61 -18.09 23.31
CA LEU A 181 -26.31 -18.19 23.95
C LEU A 181 -26.08 -19.63 24.40
N SER A 182 -24.82 -19.99 24.55
CA SER A 182 -24.49 -21.27 25.16
C SER A 182 -24.74 -21.20 26.67
N LYS A 183 -24.87 -22.36 27.29
CA LYS A 183 -25.05 -22.39 28.74
C LYS A 183 -23.85 -21.80 29.46
N ALA A 184 -22.64 -22.00 28.92
CA ALA A 184 -21.45 -21.47 29.56
C ALA A 184 -21.40 -19.95 29.49
N ASP A 185 -21.74 -19.37 28.32
CA ASP A 185 -21.76 -17.92 28.21
C ASP A 185 -22.85 -17.32 29.07
N TYR A 186 -23.98 -18.01 29.20
CA TYR A 186 -25.10 -17.47 29.96
C TYR A 186 -24.77 -17.35 31.44
N GLU A 187 -24.20 -18.41 32.01
CA GLU A 187 -23.91 -18.42 33.45
C GLU A 187 -22.64 -17.64 33.81
N LYS A 188 -21.87 -17.18 32.83
CA LYS A 188 -20.74 -16.31 33.10
C LYS A 188 -21.15 -14.88 33.41
N HIS A 189 -22.32 -14.45 32.94
CA HIS A 189 -22.76 -13.07 33.09
C HIS A 189 -24.06 -13.01 33.89
N LYS A 190 -24.40 -11.81 34.36
CA LYS A 190 -25.49 -11.65 35.31
C LYS A 190 -26.66 -10.82 34.77
N VAL A 191 -26.39 -9.67 34.17
CA VAL A 191 -27.44 -8.73 33.76
C VAL A 191 -27.70 -8.90 32.28
N TYR A 192 -28.97 -9.12 31.93
CA TYR A 192 -29.41 -9.26 30.55
C TYR A 192 -30.49 -8.22 30.28
N ALA A 193 -30.27 -7.38 29.28
CA ALA A 193 -31.12 -6.22 29.05
C ALA A 193 -31.53 -6.15 27.58
N CYS A 194 -32.76 -5.68 27.37
CA CYS A 194 -33.31 -5.43 26.05
C CYS A 194 -33.76 -3.98 25.99
N GLU A 195 -33.14 -3.19 25.12
CA GLU A 195 -33.48 -1.78 24.95
C GLU A 195 -34.20 -1.60 23.62
N VAL A 196 -35.37 -0.96 23.67
CA VAL A 196 -36.26 -0.83 22.52
C VAL A 196 -36.40 0.65 22.18
N THR A 197 -36.16 0.98 20.91
CA THR A 197 -36.33 2.33 20.40
C THR A 197 -37.47 2.33 19.39
N HIS A 198 -38.51 3.12 19.66
CA HIS A 198 -39.67 3.17 18.77
C HIS A 198 -40.23 4.59 18.74
N GLN A 199 -40.82 4.93 17.59
CA GLN A 199 -41.36 6.27 17.36
C GLN A 199 -42.45 6.63 18.37
N GLY A 200 -43.18 5.64 18.88
CA GLY A 200 -44.25 5.92 19.81
C GLY A 200 -43.83 6.13 21.25
N LEU A 201 -42.56 5.93 21.57
CA LEU A 201 -42.05 6.09 22.93
C LEU A 201 -41.42 7.46 23.11
N SER A 202 -41.59 8.03 24.30
CA SER A 202 -40.93 9.29 24.63
C SER A 202 -39.42 9.14 24.58
N SER A 203 -38.91 8.11 25.23
CA SER A 203 -37.49 7.76 25.22
C SER A 203 -37.39 6.25 25.12
N PRO A 204 -36.24 5.72 24.68
CA PRO A 204 -36.09 4.26 24.59
C PRO A 204 -36.41 3.58 25.92
N VAL A 205 -36.91 2.35 25.82
CA VAL A 205 -37.36 1.59 26.98
C VAL A 205 -36.47 0.37 27.12
N THR A 206 -35.99 0.13 28.34
CA THR A 206 -35.15 -1.01 28.67
C THR A 206 -35.88 -1.94 29.61
N LYS A 207 -35.78 -3.24 29.34
CA LYS A 207 -36.23 -4.28 30.25
C LYS A 207 -35.06 -5.22 30.52
N SER A 208 -34.92 -5.66 31.77
CA SER A 208 -33.76 -6.44 32.16
C SER A 208 -34.10 -7.36 33.30
N PHE A 209 -33.22 -8.34 33.53
CA PHE A 209 -33.31 -9.20 34.69
C PHE A 209 -31.90 -9.55 35.15
N ASN A 210 -31.80 -10.06 36.37
CA ASN A 210 -30.54 -10.58 36.92
C ASN A 210 -30.65 -12.10 37.01
N ARG A 211 -29.66 -12.79 36.43
CA ARG A 211 -29.65 -14.24 36.39
C ARG A 211 -29.65 -14.84 37.80
N GLY A 212 -30.77 -15.40 38.22
CA GLY A 212 -30.86 -16.08 39.50
C GLY A 212 -31.72 -15.42 40.55
N GLU A 213 -32.46 -14.37 40.22
CA GLU A 213 -33.33 -13.71 41.18
C GLU A 213 -34.79 -14.12 40.97
N GLU B 1 -65.30 -23.29 -12.77
CA GLU B 1 -64.39 -22.29 -13.31
C GLU B 1 -63.03 -22.91 -13.63
N VAL B 2 -62.30 -22.28 -14.55
CA VAL B 2 -60.99 -22.77 -14.95
C VAL B 2 -60.03 -22.73 -13.77
N GLN B 3 -59.31 -23.83 -13.55
CA GLN B 3 -58.38 -23.95 -12.44
C GLN B 3 -57.18 -24.80 -12.85
N LEU B 4 -56.11 -24.64 -12.08
CA LEU B 4 -54.92 -25.49 -12.16
C LEU B 4 -54.64 -26.05 -10.78
N VAL B 5 -54.21 -27.31 -10.72
CA VAL B 5 -53.91 -27.98 -9.46
C VAL B 5 -52.53 -28.61 -9.55
N GLU B 6 -51.70 -28.37 -8.54
CA GLU B 6 -50.37 -28.95 -8.46
C GLU B 6 -50.37 -30.18 -7.55
N SER B 7 -49.37 -31.04 -7.77
CA SER B 7 -49.20 -32.22 -6.93
C SER B 7 -47.74 -32.64 -7.00
N GLY B 8 -47.34 -33.48 -6.05
CA GLY B 8 -46.01 -34.04 -6.02
C GLY B 8 -44.99 -33.33 -5.15
N GLY B 9 -45.40 -32.31 -4.39
CA GLY B 9 -44.49 -31.63 -3.50
C GLY B 9 -44.20 -32.43 -2.23
N GLY B 10 -43.22 -31.95 -1.47
CA GLY B 10 -42.87 -32.62 -0.24
C GLY B 10 -41.49 -32.18 0.27
N PHE B 11 -40.92 -33.03 1.11
CA PHE B 11 -39.64 -32.78 1.76
C PHE B 11 -38.60 -33.75 1.22
N VAL B 12 -37.44 -33.22 0.82
CA VAL B 12 -36.40 -34.00 0.18
C VAL B 12 -35.03 -33.49 0.64
N GLN B 13 -34.03 -34.37 0.61
CA GLN B 13 -32.67 -33.99 1.00
C GLN B 13 -31.89 -33.43 -0.19
N PRO B 14 -30.83 -32.67 0.07
CA PRO B 14 -30.01 -32.15 -1.04
C PRO B 14 -29.52 -33.27 -1.95
N GLY B 15 -29.54 -33.01 -3.26
CA GLY B 15 -29.32 -34.03 -4.24
C GLY B 15 -30.52 -34.89 -4.55
N GLY B 16 -31.61 -34.74 -3.81
CA GLY B 16 -32.81 -35.51 -4.04
C GLY B 16 -33.61 -35.01 -5.22
N SER B 17 -34.80 -35.59 -5.39
CA SER B 17 -35.62 -35.31 -6.55
C SER B 17 -37.10 -35.26 -6.16
N LEU B 18 -37.88 -34.65 -7.04
CA LEU B 18 -39.31 -34.47 -6.86
C LEU B 18 -39.93 -34.29 -8.23
N ARG B 19 -41.09 -34.91 -8.47
CA ARG B 19 -41.78 -34.81 -9.75
C ARG B 19 -43.11 -34.10 -9.52
N LEU B 20 -43.15 -32.81 -9.81
CA LEU B 20 -44.40 -32.06 -9.72
C LEU B 20 -45.25 -32.31 -10.95
N SER B 21 -46.56 -32.38 -10.74
CA SER B 21 -47.52 -32.54 -11.82
C SER B 21 -48.58 -31.44 -11.71
N CYS B 22 -49.22 -31.16 -12.84
CA CYS B 22 -50.25 -30.14 -12.91
C CYS B 22 -51.41 -30.65 -13.74
N ALA B 23 -52.62 -30.52 -13.20
CA ALA B 23 -53.84 -30.95 -13.87
C ALA B 23 -54.77 -29.76 -14.04
N ALA B 24 -55.35 -29.64 -15.24
CA ALA B 24 -56.15 -28.48 -15.60
C ALA B 24 -57.64 -28.81 -15.58
N SER B 25 -58.44 -27.82 -15.21
CA SER B 25 -59.89 -27.90 -15.26
C SER B 25 -60.40 -26.94 -16.31
N GLY B 26 -61.09 -27.47 -17.32
CA GLY B 26 -61.79 -26.65 -18.28
C GLY B 26 -61.02 -26.26 -19.53
N PHE B 27 -59.80 -26.76 -19.71
CA PHE B 27 -59.05 -26.46 -20.92
C PHE B 27 -58.00 -27.55 -21.13
N THR B 28 -57.29 -27.45 -22.26
CA THR B 28 -56.34 -28.47 -22.69
C THR B 28 -54.94 -27.86 -22.79
N PHE B 29 -53.97 -28.50 -22.14
CA PHE B 29 -52.62 -27.95 -22.03
C PHE B 29 -52.01 -27.64 -23.38
N SER B 30 -52.17 -28.54 -24.36
CA SER B 30 -51.49 -28.40 -25.64
C SER B 30 -51.89 -27.14 -26.41
N ASN B 31 -52.99 -26.48 -26.03
CA ASN B 31 -53.39 -25.25 -26.70
C ASN B 31 -52.75 -24.00 -26.10
N PHE B 32 -52.05 -24.11 -24.98
CA PHE B 32 -51.52 -22.95 -24.27
C PHE B 32 -50.04 -23.14 -23.96
N ASP B 33 -49.37 -22.01 -23.74
CA ASP B 33 -48.08 -22.01 -23.07
C ASP B 33 -48.30 -22.27 -21.58
N MET B 34 -47.59 -23.24 -21.03
CA MET B 34 -47.66 -23.52 -19.61
C MET B 34 -46.34 -23.20 -18.94
N HIS B 35 -46.41 -22.73 -17.70
CA HIS B 35 -45.24 -22.25 -17.00
C HIS B 35 -45.26 -22.76 -15.57
N TRP B 36 -44.06 -22.84 -14.98
CA TRP B 36 -43.88 -23.05 -13.55
C TRP B 36 -43.21 -21.82 -12.97
N VAL B 37 -43.83 -21.22 -11.96
CA VAL B 37 -43.29 -20.06 -11.26
C VAL B 37 -43.22 -20.41 -9.78
N ARG B 38 -42.05 -20.18 -9.17
CA ARG B 38 -41.87 -20.47 -7.75
C ARG B 38 -41.75 -19.16 -6.98
N GLN B 39 -42.04 -19.26 -5.67
CA GLN B 39 -42.03 -18.08 -4.81
C GLN B 39 -41.44 -18.46 -3.46
N SER B 40 -40.47 -17.67 -3.00
CA SER B 40 -39.86 -17.84 -1.70
C SER B 40 -39.60 -16.48 -1.07
N PRO B 41 -39.77 -16.37 0.25
CA PRO B 41 -39.33 -15.15 0.94
C PRO B 41 -37.82 -15.02 0.89
N GLY B 42 -37.32 -14.21 -0.04
CA GLY B 42 -35.89 -14.07 -0.20
C GLY B 42 -35.51 -13.76 -1.64
N LYS B 43 -36.13 -14.48 -2.58
CA LYS B 43 -36.00 -14.17 -4.00
C LYS B 43 -37.30 -13.74 -4.65
N GLY B 44 -38.43 -13.86 -3.95
CA GLY B 44 -39.70 -13.42 -4.52
C GLY B 44 -40.23 -14.40 -5.58
N LEU B 45 -40.91 -13.82 -6.57
CA LEU B 45 -41.43 -14.62 -7.68
C LEU B 45 -40.36 -14.84 -8.72
N GLU B 46 -40.25 -16.07 -9.20
CA GLU B 46 -39.22 -16.44 -10.15
C GLU B 46 -39.79 -17.41 -11.17
N TRP B 47 -39.72 -17.04 -12.44
CA TRP B 47 -40.11 -17.96 -13.51
C TRP B 47 -39.06 -19.06 -13.64
N VAL B 48 -39.49 -20.31 -13.51
CA VAL B 48 -38.60 -21.47 -13.51
C VAL B 48 -38.48 -22.11 -14.88
N SER B 49 -39.60 -22.42 -15.52
CA SER B 49 -39.57 -23.06 -16.83
C SER B 49 -40.91 -22.87 -17.53
N GLY B 50 -40.90 -23.10 -18.84
CA GLY B 50 -42.10 -22.98 -19.64
C GLY B 50 -42.11 -23.99 -20.76
N LEU B 51 -43.31 -24.43 -21.14
CA LEU B 51 -43.51 -25.34 -22.25
C LEU B 51 -44.60 -24.74 -23.13
N ASP B 52 -44.20 -24.15 -24.26
CA ASP B 52 -45.14 -23.40 -25.07
C ASP B 52 -46.10 -24.33 -25.80
N HIS B 53 -47.03 -23.73 -26.54
CA HIS B 53 -48.10 -24.50 -27.18
C HIS B 53 -47.56 -25.42 -28.27
N SER B 54 -46.44 -25.05 -28.91
CA SER B 54 -45.90 -25.83 -30.01
C SER B 54 -45.00 -26.97 -29.55
N GLY B 55 -44.69 -27.05 -28.26
CA GLY B 55 -43.96 -28.18 -27.71
C GLY B 55 -42.52 -27.89 -27.30
N GLY B 56 -42.05 -26.65 -27.43
CA GLY B 56 -40.68 -26.31 -27.06
C GLY B 56 -40.57 -25.94 -25.58
N ALA B 57 -39.50 -26.42 -24.96
CA ALA B 57 -39.25 -26.18 -23.55
C ALA B 57 -38.24 -25.06 -23.35
N HIS B 58 -38.40 -24.32 -22.25
CA HIS B 58 -37.49 -23.25 -21.88
C HIS B 58 -37.26 -23.32 -20.37
N TYR B 59 -36.09 -22.86 -19.95
CA TYR B 59 -35.68 -22.98 -18.56
C TYR B 59 -34.92 -21.73 -18.11
N ALA B 60 -35.05 -21.42 -16.83
CA ALA B 60 -34.21 -20.41 -16.23
C ALA B 60 -32.80 -20.95 -16.03
N GLY B 61 -31.83 -20.03 -15.95
CA GLY B 61 -30.44 -20.44 -15.88
C GLY B 61 -30.11 -21.24 -14.64
N SER B 62 -30.63 -20.82 -13.48
CA SER B 62 -30.35 -21.51 -12.23
C SER B 62 -30.98 -22.90 -12.14
N VAL B 63 -31.53 -23.43 -13.22
CA VAL B 63 -32.38 -24.62 -13.13
C VAL B 63 -32.15 -25.51 -14.34
N LYS B 64 -31.62 -24.93 -15.41
CA LYS B 64 -31.42 -25.68 -16.65
C LYS B 64 -30.44 -26.83 -16.43
N GLY B 65 -30.77 -27.99 -16.99
CA GLY B 65 -30.00 -29.20 -16.79
C GLY B 65 -30.46 -30.05 -15.62
N ARG B 66 -31.12 -29.47 -14.63
CA ARG B 66 -31.63 -30.18 -13.47
C ARG B 66 -33.14 -30.40 -13.52
N PHE B 67 -33.88 -29.49 -14.14
CA PHE B 67 -35.33 -29.57 -14.24
C PHE B 67 -35.72 -29.96 -15.66
N THR B 68 -36.77 -30.76 -15.79
CA THR B 68 -37.31 -31.14 -17.09
C THR B 68 -38.81 -30.96 -17.05
N ILE B 69 -39.33 -30.10 -17.93
CA ILE B 69 -40.76 -29.90 -18.06
C ILE B 69 -41.25 -30.70 -19.26
N SER B 70 -42.43 -31.29 -19.13
CA SER B 70 -42.96 -32.14 -20.19
C SER B 70 -44.49 -32.12 -20.12
N ARG B 71 -45.11 -32.60 -21.19
CA ARG B 71 -46.56 -32.61 -21.36
C ARG B 71 -46.97 -33.98 -21.84
N GLU B 72 -48.01 -34.55 -21.23
CA GLU B 72 -48.61 -35.81 -21.67
C GLU B 72 -49.84 -35.44 -22.50
N ASP B 73 -49.68 -35.41 -23.81
CA ASP B 73 -50.73 -34.90 -24.70
C ASP B 73 -52.03 -35.67 -24.50
N ALA B 74 -53.12 -34.92 -24.36
CA ALA B 74 -54.48 -35.43 -24.20
C ALA B 74 -54.68 -36.20 -22.90
N LYS B 75 -53.72 -36.12 -21.97
CA LYS B 75 -53.81 -36.81 -20.70
C LYS B 75 -53.96 -35.86 -19.52
N ASN B 76 -53.98 -34.54 -19.77
CA ASN B 76 -54.17 -33.53 -18.73
C ASN B 76 -53.14 -33.68 -17.61
N SER B 77 -51.87 -33.62 -18.00
CA SER B 77 -50.78 -33.77 -17.03
C SER B 77 -49.56 -33.02 -17.54
N LEU B 78 -49.25 -31.90 -16.89
CA LEU B 78 -48.02 -31.17 -17.11
C LEU B 78 -47.08 -31.44 -15.94
N ASP B 79 -45.86 -31.90 -16.24
CA ASP B 79 -44.95 -32.37 -15.23
C ASP B 79 -43.67 -31.54 -15.22
N LEU B 80 -43.04 -31.46 -14.04
CA LEU B 80 -41.74 -30.82 -13.86
C LEU B 80 -40.87 -31.77 -13.02
N GLN B 81 -39.98 -32.50 -13.68
CA GLN B 81 -39.06 -33.40 -12.99
C GLN B 81 -37.87 -32.59 -12.50
N MET B 82 -37.76 -32.44 -11.18
CA MET B 82 -36.71 -31.63 -10.56
C MET B 82 -35.68 -32.57 -9.94
N ASN B 83 -34.48 -32.60 -10.53
CA ASN B 83 -33.42 -33.50 -10.09
C ASN B 83 -32.26 -32.71 -9.49
N ASN B 84 -31.54 -33.37 -8.58
CA ASN B 84 -30.39 -32.81 -7.88
C ASN B 84 -30.77 -31.48 -7.22
N LEU B 85 -31.75 -31.56 -6.32
CA LEU B 85 -32.30 -30.37 -5.70
C LEU B 85 -31.34 -29.78 -4.67
N ARG B 86 -31.51 -28.49 -4.43
CA ARG B 86 -30.68 -27.73 -3.49
C ARG B 86 -31.56 -27.05 -2.47
N VAL B 87 -30.95 -26.71 -1.33
CA VAL B 87 -31.64 -25.88 -0.33
C VAL B 87 -32.23 -24.65 -1.01
N ASP B 88 -31.48 -24.04 -1.92
CA ASP B 88 -31.91 -22.84 -2.63
C ASP B 88 -33.17 -23.04 -3.45
N ASP B 89 -33.60 -24.29 -3.68
CA ASP B 89 -34.83 -24.57 -4.42
C ASP B 89 -36.07 -24.61 -3.54
N THR B 90 -35.91 -24.48 -2.22
CA THR B 90 -37.06 -24.47 -1.32
C THR B 90 -37.97 -23.31 -1.64
N ALA B 91 -39.21 -23.62 -2.02
CA ALA B 91 -40.16 -22.58 -2.44
C ALA B 91 -41.55 -23.19 -2.58
N VAL B 92 -42.53 -22.32 -2.77
CA VAL B 92 -43.85 -22.72 -3.22
C VAL B 92 -43.86 -22.64 -4.74
N TYR B 93 -44.21 -23.74 -5.39
CA TYR B 93 -44.21 -23.82 -6.84
C TYR B 93 -45.63 -23.69 -7.38
N PHE B 94 -45.82 -22.76 -8.31
CA PHE B 94 -47.11 -22.51 -8.93
C PHE B 94 -47.12 -23.04 -10.35
N CYS B 95 -48.17 -23.79 -10.70
CA CYS B 95 -48.46 -24.08 -12.10
C CYS B 95 -49.22 -22.91 -12.69
N VAL B 96 -48.73 -22.40 -13.82
CA VAL B 96 -49.19 -21.13 -14.37
C VAL B 96 -49.50 -21.30 -15.86
N ARG B 97 -50.65 -20.79 -16.29
CA ARG B 97 -51.06 -20.86 -17.70
C ARG B 97 -50.66 -19.57 -18.41
N GLY B 98 -49.93 -19.71 -19.50
CA GLY B 98 -49.66 -18.56 -20.35
C GLY B 98 -50.93 -18.11 -21.06
N THR B 99 -51.12 -16.80 -21.11
CA THR B 99 -52.35 -16.25 -21.66
C THR B 99 -52.41 -16.49 -23.17
N LEU B 100 -53.64 -16.58 -23.69
CA LEU B 100 -53.88 -16.78 -25.12
C LEU B 100 -54.93 -15.77 -25.54
N TYR B 101 -54.50 -14.70 -26.21
CA TYR B 101 -55.36 -13.61 -26.62
C TYR B 101 -55.52 -13.61 -28.13
N HIS B 102 -56.75 -13.43 -28.60
CA HIS B 102 -57.06 -13.45 -30.02
C HIS B 102 -57.34 -12.05 -30.53
N TYR B 103 -56.78 -11.75 -31.69
CA TYR B 103 -56.99 -10.47 -32.38
C TYR B 103 -57.43 -10.76 -33.80
N THR B 104 -57.89 -9.71 -34.49
CA THR B 104 -58.24 -9.84 -35.90
C THR B 104 -57.03 -10.24 -36.74
N SER B 105 -55.82 -10.07 -36.21
CA SER B 105 -54.59 -10.52 -36.86
C SER B 105 -54.15 -11.90 -36.41
N GLY B 106 -54.85 -12.53 -35.47
CA GLY B 106 -54.50 -13.88 -35.08
C GLY B 106 -54.41 -14.12 -33.59
N SER B 107 -53.57 -15.08 -33.19
CA SER B 107 -53.43 -15.50 -31.80
C SER B 107 -52.08 -15.07 -31.26
N TYR B 108 -52.04 -14.70 -29.99
CA TYR B 108 -50.82 -14.28 -29.32
C TYR B 108 -50.74 -14.95 -27.96
N TYR B 109 -49.54 -15.41 -27.59
CA TYR B 109 -49.35 -16.27 -26.44
C TYR B 109 -48.43 -15.62 -25.41
N SER B 110 -48.77 -15.79 -24.14
CA SER B 110 -47.90 -15.46 -23.01
C SER B 110 -47.62 -13.96 -22.91
N ASP B 111 -48.58 -13.12 -23.28
CA ASP B 111 -48.49 -11.71 -22.91
C ASP B 111 -48.48 -11.55 -21.40
N ALA B 112 -49.13 -12.45 -20.68
CA ALA B 112 -49.24 -12.38 -19.23
C ALA B 112 -49.54 -13.79 -18.71
N PHE B 113 -49.76 -13.88 -17.40
CA PHE B 113 -50.05 -15.14 -16.73
C PHE B 113 -51.42 -15.03 -16.08
N ASP B 114 -52.44 -15.65 -16.70
CA ASP B 114 -53.82 -15.41 -16.25
C ASP B 114 -54.37 -16.47 -15.30
N ILE B 115 -53.87 -17.70 -15.33
CA ILE B 115 -54.36 -18.76 -14.46
C ILE B 115 -53.20 -19.25 -13.60
N TRP B 116 -53.43 -19.30 -12.28
CA TRP B 116 -52.41 -19.73 -11.32
C TRP B 116 -53.00 -20.80 -10.41
N GLY B 117 -52.28 -21.91 -10.27
CA GLY B 117 -52.68 -22.93 -9.32
C GLY B 117 -52.57 -22.45 -7.89
N GLN B 118 -53.04 -23.30 -6.97
CA GLN B 118 -52.99 -22.94 -5.55
C GLN B 118 -51.57 -23.02 -5.00
N GLY B 119 -50.68 -23.76 -5.64
CA GLY B 119 -49.29 -23.86 -5.24
C GLY B 119 -49.01 -25.11 -4.44
N THR B 120 -47.80 -25.66 -4.62
CA THR B 120 -47.34 -26.81 -3.85
C THR B 120 -46.00 -26.50 -3.22
N LEU B 121 -45.82 -26.96 -1.99
CA LEU B 121 -44.64 -26.62 -1.19
C LEU B 121 -43.53 -27.63 -1.44
N VAL B 122 -42.35 -27.12 -1.75
CA VAL B 122 -41.14 -27.92 -1.92
C VAL B 122 -40.10 -27.43 -0.93
N THR B 123 -39.54 -28.35 -0.16
CA THR B 123 -38.55 -28.03 0.87
C THR B 123 -37.40 -29.00 0.75
N VAL B 124 -36.19 -28.46 0.55
CA VAL B 124 -34.97 -29.26 0.48
C VAL B 124 -34.16 -28.97 1.72
N SER B 125 -33.86 -30.01 2.50
CA SER B 125 -33.16 -29.84 3.76
C SER B 125 -32.45 -31.13 4.14
N SER B 126 -31.29 -30.98 4.78
CA SER B 126 -30.56 -32.12 5.31
C SER B 126 -31.12 -32.60 6.64
N ALA B 127 -32.00 -31.84 7.27
CA ALA B 127 -32.55 -32.24 8.56
C ALA B 127 -33.55 -33.38 8.40
N SER B 128 -33.78 -34.10 9.49
CA SER B 128 -34.77 -35.15 9.56
C SER B 128 -35.89 -34.74 10.51
N VAL B 129 -37.00 -35.49 10.43
CA VAL B 129 -38.17 -35.17 11.25
C VAL B 129 -37.79 -35.24 12.73
N LYS B 130 -38.19 -34.21 13.49
CA LYS B 130 -37.80 -34.11 14.89
C LYS B 130 -38.87 -33.33 15.65
N GLY B 131 -39.29 -33.87 16.79
CA GLY B 131 -40.26 -33.23 17.64
C GLY B 131 -39.68 -32.01 18.33
N PRO B 132 -40.53 -31.06 18.70
CA PRO B 132 -40.03 -29.83 19.30
C PRO B 132 -39.84 -29.96 20.81
N SER B 133 -38.92 -29.13 21.32
CA SER B 133 -38.81 -28.89 22.74
C SER B 133 -39.63 -27.66 23.09
N VAL B 134 -40.38 -27.74 24.18
CA VAL B 134 -41.28 -26.68 24.61
C VAL B 134 -40.81 -26.16 25.96
N PHE B 135 -40.44 -24.88 26.01
CA PHE B 135 -39.97 -24.25 27.23
C PHE B 135 -40.86 -23.07 27.60
N PRO B 136 -41.10 -22.85 28.88
CA PRO B 136 -41.98 -21.74 29.29
C PRO B 136 -41.27 -20.39 29.23
N LEU B 137 -42.06 -19.37 28.89
CA LEU B 137 -41.65 -17.97 28.97
C LEU B 137 -42.37 -17.38 30.18
N ALA B 138 -41.80 -17.58 31.36
CA ALA B 138 -42.47 -17.26 32.60
C ALA B 138 -42.63 -15.75 32.75
N PRO B 139 -43.78 -15.28 33.28
CA PRO B 139 -44.04 -13.85 33.48
C PRO B 139 -43.16 -13.23 34.57
N THR B 148 -50.89 -5.35 33.13
CA THR B 148 -50.96 -6.53 32.27
C THR B 148 -49.61 -7.26 32.26
N ALA B 149 -49.65 -8.58 32.21
CA ALA B 149 -48.46 -9.41 32.16
C ALA B 149 -48.47 -10.26 30.90
N ALA B 150 -47.27 -10.67 30.49
CA ALA B 150 -47.10 -11.50 29.32
C ALA B 150 -46.42 -12.81 29.69
N LEU B 151 -46.87 -13.90 29.08
CA LEU B 151 -46.23 -15.20 29.22
C LEU B 151 -46.30 -15.90 27.87
N GLY B 152 -45.56 -17.00 27.76
CA GLY B 152 -45.54 -17.70 26.49
C GLY B 152 -44.78 -19.01 26.57
N CYS B 153 -44.65 -19.64 25.41
CA CYS B 153 -43.94 -20.90 25.25
C CYS B 153 -42.96 -20.80 24.10
N LEU B 154 -41.77 -21.34 24.28
CA LEU B 154 -40.74 -21.39 23.24
C LEU B 154 -40.74 -22.77 22.61
N VAL B 155 -41.06 -22.82 21.31
CA VAL B 155 -41.15 -24.07 20.56
C VAL B 155 -39.88 -24.15 19.70
N LYS B 156 -38.91 -24.93 20.14
CA LYS B 156 -37.56 -24.88 19.60
C LYS B 156 -37.11 -26.23 19.08
N ASP B 157 -36.33 -26.20 18.00
CA ASP B 157 -35.62 -27.38 17.47
C ASP B 157 -36.59 -28.46 16.98
N TYR B 158 -37.36 -28.12 15.96
CA TYR B 158 -38.24 -29.07 15.31
C TYR B 158 -38.09 -28.99 13.80
N PHE B 159 -38.53 -30.05 13.12
CA PHE B 159 -38.52 -30.12 11.68
C PHE B 159 -39.48 -31.21 11.23
N PRO B 160 -40.27 -30.97 10.18
CA PRO B 160 -40.39 -29.73 9.42
C PRO B 160 -41.54 -28.87 9.93
N GLU B 161 -41.83 -27.75 9.27
CA GLU B 161 -43.05 -27.02 9.57
C GLU B 161 -44.26 -27.88 9.19
N PRO B 162 -45.42 -27.62 9.79
CA PRO B 162 -45.71 -26.61 10.81
C PRO B 162 -45.95 -27.20 12.19
N VAL B 163 -46.04 -26.33 13.20
CA VAL B 163 -46.56 -26.70 14.50
C VAL B 163 -47.82 -25.87 14.75
N THR B 164 -48.70 -26.39 15.60
CA THR B 164 -49.87 -25.66 16.04
C THR B 164 -49.77 -25.46 17.55
N VAL B 165 -50.09 -24.25 18.00
CA VAL B 165 -50.06 -23.90 19.42
C VAL B 165 -51.42 -23.37 19.82
N SER B 166 -51.99 -23.95 20.88
CA SER B 166 -53.20 -23.44 21.50
C SER B 166 -52.91 -23.14 22.96
N TRP B 167 -53.80 -22.38 23.58
CA TRP B 167 -53.68 -22.01 24.98
C TRP B 167 -54.93 -22.46 25.73
N ASN B 168 -54.71 -23.21 26.81
CA ASN B 168 -55.80 -23.75 27.62
C ASN B 168 -56.78 -24.56 26.77
N SER B 169 -56.24 -25.40 25.88
CA SER B 169 -57.01 -26.30 25.03
C SER B 169 -57.95 -25.53 24.10
N GLY B 170 -57.60 -24.30 23.75
CA GLY B 170 -58.37 -23.50 22.84
C GLY B 170 -59.29 -22.47 23.49
N ALA B 171 -59.46 -22.54 24.82
CA ALA B 171 -60.34 -21.59 25.48
C ALA B 171 -59.73 -20.20 25.54
N LEU B 172 -58.39 -20.10 25.53
CA LEU B 172 -57.70 -18.83 25.58
C LEU B 172 -57.22 -18.47 24.18
N THR B 173 -57.88 -17.49 23.55
CA THR B 173 -57.51 -17.03 22.22
C THR B 173 -57.26 -15.53 22.14
N SER B 174 -57.76 -14.74 23.07
CA SER B 174 -57.61 -13.29 23.00
C SER B 174 -56.22 -12.89 23.47
N GLY B 175 -55.58 -11.99 22.72
CA GLY B 175 -54.24 -11.55 23.03
C GLY B 175 -53.14 -12.53 22.66
N VAL B 176 -53.48 -13.63 22.00
CA VAL B 176 -52.47 -14.63 21.63
C VAL B 176 -51.75 -14.16 20.38
N HIS B 177 -50.41 -14.27 20.39
CA HIS B 177 -49.57 -13.99 19.23
C HIS B 177 -48.66 -15.18 19.01
N THR B 178 -48.79 -15.84 17.87
CA THR B 178 -47.91 -16.94 17.48
C THR B 178 -47.08 -16.46 16.30
N PHE B 179 -45.79 -16.24 16.54
CA PHE B 179 -44.90 -15.68 15.53
C PHE B 179 -44.56 -16.70 14.45
N PRO B 180 -44.27 -16.24 13.24
CA PRO B 180 -43.80 -17.16 12.19
C PRO B 180 -42.50 -17.83 12.60
N ALA B 181 -42.36 -19.08 12.21
CA ALA B 181 -41.15 -19.83 12.53
C ALA B 181 -39.95 -19.24 11.83
N VAL B 182 -38.78 -19.44 12.42
CA VAL B 182 -37.51 -19.01 11.85
C VAL B 182 -36.63 -20.24 11.69
N LEU B 183 -35.96 -20.33 10.54
CA LEU B 183 -35.06 -21.45 10.25
C LEU B 183 -33.70 -21.15 10.84
N GLN B 184 -33.39 -21.82 11.95
CA GLN B 184 -32.11 -21.60 12.64
C GLN B 184 -30.95 -22.14 11.80
N SER B 185 -29.74 -21.78 12.23
CA SER B 185 -28.54 -22.21 11.51
C SER B 185 -28.33 -23.72 11.56
N SER B 186 -28.95 -24.40 12.53
CA SER B 186 -28.86 -25.86 12.63
C SER B 186 -29.77 -26.57 11.65
N GLY B 187 -30.55 -25.85 10.85
CA GLY B 187 -31.54 -26.46 9.99
C GLY B 187 -32.88 -26.75 10.64
N LEU B 188 -33.01 -26.48 11.93
CA LEU B 188 -34.24 -26.71 12.66
C LEU B 188 -35.00 -25.40 12.84
N TYR B 189 -36.32 -25.51 13.01
CA TYR B 189 -37.17 -24.35 13.13
C TYR B 189 -37.39 -23.99 14.60
N SER B 190 -37.79 -22.74 14.83
CA SER B 190 -38.09 -22.27 16.17
C SER B 190 -39.10 -21.12 16.08
N LEU B 191 -39.95 -21.02 17.09
CA LEU B 191 -40.86 -19.91 17.22
C LEU B 191 -41.33 -19.81 18.66
N SER B 192 -42.00 -18.70 18.98
CA SER B 192 -42.62 -18.49 20.28
C SER B 192 -44.09 -18.18 20.09
N SER B 193 -44.87 -18.54 21.10
CA SER B 193 -46.29 -18.19 21.19
C SER B 193 -46.51 -17.50 22.52
N VAL B 194 -47.07 -16.28 22.48
CA VAL B 194 -47.20 -15.45 23.67
C VAL B 194 -48.65 -14.99 23.80
N VAL B 195 -48.99 -14.56 25.01
CA VAL B 195 -50.33 -14.06 25.31
C VAL B 195 -50.23 -13.10 26.48
N THR B 196 -51.04 -12.04 26.45
CA THR B 196 -51.06 -11.05 27.51
C THR B 196 -52.28 -11.25 28.38
N VAL B 197 -52.06 -11.34 29.69
CA VAL B 197 -53.14 -11.58 30.66
C VAL B 197 -53.00 -10.57 31.79
N PRO B 198 -54.07 -10.33 32.55
CA PRO B 198 -53.97 -9.40 33.68
C PRO B 198 -52.98 -9.90 34.72
N SER B 199 -52.27 -8.95 35.34
CA SER B 199 -51.31 -9.29 36.38
C SER B 199 -51.98 -9.87 37.62
N SER B 200 -53.26 -9.57 37.83
CA SER B 200 -53.95 -10.04 39.03
C SER B 200 -54.25 -11.53 38.99
N SER B 201 -54.26 -12.15 37.79
CA SER B 201 -54.61 -13.55 37.64
C SER B 201 -53.40 -14.48 37.65
N LEU B 202 -52.19 -13.93 37.80
CA LEU B 202 -50.98 -14.75 37.72
C LEU B 202 -50.92 -15.78 38.84
N GLY B 203 -51.52 -15.50 39.99
CA GLY B 203 -51.46 -16.42 41.10
C GLY B 203 -52.56 -17.46 41.11
N THR B 204 -53.71 -17.13 40.54
CA THR B 204 -54.90 -17.97 40.64
C THR B 204 -55.25 -18.72 39.36
N GLN B 205 -54.88 -18.19 38.19
CA GLN B 205 -55.27 -18.77 36.92
C GLN B 205 -54.16 -19.66 36.36
N THR B 206 -54.57 -20.82 35.83
CA THR B 206 -53.68 -21.77 35.21
C THR B 206 -53.56 -21.47 33.72
N TYR B 207 -52.33 -21.56 33.19
CA TYR B 207 -52.06 -21.29 31.78
C TYR B 207 -51.25 -22.44 31.19
N ILE B 208 -51.84 -23.10 30.20
CA ILE B 208 -51.21 -24.22 29.50
C ILE B 208 -51.08 -23.87 28.04
N CYS B 209 -49.93 -24.18 27.44
CA CYS B 209 -49.77 -24.13 25.99
C CYS B 209 -49.72 -25.55 25.45
N ASN B 210 -50.46 -25.79 24.37
CA ASN B 210 -50.57 -27.10 23.75
C ASN B 210 -49.89 -27.04 22.39
N VAL B 211 -48.80 -27.79 22.25
CA VAL B 211 -47.97 -27.76 21.05
C VAL B 211 -48.15 -29.08 20.32
N ASN B 212 -48.56 -29.01 19.05
CA ASN B 212 -48.82 -30.18 18.23
C ASN B 212 -47.91 -30.15 17.02
N HIS B 213 -47.13 -31.21 16.84
CA HIS B 213 -46.25 -31.36 15.67
C HIS B 213 -46.62 -32.69 15.01
N LYS B 214 -47.45 -32.62 13.97
CA LYS B 214 -47.94 -33.83 13.32
C LYS B 214 -46.84 -34.68 12.67
N PRO B 215 -45.87 -34.12 11.92
CA PRO B 215 -44.89 -34.99 11.25
C PRO B 215 -44.14 -35.94 12.18
N SER B 216 -44.02 -35.59 13.47
CA SER B 216 -43.30 -36.44 14.41
C SER B 216 -44.22 -37.10 15.44
N ASN B 217 -45.53 -36.95 15.29
CA ASN B 217 -46.51 -37.51 16.22
C ASN B 217 -46.19 -37.08 17.65
N THR B 218 -45.87 -35.80 17.83
CA THR B 218 -45.49 -35.26 19.11
C THR B 218 -46.54 -34.26 19.59
N LYS B 219 -46.89 -34.36 20.87
CA LYS B 219 -47.87 -33.48 21.49
C LYS B 219 -47.41 -33.19 22.91
N VAL B 220 -47.21 -31.92 23.22
CA VAL B 220 -46.66 -31.51 24.51
C VAL B 220 -47.56 -30.44 25.12
N ASP B 221 -47.92 -30.63 26.39
CA ASP B 221 -48.65 -29.63 27.17
C ASP B 221 -47.72 -29.11 28.25
N LYS B 222 -47.45 -27.81 28.22
CA LYS B 222 -46.50 -27.20 29.14
C LYS B 222 -47.21 -26.16 30.00
N LYS B 223 -47.10 -26.30 31.32
CA LYS B 223 -47.66 -25.32 32.23
C LYS B 223 -46.68 -24.17 32.43
N VAL B 224 -47.21 -22.95 32.38
CA VAL B 224 -46.40 -21.74 32.42
C VAL B 224 -46.82 -20.93 33.65
N GLU B 225 -45.92 -20.83 34.62
CA GLU B 225 -46.18 -20.14 35.87
C GLU B 225 -44.98 -19.27 36.22
N PRO B 226 -45.19 -18.21 37.01
CA PRO B 226 -44.06 -17.36 37.40
C PRO B 226 -43.12 -18.08 38.34
N LYS B 227 -41.87 -17.60 38.36
CA LYS B 227 -40.87 -18.15 39.26
C LYS B 227 -40.75 -17.30 40.53
N GLU C 1 -17.68 -8.13 39.55
CA GLU C 1 -18.02 -6.90 38.85
C GLU C 1 -19.47 -6.50 39.08
N ILE C 2 -19.66 -5.30 39.61
CA ILE C 2 -21.00 -4.74 39.80
C ILE C 2 -21.41 -4.05 38.50
N VAL C 3 -22.50 -4.52 37.90
CA VAL C 3 -22.96 -4.00 36.63
C VAL C 3 -23.92 -2.84 36.89
N LEU C 4 -23.69 -1.72 36.20
CA LEU C 4 -24.57 -0.57 36.26
C LEU C 4 -25.32 -0.45 34.94
N THR C 5 -26.65 -0.33 35.02
CA THR C 5 -27.52 -0.24 33.85
C THR C 5 -28.20 1.12 33.84
N GLN C 6 -27.89 1.92 32.82
CA GLN C 6 -28.46 3.26 32.69
C GLN C 6 -29.60 3.25 31.70
N SER C 7 -30.69 3.93 32.06
CA SER C 7 -31.86 4.06 31.21
C SER C 7 -32.18 5.53 31.02
N PRO C 8 -32.33 6.00 29.78
CA PRO C 8 -32.07 5.28 28.53
C PRO C 8 -30.64 5.51 28.05
N SER C 9 -30.18 4.79 27.02
CA SER C 9 -28.86 5.08 26.47
C SER C 9 -28.80 6.45 25.82
N SER C 10 -29.94 6.97 25.35
CA SER C 10 -30.00 8.31 24.79
C SER C 10 -31.42 8.80 24.85
N LEU C 11 -31.58 10.11 25.04
CA LEU C 11 -32.89 10.73 25.04
C LEU C 11 -32.78 12.13 24.45
N SER C 12 -33.87 12.58 23.82
CA SER C 12 -33.95 13.92 23.29
C SER C 12 -34.60 14.84 24.31
N ALA C 13 -34.17 16.09 24.32
CA ALA C 13 -34.70 17.08 25.25
C ALA C 13 -34.62 18.46 24.63
N SER C 14 -35.58 19.30 24.98
CA SER C 14 -35.57 20.71 24.62
C SER C 14 -35.14 21.54 25.82
N VAL C 15 -34.78 22.79 25.54
CA VAL C 15 -34.37 23.70 26.60
C VAL C 15 -35.54 23.93 27.55
N GLY C 16 -35.31 23.68 28.84
CA GLY C 16 -36.33 23.84 29.85
C GLY C 16 -36.98 22.54 30.27
N ASP C 17 -36.70 21.43 29.60
CA ASP C 17 -37.28 20.15 29.97
C ASP C 17 -36.73 19.68 31.31
N ARG C 18 -37.48 18.77 31.94
CA ARG C 18 -37.04 18.11 33.17
C ARG C 18 -36.47 16.75 32.79
N VAL C 19 -35.15 16.67 32.76
CA VAL C 19 -34.45 15.46 32.31
C VAL C 19 -34.14 14.60 33.53
N THR C 20 -34.57 13.34 33.47
CA THR C 20 -34.28 12.36 34.52
C THR C 20 -33.56 11.18 33.90
N ILE C 21 -32.44 10.79 34.53
CA ILE C 21 -31.63 9.66 34.10
C ILE C 21 -31.56 8.68 35.26
N THR C 22 -31.76 7.40 34.97
CA THR C 22 -31.76 6.36 35.99
C THR C 22 -30.56 5.45 35.82
N CYS C 23 -30.13 4.87 36.94
CA CYS C 23 -28.98 3.97 36.99
C CYS C 23 -29.30 2.87 37.99
N GLN C 24 -29.22 1.62 37.57
CA GLN C 24 -29.53 0.48 38.41
C GLN C 24 -28.30 -0.38 38.60
N ALA C 25 -27.99 -0.71 39.86
CA ALA C 25 -26.84 -1.53 40.20
C ALA C 25 -27.27 -2.99 40.37
N SER C 26 -26.44 -3.91 39.85
CA SER C 26 -26.74 -5.33 39.93
C SER C 26 -26.72 -5.87 41.36
N GLN C 27 -26.20 -5.10 42.31
CA GLN C 27 -26.26 -5.46 43.73
C GLN C 27 -26.20 -4.18 44.55
N ASP C 28 -26.50 -4.31 45.84
CA ASP C 28 -26.63 -3.14 46.71
C ASP C 28 -25.28 -2.46 46.89
N ILE C 29 -25.22 -1.18 46.58
CA ILE C 29 -24.00 -0.38 46.69
C ILE C 29 -24.17 0.79 47.66
N SER C 30 -25.23 0.76 48.48
CA SER C 30 -25.51 1.81 49.46
C SER C 30 -25.64 3.13 48.69
N ASN C 31 -25.01 4.21 49.13
CA ASN C 31 -25.03 5.47 48.39
C ASN C 31 -23.67 5.77 47.75
N TYR C 32 -22.87 4.74 47.51
CA TYR C 32 -21.57 4.90 46.86
C TYR C 32 -21.72 4.92 45.34
N LEU C 33 -22.44 5.93 44.86
CA LEU C 33 -22.67 6.11 43.43
C LEU C 33 -22.42 7.56 43.06
N ASN C 34 -21.77 7.78 41.92
CA ASN C 34 -21.38 9.09 41.46
C ASN C 34 -21.89 9.32 40.05
N TRP C 35 -22.03 10.60 39.68
CA TRP C 35 -22.49 11.01 38.37
C TRP C 35 -21.45 11.89 37.70
N TYR C 36 -21.20 11.64 36.42
CA TYR C 36 -20.21 12.38 35.64
C TYR C 36 -20.84 12.92 34.37
N GLN C 37 -20.27 14.01 33.86
CA GLN C 37 -20.69 14.63 32.62
C GLN C 37 -19.50 14.68 31.67
N GLN C 38 -19.71 14.28 30.42
CA GLN C 38 -18.65 14.30 29.42
C GLN C 38 -19.18 14.93 28.14
N LYS C 39 -18.44 15.90 27.63
CA LYS C 39 -18.66 16.52 26.33
C LYS C 39 -17.66 15.97 25.32
N PRO C 40 -17.99 15.99 24.04
CA PRO C 40 -17.17 15.27 23.05
C PRO C 40 -15.76 15.82 22.97
N GLY C 41 -14.79 14.90 22.94
CA GLY C 41 -13.39 15.26 22.89
C GLY C 41 -12.78 15.69 24.21
N LYS C 42 -13.56 15.74 25.28
CA LYS C 42 -13.08 16.17 26.59
C LYS C 42 -13.19 15.03 27.58
N ALA C 43 -12.61 15.25 28.77
CA ALA C 43 -12.65 14.27 29.84
C ALA C 43 -13.93 14.41 30.66
N PRO C 44 -14.34 13.35 31.33
CA PRO C 44 -15.53 13.45 32.20
C PRO C 44 -15.29 14.40 33.36
N LYS C 45 -16.37 14.99 33.84
CA LYS C 45 -16.36 15.92 34.96
C LYS C 45 -17.26 15.40 36.07
N LEU C 46 -16.69 15.26 37.26
CA LEU C 46 -17.48 14.83 38.42
C LEU C 46 -18.55 15.87 38.75
N LEU C 47 -19.81 15.43 38.79
CA LEU C 47 -20.93 16.29 39.14
C LEU C 47 -21.46 16.01 40.54
N ILE C 48 -21.69 14.75 40.87
CA ILE C 48 -22.32 14.36 42.12
C ILE C 48 -21.57 13.16 42.69
N TYR C 49 -21.36 13.17 44.00
CA TYR C 49 -20.84 12.01 44.71
C TYR C 49 -21.78 11.70 45.88
N ALA C 50 -21.60 10.52 46.47
CA ALA C 50 -22.45 10.06 47.57
C ALA C 50 -23.92 10.10 47.17
N ALA C 51 -24.19 9.83 45.88
CA ALA C 51 -25.53 9.74 45.31
C ALA C 51 -26.24 11.09 45.23
N SER C 52 -26.00 11.99 46.19
CA SER C 52 -26.77 13.23 46.25
C SER C 52 -25.96 14.48 46.51
N SER C 53 -24.67 14.39 46.83
CA SER C 53 -23.87 15.56 47.17
C SER C 53 -23.32 16.18 45.89
N LEU C 54 -23.67 17.44 45.66
CA LEU C 54 -23.16 18.17 44.50
C LEU C 54 -21.72 18.61 44.73
N GLU C 55 -20.89 18.46 43.70
CA GLU C 55 -19.53 18.97 43.76
C GLU C 55 -19.54 20.49 43.64
N SER C 56 -18.53 21.12 44.23
CA SER C 56 -18.46 22.58 44.25
C SER C 56 -18.35 23.13 42.83
N GLY C 57 -19.20 24.11 42.51
CA GLY C 57 -19.24 24.70 41.19
C GLY C 57 -20.33 24.17 40.29
N VAL C 58 -21.12 23.21 40.74
CA VAL C 58 -22.17 22.60 39.92
C VAL C 58 -23.47 23.37 40.13
N PRO C 59 -24.17 23.74 39.04
CA PRO C 59 -25.42 24.47 39.19
C PRO C 59 -26.47 23.67 39.96
N SER C 60 -27.42 24.40 40.54
CA SER C 60 -28.40 23.78 41.43
C SER C 60 -29.45 22.98 40.67
N ARG C 61 -29.55 23.15 39.35
CA ARG C 61 -30.51 22.36 38.58
C ARG C 61 -30.15 20.89 38.53
N PHE C 62 -28.90 20.54 38.82
CA PHE C 62 -28.49 19.14 38.92
C PHE C 62 -28.76 18.62 40.33
N SER C 63 -29.30 17.41 40.39
CA SER C 63 -29.55 16.76 41.68
C SER C 63 -29.59 15.25 41.47
N GLY C 64 -29.23 14.52 42.52
CA GLY C 64 -29.22 13.08 42.47
C GLY C 64 -29.92 12.49 43.69
N SER C 65 -30.48 11.30 43.49
CA SER C 65 -31.25 10.64 44.53
C SER C 65 -31.00 9.14 44.46
N GLY C 66 -31.26 8.47 45.59
CA GLY C 66 -31.23 7.02 45.59
C GLY C 66 -30.28 6.40 46.58
N SER C 67 -30.57 5.17 46.99
CA SER C 67 -29.70 4.37 47.84
C SER C 67 -30.06 2.92 47.64
N GLY C 68 -29.04 2.06 47.73
CA GLY C 68 -29.25 0.64 47.53
C GLY C 68 -28.91 0.17 46.13
N THR C 69 -29.92 0.13 45.25
CA THR C 69 -29.73 -0.37 43.89
C THR C 69 -30.26 0.56 42.80
N ASP C 70 -31.12 1.52 43.11
CA ASP C 70 -31.76 2.36 42.11
C ASP C 70 -31.48 3.82 42.41
N PHE C 71 -30.94 4.53 41.42
CA PHE C 71 -30.51 5.91 41.57
C PHE C 71 -31.00 6.74 40.40
N THR C 72 -31.08 8.05 40.61
CA THR C 72 -31.64 8.95 39.61
C THR C 72 -30.87 10.25 39.59
N LEU C 73 -30.55 10.72 38.39
CA LEU C 73 -29.99 12.05 38.17
C LEU C 73 -31.06 12.91 37.50
N THR C 74 -31.27 14.11 38.04
CA THR C 74 -32.32 15.01 37.56
C THR C 74 -31.72 16.35 37.20
N ILE C 75 -32.10 16.86 36.03
CA ILE C 75 -31.79 18.23 35.62
C ILE C 75 -33.10 19.00 35.62
N SER C 76 -33.21 20.00 36.50
CA SER C 76 -34.47 20.72 36.68
C SER C 76 -34.93 21.35 35.37
N SER C 77 -34.08 22.18 34.76
CA SER C 77 -34.40 22.86 33.51
C SER C 77 -33.21 22.72 32.57
N GLN C 78 -33.39 21.95 31.50
CA GLN C 78 -32.30 21.70 30.56
C GLN C 78 -31.84 23.00 29.91
N GLN C 79 -30.54 23.25 29.96
CA GLN C 79 -29.92 24.44 29.40
C GLN C 79 -28.96 24.03 28.28
N PRO C 80 -28.60 24.96 27.40
CA PRO C 80 -27.77 24.59 26.23
C PRO C 80 -26.48 23.86 26.59
N GLU C 81 -25.86 24.15 27.73
CA GLU C 81 -24.61 23.51 28.08
C GLU C 81 -24.80 22.11 28.65
N ASP C 82 -26.03 21.68 28.89
CA ASP C 82 -26.29 20.39 29.50
C ASP C 82 -26.42 19.25 28.48
N PHE C 83 -26.35 19.55 27.19
CA PHE C 83 -26.42 18.51 26.16
C PHE C 83 -25.07 17.82 26.08
N ALA C 84 -24.98 16.65 26.70
CA ALA C 84 -23.73 15.88 26.77
C ALA C 84 -24.09 14.45 27.14
N THR C 85 -23.08 13.67 27.50
CA THR C 85 -23.26 12.29 27.92
C THR C 85 -23.00 12.19 29.42
N TYR C 86 -23.89 11.49 30.13
CA TYR C 86 -23.81 11.35 31.58
C TYR C 86 -23.57 9.90 31.96
N TYR C 87 -22.70 9.70 32.95
CA TYR C 87 -22.33 8.36 33.41
C TYR C 87 -22.55 8.26 34.91
N CYS C 88 -23.02 7.09 35.36
CA CYS C 88 -22.97 6.75 36.77
C CYS C 88 -21.78 5.83 37.02
N GLN C 89 -21.30 5.84 38.27
CA GLN C 89 -20.13 5.06 38.64
C GLN C 89 -20.24 4.68 40.11
N GLN C 90 -19.96 3.41 40.42
CA GLN C 90 -20.02 2.92 41.79
C GLN C 90 -18.61 2.84 42.37
N ALA C 91 -18.50 3.12 43.67
CA ALA C 91 -17.25 3.02 44.41
C ALA C 91 -17.42 2.11 45.62
N ASN C 92 -18.32 1.14 45.52
CA ASN C 92 -18.64 0.27 46.65
C ASN C 92 -17.62 -0.86 46.80
N SER C 93 -17.08 -1.38 45.70
CA SER C 93 -16.17 -2.51 45.78
C SER C 93 -15.38 -2.62 44.48
N PHE C 94 -14.20 -3.24 44.58
CA PHE C 94 -13.37 -3.44 43.41
C PHE C 94 -13.97 -4.50 42.50
N PRO C 95 -13.92 -4.31 41.18
CA PRO C 95 -13.37 -3.15 40.47
C PRO C 95 -14.38 -2.02 40.32
N TYR C 96 -13.91 -0.77 40.24
CA TYR C 96 -14.80 0.34 39.93
C TYR C 96 -15.42 0.13 38.55
N THR C 97 -16.73 0.37 38.45
CA THR C 97 -17.45 0.17 37.20
C THR C 97 -18.30 1.39 36.90
N PHE C 98 -18.52 1.63 35.61
CA PHE C 98 -19.29 2.76 35.11
C PHE C 98 -20.52 2.26 34.36
N GLY C 99 -21.54 3.10 34.30
CA GLY C 99 -22.65 2.85 33.41
C GLY C 99 -22.25 3.05 31.96
N GLN C 100 -23.11 2.56 31.05
CA GLN C 100 -22.79 2.65 29.64
C GLN C 100 -22.92 4.06 29.09
N GLY C 101 -23.57 4.96 29.82
CA GLY C 101 -23.66 6.34 29.39
C GLY C 101 -25.04 6.68 28.87
N THR C 102 -25.41 7.96 29.01
CA THR C 102 -26.70 8.47 28.56
C THR C 102 -26.45 9.77 27.81
N LYS C 103 -26.58 9.73 26.49
CA LYS C 103 -26.35 10.90 25.65
C LYS C 103 -27.63 11.70 25.51
N VAL C 104 -27.62 12.94 25.99
CA VAL C 104 -28.76 13.85 25.87
C VAL C 104 -28.59 14.65 24.60
N GLU C 105 -29.58 14.59 23.71
CA GLU C 105 -29.52 15.20 22.39
C GLU C 105 -30.59 16.28 22.28
N ILE C 106 -30.46 17.10 21.24
CA ILE C 106 -31.34 18.24 21.04
C ILE C 106 -32.60 17.78 20.30
N LYS C 107 -33.75 18.10 20.88
CA LYS C 107 -35.03 17.76 20.26
C LYS C 107 -35.37 18.76 19.17
N ARG C 108 -35.93 18.28 18.07
CA ARG C 108 -36.42 19.13 16.99
C ARG C 108 -37.53 18.40 16.25
N THR C 109 -38.13 19.09 15.29
CA THR C 109 -39.20 18.50 14.51
C THR C 109 -38.65 17.48 13.52
N VAL C 110 -39.56 16.63 13.02
CA VAL C 110 -39.17 15.58 12.09
C VAL C 110 -38.73 16.19 10.77
N ALA C 111 -37.65 15.64 10.20
CA ALA C 111 -37.13 16.07 8.91
C ALA C 111 -36.72 14.85 8.11
N ALA C 112 -37.29 14.70 6.92
CA ALA C 112 -36.97 13.57 6.05
C ALA C 112 -35.61 13.77 5.40
N PRO C 113 -34.87 12.69 5.19
CA PRO C 113 -33.56 12.80 4.54
C PRO C 113 -33.67 12.98 3.04
N SER C 114 -32.66 13.62 2.48
CA SER C 114 -32.46 13.70 1.04
C SER C 114 -31.48 12.61 0.64
N VAL C 115 -31.87 11.74 -0.29
CA VAL C 115 -31.13 10.53 -0.60
C VAL C 115 -30.41 10.70 -1.92
N PHE C 116 -29.15 10.31 -1.95
CA PHE C 116 -28.33 10.31 -3.15
C PHE C 116 -27.52 9.01 -3.19
N ILE C 117 -27.29 8.51 -4.40
CA ILE C 117 -26.50 7.31 -4.60
C ILE C 117 -25.36 7.64 -5.55
N PHE C 118 -24.19 7.06 -5.29
CA PHE C 118 -22.98 7.34 -6.06
C PHE C 118 -22.39 6.03 -6.54
N PRO C 119 -22.24 5.83 -7.85
CA PRO C 119 -21.56 4.63 -8.34
C PRO C 119 -20.06 4.73 -8.11
N PRO C 120 -19.33 3.61 -8.15
CA PRO C 120 -17.88 3.68 -8.04
C PRO C 120 -17.27 4.34 -9.27
N SER C 121 -16.13 4.99 -9.06
CA SER C 121 -15.44 5.65 -10.16
C SER C 121 -14.63 4.64 -10.96
N ASP C 122 -14.35 5.02 -12.21
CA ASP C 122 -13.52 4.17 -13.06
C ASP C 122 -12.09 4.07 -12.54
N GLU C 123 -11.63 5.05 -11.78
CA GLU C 123 -10.30 4.96 -11.17
C GLU C 123 -10.25 3.84 -10.14
N GLN C 124 -11.27 3.75 -9.28
CA GLN C 124 -11.28 2.72 -8.26
C GLN C 124 -11.47 1.33 -8.86
N LEU C 125 -12.23 1.23 -9.95
CA LEU C 125 -12.41 -0.08 -10.60
C LEU C 125 -11.10 -0.63 -11.13
N LYS C 126 -10.15 0.26 -11.46
CA LYS C 126 -8.83 -0.22 -11.91
C LYS C 126 -8.10 -0.97 -10.80
N SER C 127 -8.40 -0.66 -9.53
CA SER C 127 -7.72 -1.31 -8.42
C SER C 127 -8.30 -2.68 -8.10
N GLY C 128 -9.50 -3.00 -8.59
CA GLY C 128 -10.13 -4.27 -8.33
C GLY C 128 -11.19 -4.28 -7.25
N THR C 129 -11.56 -3.11 -6.72
CA THR C 129 -12.57 -2.99 -5.69
C THR C 129 -13.58 -1.93 -6.12
N ALA C 130 -14.85 -2.15 -5.77
CA ALA C 130 -15.93 -1.22 -6.08
C ALA C 130 -16.58 -0.75 -4.79
N SER C 131 -16.79 0.56 -4.66
CA SER C 131 -17.48 1.14 -3.53
C SER C 131 -18.71 1.88 -4.03
N VAL C 132 -19.88 1.52 -3.48
CA VAL C 132 -21.13 2.18 -3.78
C VAL C 132 -21.60 2.90 -2.51
N VAL C 133 -21.96 4.17 -2.65
CA VAL C 133 -22.23 5.04 -1.51
C VAL C 133 -23.66 5.56 -1.60
N CYS C 134 -24.40 5.45 -0.50
CA CYS C 134 -25.73 6.02 -0.36
C CYS C 134 -25.70 7.07 0.73
N LEU C 135 -26.23 8.25 0.44
CA LEU C 135 -26.12 9.40 1.33
C LEU C 135 -27.50 9.81 1.81
N LEU C 136 -27.65 9.93 3.14
CA LEU C 136 -28.83 10.50 3.77
C LEU C 136 -28.43 11.83 4.39
N ASN C 137 -29.06 12.91 3.96
CA ASN C 137 -28.61 14.26 4.29
C ASN C 137 -29.66 14.99 5.10
N ASN C 138 -29.27 15.44 6.29
CA ASN C 138 -30.04 16.39 7.11
C ASN C 138 -31.43 15.84 7.44
N PHE C 139 -31.44 14.83 8.30
CA PHE C 139 -32.67 14.19 8.73
C PHE C 139 -32.73 14.11 10.25
N TYR C 140 -33.96 14.04 10.76
CA TYR C 140 -34.22 13.88 12.18
C TYR C 140 -35.53 13.11 12.29
N PRO C 141 -35.64 12.15 13.22
CA PRO C 141 -34.61 11.71 14.19
C PRO C 141 -33.55 10.79 13.61
N ARG C 142 -32.74 10.20 14.50
CA ARG C 142 -31.54 9.48 14.09
C ARG C 142 -31.87 8.15 13.41
N GLU C 143 -32.89 7.45 13.91
CA GLU C 143 -33.18 6.10 13.43
C GLU C 143 -33.59 6.12 11.97
N ALA C 144 -32.89 5.32 11.15
CA ALA C 144 -33.19 5.18 9.74
C ALA C 144 -32.71 3.83 9.27
N LYS C 145 -33.34 3.32 8.22
CA LYS C 145 -33.03 2.01 7.66
C LYS C 145 -32.58 2.17 6.22
N VAL C 146 -31.44 1.58 5.89
CA VAL C 146 -30.87 1.63 4.55
C VAL C 146 -30.66 0.20 4.09
N GLN C 147 -31.38 -0.21 3.05
CA GLN C 147 -31.29 -1.55 2.49
C GLN C 147 -30.66 -1.50 1.11
N TRP C 148 -29.67 -2.35 0.88
CA TRP C 148 -28.98 -2.44 -0.39
C TRP C 148 -29.51 -3.60 -1.21
N LYS C 149 -29.84 -3.35 -2.47
CA LYS C 149 -30.26 -4.38 -3.40
C LYS C 149 -29.42 -4.31 -4.66
N VAL C 150 -28.92 -5.47 -5.09
CA VAL C 150 -28.14 -5.60 -6.32
C VAL C 150 -28.87 -6.60 -7.20
N ASP C 151 -29.40 -6.12 -8.33
CA ASP C 151 -30.29 -6.90 -9.18
C ASP C 151 -31.40 -7.54 -8.36
N ASN C 152 -32.00 -6.73 -7.48
CA ASN C 152 -33.08 -7.06 -6.57
C ASN C 152 -32.65 -7.99 -5.44
N ALA C 153 -31.39 -8.38 -5.36
CA ALA C 153 -30.92 -9.26 -4.29
C ALA C 153 -30.46 -8.43 -3.10
N LEU C 154 -31.03 -8.70 -1.93
CA LEU C 154 -30.67 -7.98 -0.73
C LEU C 154 -29.23 -8.28 -0.32
N GLN C 155 -28.49 -7.24 0.03
CA GLN C 155 -27.10 -7.38 0.44
C GLN C 155 -27.00 -7.46 1.96
N SER C 156 -26.06 -8.27 2.43
CA SER C 156 -25.83 -8.44 3.87
C SER C 156 -24.35 -8.61 4.13
N GLY C 157 -23.87 -7.98 5.20
CA GLY C 157 -22.51 -8.13 5.65
C GLY C 157 -21.46 -7.40 4.85
N ASN C 158 -21.84 -6.72 3.77
CA ASN C 158 -20.87 -6.04 2.90
C ASN C 158 -21.07 -4.54 2.89
N SER C 159 -21.71 -3.98 3.94
CA SER C 159 -21.97 -2.55 4.00
C SER C 159 -21.64 -2.03 5.39
N GLN C 160 -21.02 -0.85 5.43
CA GLN C 160 -20.77 -0.12 6.66
C GLN C 160 -21.38 1.26 6.57
N GLU C 161 -21.87 1.76 7.69
CA GLU C 161 -22.47 3.09 7.73
C GLU C 161 -21.88 3.90 8.86
N SER C 162 -21.80 5.22 8.64
CA SER C 162 -21.29 6.16 9.63
C SER C 162 -22.18 7.39 9.64
N VAL C 163 -22.36 7.97 10.82
CA VAL C 163 -23.31 9.06 11.05
C VAL C 163 -22.56 10.24 11.68
N THR C 164 -22.87 11.44 11.21
CA THR C 164 -22.29 12.65 11.81
C THR C 164 -22.92 12.93 13.16
N GLU C 165 -22.33 13.88 13.87
CA GLU C 165 -22.95 14.37 15.09
C GLU C 165 -24.08 15.35 14.75
N GLN C 166 -24.84 15.70 15.78
CA GLN C 166 -25.96 16.62 15.58
C GLN C 166 -25.43 17.96 15.07
N ASP C 167 -26.00 18.42 13.96
CA ASP C 167 -25.51 19.63 13.31
C ASP C 167 -25.81 20.86 14.18
N SER C 168 -24.85 21.78 14.24
CA SER C 168 -24.98 22.95 15.11
C SER C 168 -26.06 23.91 14.64
N LYS C 169 -26.41 23.89 13.35
CA LYS C 169 -27.43 24.80 12.81
C LYS C 169 -28.84 24.26 13.00
N ASP C 170 -29.13 23.11 12.38
CA ASP C 170 -30.50 22.58 12.31
C ASP C 170 -30.74 21.39 13.23
N SER C 171 -29.71 20.91 13.93
CA SER C 171 -29.78 19.74 14.82
C SER C 171 -30.11 18.45 14.07
N THR C 172 -29.79 18.37 12.79
CA THR C 172 -30.06 17.17 12.00
C THR C 172 -28.84 16.26 11.97
N TYR C 173 -29.06 15.04 11.48
CA TYR C 173 -27.99 14.08 11.26
C TYR C 173 -27.80 13.87 9.77
N SER C 174 -26.61 13.40 9.41
CA SER C 174 -26.33 12.93 8.06
C SER C 174 -25.70 11.55 8.17
N LEU C 175 -26.05 10.67 7.23
CA LEU C 175 -25.60 9.29 7.28
C LEU C 175 -25.05 8.87 5.93
N SER C 176 -23.96 8.12 5.96
CA SER C 176 -23.39 7.52 4.76
C SER C 176 -23.47 6.00 4.91
N SER C 177 -23.82 5.33 3.81
CA SER C 177 -23.80 3.87 3.76
C SER C 177 -22.97 3.47 2.55
N THR C 178 -21.96 2.63 2.79
CA THR C 178 -20.98 2.27 1.77
C THR C 178 -21.02 0.77 1.53
N LEU C 179 -21.36 0.38 0.31
CA LEU C 179 -21.38 -1.02 -0.11
C LEU C 179 -20.06 -1.36 -0.78
N THR C 180 -19.38 -2.39 -0.28
CA THR C 180 -18.08 -2.79 -0.77
C THR C 180 -18.21 -4.09 -1.56
N LEU C 181 -17.80 -4.05 -2.83
CA LEU C 181 -17.87 -5.20 -3.72
C LEU C 181 -16.57 -5.35 -4.48
N SER C 182 -16.22 -6.59 -4.81
CA SER C 182 -15.11 -6.83 -5.70
C SER C 182 -15.45 -6.35 -7.12
N LYS C 183 -14.41 -6.09 -7.90
CA LYS C 183 -14.63 -5.64 -9.28
C LYS C 183 -15.37 -6.69 -10.09
N ALA C 184 -15.01 -7.97 -9.89
CA ALA C 184 -15.70 -9.04 -10.61
C ALA C 184 -17.18 -9.12 -10.22
N ASP C 185 -17.48 -8.92 -8.93
CA ASP C 185 -18.87 -8.91 -8.50
C ASP C 185 -19.62 -7.71 -9.06
N TYR C 186 -18.96 -6.54 -9.09
CA TYR C 186 -19.65 -5.32 -9.51
C TYR C 186 -20.04 -5.38 -10.98
N GLU C 187 -19.10 -5.81 -11.83
CA GLU C 187 -19.38 -5.87 -13.27
C GLU C 187 -20.28 -7.03 -13.65
N LYS C 188 -20.60 -7.91 -12.71
CA LYS C 188 -21.48 -9.04 -12.99
C LYS C 188 -22.95 -8.63 -12.99
N HIS C 189 -23.31 -7.60 -12.24
CA HIS C 189 -24.69 -7.18 -12.09
C HIS C 189 -24.89 -5.81 -12.76
N LYS C 190 -26.12 -5.30 -12.71
CA LYS C 190 -26.49 -4.15 -13.52
C LYS C 190 -27.16 -3.05 -12.70
N VAL C 191 -28.17 -3.39 -11.90
CA VAL C 191 -28.96 -2.40 -11.18
C VAL C 191 -28.53 -2.39 -9.72
N TYR C 192 -28.11 -1.23 -9.24
CA TYR C 192 -27.71 -1.03 -7.85
C TYR C 192 -28.64 0.00 -7.24
N ALA C 193 -29.36 -0.39 -6.17
CA ALA C 193 -30.39 0.45 -5.59
C ALA C 193 -30.18 0.59 -4.10
N CYS C 194 -30.54 1.77 -3.59
CA CYS C 194 -30.54 2.07 -2.16
C CYS C 194 -31.95 2.49 -1.77
N GLU C 195 -32.51 1.81 -0.77
CA GLU C 195 -33.86 2.11 -0.28
C GLU C 195 -33.79 2.58 1.15
N VAL C 196 -34.37 3.75 1.42
CA VAL C 196 -34.28 4.42 2.71
C VAL C 196 -35.66 4.49 3.34
N THR C 197 -35.78 4.00 4.56
CA THR C 197 -37.00 4.09 5.35
C THR C 197 -36.75 5.04 6.52
N HIS C 198 -37.56 6.10 6.62
CA HIS C 198 -37.40 7.07 7.68
C HIS C 198 -38.76 7.61 8.08
N GLN C 199 -38.86 8.05 9.35
CA GLN C 199 -40.11 8.54 9.90
C GLN C 199 -40.67 9.71 9.09
N GLY C 200 -39.79 10.57 8.57
CA GLY C 200 -40.23 11.72 7.81
C GLY C 200 -40.73 11.42 6.41
N LEU C 201 -40.52 10.19 5.93
CA LEU C 201 -40.95 9.81 4.59
C LEU C 201 -42.32 9.16 4.67
N SER C 202 -43.27 9.67 3.87
CA SER C 202 -44.57 9.03 3.79
C SER C 202 -44.46 7.60 3.29
N SER C 203 -43.56 7.36 2.34
CA SER C 203 -43.22 6.02 1.88
C SER C 203 -41.72 5.97 1.62
N PRO C 204 -41.09 4.80 1.77
CA PRO C 204 -39.64 4.71 1.60
C PRO C 204 -39.19 5.17 0.22
N VAL C 205 -37.97 5.71 0.17
CA VAL C 205 -37.39 6.30 -1.03
C VAL C 205 -36.32 5.38 -1.57
N THR C 206 -36.29 5.21 -2.89
CA THR C 206 -35.32 4.36 -3.57
C THR C 206 -34.55 5.18 -4.59
N LYS C 207 -33.22 5.05 -4.55
CA LYS C 207 -32.33 5.65 -5.54
C LYS C 207 -31.50 4.55 -6.17
N SER C 208 -31.35 4.60 -7.48
CA SER C 208 -30.70 3.52 -8.20
C SER C 208 -29.94 4.07 -9.40
N PHE C 209 -29.07 3.23 -9.96
CA PHE C 209 -28.40 3.53 -11.21
C PHE C 209 -28.13 2.23 -11.94
N ASN C 210 -27.97 2.33 -13.26
CA ASN C 210 -27.59 1.21 -14.09
C ASN C 210 -26.09 1.31 -14.37
N ARG C 211 -25.37 0.23 -14.07
CA ARG C 211 -23.92 0.24 -14.21
C ARG C 211 -23.51 0.54 -15.64
N GLY C 212 -22.57 1.48 -15.79
CA GLY C 212 -22.07 1.86 -17.10
C GLY C 212 -22.71 3.12 -17.64
N GLU C 213 -24.01 3.23 -17.52
CA GLU C 213 -24.74 4.38 -18.05
C GLU C 213 -24.53 5.62 -17.18
N GLU D 1 -4.80 26.01 37.80
CA GLU D 1 -5.70 24.93 38.19
C GLU D 1 -4.96 23.62 38.35
N VAL D 2 -5.39 22.81 39.32
CA VAL D 2 -4.84 21.47 39.50
C VAL D 2 -5.13 20.64 38.26
N GLN D 3 -4.08 20.04 37.69
CA GLN D 3 -4.18 19.32 36.44
C GLN D 3 -3.41 18.01 36.51
N LEU D 4 -3.83 17.06 35.69
CA LEU D 4 -3.08 15.85 35.37
C LEU D 4 -2.82 15.83 33.88
N VAL D 5 -1.66 15.30 33.48
CA VAL D 5 -1.26 15.26 32.08
C VAL D 5 -0.65 13.90 31.78
N GLU D 6 -1.13 13.24 30.73
CA GLU D 6 -0.61 11.94 30.30
C GLU D 6 0.42 12.12 29.20
N SER D 7 1.25 11.08 29.04
CA SER D 7 2.28 11.07 28.02
C SER D 7 2.63 9.63 27.68
N GLY D 8 3.22 9.44 26.50
CA GLY D 8 3.69 8.15 26.05
C GLY D 8 2.78 7.44 25.07
N GLY D 9 1.61 7.99 24.76
CA GLY D 9 0.70 7.34 23.85
C GLY D 9 1.23 7.28 22.43
N GLY D 10 0.66 6.38 21.65
CA GLY D 10 1.08 6.21 20.27
C GLY D 10 0.56 4.89 19.71
N PHE D 11 1.32 4.35 18.77
CA PHE D 11 0.92 3.18 17.99
C PHE D 11 1.78 1.98 18.36
N VAL D 12 1.12 0.85 18.67
CA VAL D 12 1.79 -0.36 19.10
C VAL D 12 1.31 -1.53 18.25
N GLN D 13 2.23 -2.47 18.00
CA GLN D 13 1.89 -3.72 17.33
C GLN D 13 1.20 -4.67 18.30
N PRO D 14 0.30 -5.52 17.80
CA PRO D 14 -0.34 -6.52 18.67
C PRO D 14 0.71 -7.39 19.37
N GLY D 15 0.53 -7.57 20.67
CA GLY D 15 1.51 -8.24 21.50
C GLY D 15 2.67 -7.37 21.95
N GLY D 16 2.75 -6.13 21.49
CA GLY D 16 3.83 -5.24 21.86
C GLY D 16 3.67 -4.67 23.25
N SER D 17 4.50 -3.66 23.54
CA SER D 17 4.54 -3.01 24.84
C SER D 17 4.48 -1.50 24.67
N LEU D 18 3.93 -0.83 25.68
CA LEU D 18 3.90 0.62 25.72
C LEU D 18 3.80 1.06 27.17
N ARG D 19 4.57 2.09 27.52
CA ARG D 19 4.61 2.62 28.88
C ARG D 19 4.06 4.04 28.88
N LEU D 20 2.94 4.25 29.56
CA LEU D 20 2.36 5.57 29.71
C LEU D 20 2.84 6.20 31.00
N SER D 21 2.85 7.54 31.03
CA SER D 21 3.28 8.29 32.20
C SER D 21 2.30 9.41 32.50
N CYS D 22 2.33 9.87 33.74
CA CYS D 22 1.40 10.90 34.22
C CYS D 22 2.14 11.81 35.20
N ALA D 23 1.94 13.12 35.04
CA ALA D 23 2.54 14.12 35.90
C ALA D 23 1.46 15.01 36.50
N ALA D 24 1.60 15.32 37.78
CA ALA D 24 0.62 16.11 38.51
C ALA D 24 1.06 17.57 38.59
N SER D 25 0.09 18.48 38.51
CA SER D 25 0.32 19.90 38.67
C SER D 25 -0.49 20.40 39.86
N GLY D 26 0.19 20.97 40.84
CA GLY D 26 -0.47 21.52 42.00
C GLY D 26 -0.68 20.57 43.16
N PHE D 27 -0.20 19.33 43.06
CA PHE D 27 -0.32 18.38 44.17
C PHE D 27 0.72 17.28 43.97
N THR D 28 0.84 16.44 44.99
CA THR D 28 1.83 15.38 45.02
C THR D 28 1.13 14.01 44.96
N PHE D 29 1.60 13.15 44.05
CA PHE D 29 0.98 11.84 43.86
C PHE D 29 0.90 11.04 45.15
N SER D 30 1.89 11.20 46.03
CA SER D 30 1.99 10.36 47.22
C SER D 30 0.81 10.53 48.18
N ASN D 31 0.11 11.66 48.13
CA ASN D 31 -0.97 11.93 49.06
C ASN D 31 -2.32 11.37 48.61
N PHE D 32 -2.43 10.82 47.40
CA PHE D 32 -3.72 10.45 46.86
C PHE D 32 -3.70 9.02 46.30
N ASP D 33 -4.88 8.45 46.21
CA ASP D 33 -5.08 7.29 45.35
C ASP D 33 -5.09 7.75 43.89
N MET D 34 -4.28 7.12 43.06
CA MET D 34 -4.24 7.42 41.64
C MET D 34 -4.81 6.26 40.84
N HIS D 35 -5.37 6.59 39.68
CA HIS D 35 -6.07 5.60 38.87
C HIS D 35 -5.79 5.88 37.39
N TRP D 36 -6.00 4.84 36.58
CA TRP D 36 -6.03 4.95 35.14
C TRP D 36 -7.39 4.46 34.65
N VAL D 37 -8.04 5.27 33.82
CA VAL D 37 -9.37 4.97 33.32
C VAL D 37 -9.32 4.98 31.80
N ARG D 38 -9.92 3.96 31.19
CA ARG D 38 -9.86 3.72 29.75
C ARG D 38 -11.22 4.04 29.13
N GLN D 39 -11.21 4.57 27.91
CA GLN D 39 -12.45 4.86 27.20
C GLN D 39 -12.30 4.51 25.72
N SER D 40 -13.07 3.51 25.27
CA SER D 40 -13.17 3.15 23.87
C SER D 40 -14.63 3.23 23.43
N PRO D 41 -14.90 3.48 22.14
CA PRO D 41 -16.29 3.58 21.70
C PRO D 41 -17.13 2.34 21.98
N GLY D 42 -16.50 1.17 22.07
CA GLY D 42 -17.23 -0.06 22.32
C GLY D 42 -17.54 -0.31 23.77
N LYS D 43 -16.51 -0.33 24.62
CA LYS D 43 -16.68 -0.70 26.02
C LYS D 43 -16.97 0.49 26.91
N GLY D 44 -16.96 1.71 26.37
CA GLY D 44 -17.22 2.88 27.20
C GLY D 44 -16.10 3.15 28.18
N LEU D 45 -16.46 3.74 29.33
CA LEU D 45 -15.50 4.03 30.38
C LEU D 45 -15.18 2.76 31.15
N GLU D 46 -13.89 2.51 31.37
CA GLU D 46 -13.42 1.27 31.98
C GLU D 46 -12.27 1.58 32.91
N TRP D 47 -12.44 1.25 34.20
CA TRP D 47 -11.36 1.42 35.17
C TRP D 47 -10.31 0.32 34.95
N VAL D 48 -9.07 0.72 34.74
CA VAL D 48 -7.99 -0.19 34.36
C VAL D 48 -7.12 -0.55 35.55
N SER D 49 -6.68 0.45 36.32
CA SER D 49 -5.73 0.18 37.39
C SER D 49 -5.74 1.33 38.38
N GLY D 50 -5.30 1.02 39.59
CA GLY D 50 -5.23 2.02 40.66
C GLY D 50 -4.12 1.75 41.63
N LEU D 51 -3.44 2.82 42.08
CA LEU D 51 -2.38 2.74 43.07
C LEU D 51 -2.76 3.64 44.25
N ASP D 52 -3.19 3.03 45.35
CA ASP D 52 -3.68 3.84 46.46
C ASP D 52 -2.53 4.53 47.18
N HIS D 53 -2.89 5.47 48.05
CA HIS D 53 -1.88 6.25 48.77
C HIS D 53 -1.00 5.36 49.64
N SER D 54 -1.53 4.24 50.12
CA SER D 54 -0.81 3.36 51.02
C SER D 54 0.16 2.42 50.30
N GLY D 55 0.24 2.49 48.97
CA GLY D 55 1.20 1.73 48.20
C GLY D 55 0.64 0.53 47.46
N GLY D 56 -0.59 0.10 47.79
CA GLY D 56 -1.15 -1.08 47.14
C GLY D 56 -1.67 -0.79 45.75
N ALA D 57 -1.44 -1.74 44.84
CA ALA D 57 -1.89 -1.65 43.46
C ALA D 57 -3.07 -2.58 43.23
N HIS D 58 -4.01 -2.15 42.40
CA HIS D 58 -5.17 -2.93 42.03
C HIS D 58 -5.35 -2.88 40.52
N TYR D 59 -5.93 -3.96 39.98
CA TYR D 59 -6.04 -4.11 38.53
C TYR D 59 -7.39 -4.71 38.17
N ALA D 60 -7.88 -4.33 36.99
CA ALA D 60 -9.07 -4.97 36.43
C ALA D 60 -8.73 -6.35 35.89
N GLY D 61 -9.75 -7.21 35.83
CA GLY D 61 -9.50 -8.60 35.46
C GLY D 61 -8.87 -8.75 34.08
N SER D 62 -9.42 -8.06 33.09
CA SER D 62 -8.95 -8.16 31.70
C SER D 62 -7.57 -7.56 31.50
N VAL D 63 -6.83 -7.27 32.57
CA VAL D 63 -5.60 -6.50 32.46
C VAL D 63 -4.56 -7.06 33.42
N LYS D 64 -5.01 -7.90 34.36
CA LYS D 64 -4.10 -8.51 35.32
C LYS D 64 -2.99 -9.28 34.62
N GLY D 65 -1.79 -9.22 35.18
CA GLY D 65 -0.66 -9.94 34.65
C GLY D 65 0.01 -9.24 33.47
N ARG D 66 -0.71 -8.30 32.87
CA ARG D 66 -0.22 -7.59 31.69
C ARG D 66 0.11 -6.13 31.95
N PHE D 67 -0.57 -5.50 32.90
CA PHE D 67 -0.35 -4.10 33.23
C PHE D 67 0.29 -3.98 34.60
N THR D 68 1.20 -3.03 34.74
CA THR D 68 1.83 -2.72 36.02
C THR D 68 1.79 -1.21 36.23
N ILE D 69 1.23 -0.78 37.36
CA ILE D 69 1.20 0.62 37.73
C ILE D 69 2.24 0.86 38.82
N SER D 70 2.92 2.00 38.73
CA SER D 70 4.00 2.30 39.67
C SER D 70 4.11 3.80 39.85
N ARG D 71 4.81 4.20 40.90
CA ARG D 71 4.99 5.61 41.25
C ARG D 71 6.45 5.84 41.56
N GLU D 72 7.06 6.78 40.85
CA GLU D 72 8.40 7.26 41.19
C GLU D 72 8.25 8.26 42.33
N ASP D 73 8.54 7.81 43.55
CA ASP D 73 8.31 8.62 44.73
C ASP D 73 9.11 9.92 44.66
N ALA D 74 8.41 11.04 44.78
CA ALA D 74 8.95 12.40 44.78
C ALA D 74 9.46 12.84 43.41
N LYS D 75 9.16 12.09 42.35
CA LYS D 75 9.57 12.46 41.00
C LYS D 75 8.43 12.99 40.16
N ASN D 76 7.22 13.07 40.71
CA ASN D 76 6.02 13.52 39.99
C ASN D 76 5.82 12.72 38.71
N SER D 77 5.79 11.40 38.85
CA SER D 77 5.65 10.52 37.70
C SER D 77 4.90 9.27 38.12
N LEU D 78 3.70 9.08 37.58
CA LEU D 78 2.93 7.87 37.75
C LEU D 78 2.90 7.14 36.42
N ASP D 79 3.34 5.88 36.42
CA ASP D 79 3.55 5.12 35.20
C ASP D 79 2.58 3.94 35.12
N LEU D 80 2.24 3.58 33.89
CA LEU D 80 1.47 2.36 33.59
C LEU D 80 2.20 1.62 32.49
N GLN D 81 2.84 0.50 32.86
CA GLN D 81 3.52 -0.35 31.89
C GLN D 81 2.52 -1.37 31.35
N MET D 82 2.33 -1.38 30.03
CA MET D 82 1.37 -2.25 29.38
C MET D 82 2.11 -3.23 28.49
N ASN D 83 2.02 -4.51 28.81
CA ASN D 83 2.63 -5.57 28.02
C ASN D 83 1.56 -6.45 27.38
N ASN D 84 1.95 -7.09 26.28
CA ASN D 84 1.09 -8.05 25.57
C ASN D 84 -0.23 -7.41 25.16
N LEU D 85 -0.14 -6.26 24.49
CA LEU D 85 -1.32 -5.51 24.13
C LEU D 85 -2.08 -6.19 23.00
N ARG D 86 -3.40 -6.08 23.06
CA ARG D 86 -4.29 -6.60 22.03
C ARG D 86 -5.03 -5.45 21.35
N VAL D 87 -5.74 -5.79 20.27
CA VAL D 87 -6.38 -4.76 19.45
C VAL D 87 -7.42 -3.99 20.25
N ASP D 88 -8.13 -4.68 21.15
CA ASP D 88 -9.18 -4.04 21.94
C ASP D 88 -8.64 -3.36 23.19
N ASP D 89 -7.32 -3.31 23.37
CA ASP D 89 -6.74 -2.34 24.31
C ASP D 89 -6.71 -0.94 23.73
N THR D 90 -7.03 -0.79 22.45
CA THR D 90 -7.06 0.52 21.80
C THR D 90 -8.12 1.40 22.46
N ALA D 91 -7.68 2.55 22.98
CA ALA D 91 -8.60 3.49 23.63
C ALA D 91 -7.84 4.75 24.01
N VAL D 92 -8.59 5.73 24.48
CA VAL D 92 -8.05 6.91 25.12
C VAL D 92 -7.85 6.59 26.60
N TYR D 93 -6.62 6.74 27.08
CA TYR D 93 -6.30 6.44 28.46
C TYR D 93 -6.23 7.73 29.27
N PHE D 94 -6.97 7.77 30.37
CA PHE D 94 -7.01 8.93 31.25
C PHE D 94 -6.25 8.64 32.54
N CYS D 95 -5.44 9.59 32.96
CA CYS D 95 -4.87 9.60 34.30
C CYS D 95 -5.87 10.28 35.22
N VAL D 96 -6.22 9.62 36.33
CA VAL D 96 -7.31 10.06 37.19
C VAL D 96 -6.87 10.00 38.64
N ARG D 97 -7.33 10.98 39.43
CA ARG D 97 -7.03 11.06 40.85
C ARG D 97 -8.26 10.69 41.66
N GLY D 98 -8.08 9.80 42.63
CA GLY D 98 -9.15 9.52 43.58
C GLY D 98 -9.30 10.66 44.57
N THR D 99 -10.56 10.96 44.91
CA THR D 99 -10.84 12.06 45.82
C THR D 99 -10.21 11.80 47.18
N LEU D 100 -9.92 12.88 47.90
CA LEU D 100 -9.43 12.83 49.28
C LEU D 100 -10.31 13.78 50.08
N TYR D 101 -11.34 13.22 50.71
CA TYR D 101 -12.29 14.01 51.49
C TYR D 101 -11.98 13.85 52.96
N HIS D 102 -12.00 14.96 53.69
CA HIS D 102 -11.67 14.99 55.10
C HIS D 102 -12.93 15.25 55.93
N TYR D 103 -13.07 14.49 57.00
CA TYR D 103 -14.19 14.60 57.92
C TYR D 103 -13.66 14.75 59.34
N THR D 104 -14.57 14.97 60.28
CA THR D 104 -14.18 14.96 61.69
C THR D 104 -13.67 13.59 62.12
N SER D 105 -14.02 12.53 61.40
CA SER D 105 -13.61 11.17 61.75
C SER D 105 -12.32 10.76 61.06
N GLY D 106 -11.92 11.46 60.00
CA GLY D 106 -10.65 11.19 59.38
C GLY D 106 -10.70 11.43 57.89
N SER D 107 -9.81 10.74 57.19
CA SER D 107 -9.63 10.86 55.75
C SER D 107 -10.23 9.66 55.03
N TYR D 108 -10.84 9.91 53.87
CA TYR D 108 -11.45 8.87 53.05
C TYR D 108 -11.02 9.07 51.60
N TYR D 109 -10.66 7.98 50.93
CA TYR D 109 -10.03 8.02 49.62
C TYR D 109 -10.91 7.35 48.58
N SER D 110 -10.90 7.92 47.37
CA SER D 110 -11.50 7.29 46.19
C SER D 110 -13.01 7.13 46.30
N ASP D 111 -13.69 8.03 47.03
CA ASP D 111 -15.14 8.07 46.95
C ASP D 111 -15.60 8.35 45.52
N ALA D 112 -14.83 9.11 44.76
CA ALA D 112 -15.15 9.43 43.37
C ALA D 112 -13.84 9.76 42.65
N PHE D 113 -13.96 10.30 41.44
CA PHE D 113 -12.84 10.66 40.59
C PHE D 113 -12.96 12.14 40.26
N ASP D 114 -12.15 12.99 40.90
CA ASP D 114 -12.33 14.43 40.77
C ASP D 114 -11.44 15.09 39.72
N ILE D 115 -10.21 14.62 39.55
CA ILE D 115 -9.27 15.21 38.60
C ILE D 115 -9.03 14.21 37.47
N TRP D 116 -9.26 14.66 36.24
CA TRP D 116 -9.06 13.83 35.05
C TRP D 116 -8.09 14.54 34.12
N GLY D 117 -7.09 13.80 33.62
CA GLY D 117 -6.23 14.33 32.59
C GLY D 117 -6.95 14.47 31.26
N GLN D 118 -6.27 15.10 30.30
CA GLN D 118 -6.84 15.27 28.98
C GLN D 118 -6.94 13.94 28.23
N GLY D 119 -6.15 12.95 28.60
CA GLY D 119 -6.19 11.65 27.96
C GLY D 119 -5.23 11.52 26.81
N THR D 120 -4.69 10.32 26.63
CA THR D 120 -3.76 10.02 25.55
C THR D 120 -4.25 8.80 24.78
N LEU D 121 -4.09 8.83 23.46
CA LEU D 121 -4.60 7.79 22.57
C LEU D 121 -3.59 6.68 22.42
N VAL D 122 -4.02 5.45 22.69
CA VAL D 122 -3.22 4.25 22.47
C VAL D 122 -3.92 3.43 21.39
N THR D 123 -3.22 3.16 20.29
CA THR D 123 -3.78 2.45 19.15
C THR D 123 -2.93 1.20 18.90
N VAL D 124 -3.51 0.03 19.15
CA VAL D 124 -2.84 -1.25 18.94
C VAL D 124 -3.31 -1.81 17.60
N SER D 125 -2.41 -1.88 16.64
CA SER D 125 -2.76 -2.35 15.31
C SER D 125 -1.54 -2.95 14.63
N SER D 126 -1.79 -3.87 13.70
CA SER D 126 -0.75 -4.46 12.88
C SER D 126 -0.60 -3.77 11.52
N ALA D 127 -1.45 -2.78 11.24
CA ALA D 127 -1.34 -2.04 9.99
C ALA D 127 -0.13 -1.11 10.04
N SER D 128 0.23 -0.59 8.86
CA SER D 128 1.36 0.32 8.72
C SER D 128 0.89 1.63 8.09
N VAL D 129 1.74 2.65 8.21
CA VAL D 129 1.41 3.97 7.67
C VAL D 129 1.13 3.85 6.18
N LYS D 130 0.04 4.46 5.73
CA LYS D 130 -0.39 4.33 4.35
C LYS D 130 -1.25 5.52 3.97
N GLY D 131 -0.94 6.13 2.82
CA GLY D 131 -1.70 7.24 2.32
C GLY D 131 -3.01 6.81 1.70
N PRO D 132 -3.97 7.72 1.60
CA PRO D 132 -5.30 7.39 1.10
C PRO D 132 -5.46 7.57 -0.40
N SER D 133 -6.28 6.71 -0.97
CA SER D 133 -6.77 6.89 -2.33
C SER D 133 -8.04 7.73 -2.28
N VAL D 134 -8.12 8.74 -3.15
CA VAL D 134 -9.23 9.68 -3.17
C VAL D 134 -10.00 9.49 -4.47
N PHE D 135 -11.27 9.08 -4.35
CA PHE D 135 -12.11 8.85 -5.51
C PHE D 135 -13.31 9.80 -5.49
N PRO D 136 -13.71 10.32 -6.65
CA PRO D 136 -14.83 11.26 -6.68
C PRO D 136 -16.18 10.55 -6.54
N LEU D 137 -17.15 11.33 -6.07
CA LEU D 137 -18.55 10.91 -5.97
C LEU D 137 -19.33 11.88 -6.87
N ALA D 138 -19.38 11.55 -8.16
CA ALA D 138 -19.98 12.47 -9.12
C ALA D 138 -21.48 12.59 -8.87
N PRO D 139 -22.04 13.81 -9.02
CA PRO D 139 -23.48 14.05 -8.83
C PRO D 139 -24.33 13.44 -9.95
N THR D 148 -31.44 20.63 -5.51
CA THR D 148 -30.05 20.61 -5.04
C THR D 148 -29.38 19.27 -5.36
N ALA D 149 -28.13 19.33 -5.80
CA ALA D 149 -27.34 18.15 -6.10
C ALA D 149 -26.34 17.90 -4.98
N ALA D 150 -25.81 16.68 -4.96
CA ALA D 150 -24.84 16.27 -3.96
C ALA D 150 -23.62 15.68 -4.64
N LEU D 151 -22.44 16.00 -4.11
CA LEU D 151 -21.20 15.46 -4.62
C LEU D 151 -20.23 15.30 -3.46
N GLY D 152 -19.16 14.55 -3.69
CA GLY D 152 -18.24 14.31 -2.60
C GLY D 152 -17.02 13.55 -3.06
N CYS D 153 -16.16 13.24 -2.08
CA CYS D 153 -14.93 12.48 -2.29
C CYS D 153 -14.89 11.33 -1.31
N LEU D 154 -14.38 10.18 -1.78
CA LEU D 154 -14.23 8.98 -0.97
C LEU D 154 -12.75 8.82 -0.62
N VAL D 155 -12.42 8.95 0.66
CA VAL D 155 -11.05 8.85 1.15
C VAL D 155 -10.89 7.45 1.73
N LYS D 156 -10.12 6.60 1.05
CA LYS D 156 -10.15 5.17 1.29
C LYS D 156 -8.75 4.59 1.51
N ASP D 157 -8.67 3.59 2.39
CA ASP D 157 -7.49 2.74 2.56
C ASP D 157 -6.27 3.55 3.03
N TYR D 158 -6.42 4.19 4.18
CA TYR D 158 -5.32 4.91 4.80
C TYR D 158 -5.15 4.45 6.24
N PHE D 159 -3.97 4.75 6.80
CA PHE D 159 -3.67 4.48 8.19
C PHE D 159 -2.45 5.30 8.58
N PRO D 160 -2.42 5.89 9.78
CA PRO D 160 -3.50 5.91 10.78
C PRO D 160 -4.37 7.15 10.64
N GLU D 161 -5.25 7.39 11.61
CA GLU D 161 -6.02 8.63 11.62
C GLU D 161 -5.12 9.78 12.07
N PRO D 162 -5.50 11.03 11.73
CA PRO D 162 -6.67 11.44 10.97
C PRO D 162 -6.34 11.92 9.57
N VAL D 163 -7.38 12.17 8.77
CA VAL D 163 -7.26 12.94 7.54
C VAL D 163 -8.12 14.18 7.69
N THR D 164 -7.77 15.23 6.93
CA THR D 164 -8.57 16.43 6.86
C THR D 164 -8.98 16.66 5.41
N VAL D 165 -10.21 17.12 5.22
CA VAL D 165 -10.76 17.36 3.89
C VAL D 165 -11.29 18.79 3.84
N SER D 166 -10.91 19.51 2.79
CA SER D 166 -11.47 20.82 2.49
C SER D 166 -11.96 20.82 1.06
N TRP D 167 -12.76 21.81 0.71
CA TRP D 167 -13.35 21.94 -0.62
C TRP D 167 -12.99 23.31 -1.19
N ASN D 168 -12.42 23.30 -2.40
CA ASN D 168 -12.00 24.52 -3.08
C ASN D 168 -11.04 25.34 -2.22
N SER D 169 -10.06 24.65 -1.64
CA SER D 169 -9.02 25.28 -0.82
C SER D 169 -9.63 26.06 0.35
N GLY D 170 -10.70 25.52 0.94
CA GLY D 170 -11.33 26.13 2.09
C GLY D 170 -12.40 27.15 1.78
N ALA D 171 -12.56 27.55 0.51
CA ALA D 171 -13.57 28.54 0.17
C ALA D 171 -14.99 28.00 0.29
N LEU D 172 -15.16 26.68 0.34
CA LEU D 172 -16.48 26.06 0.40
C LEU D 172 -16.60 25.31 1.72
N THR D 173 -17.37 25.87 2.65
CA THR D 173 -17.62 25.23 3.94
C THR D 173 -19.08 24.98 4.24
N SER D 174 -20.00 25.63 3.54
CA SER D 174 -21.43 25.47 3.80
C SER D 174 -21.93 24.15 3.25
N GLY D 175 -22.71 23.44 4.05
CA GLY D 175 -23.26 22.17 3.62
C GLY D 175 -22.26 21.06 3.49
N VAL D 176 -21.06 21.23 4.02
CA VAL D 176 -20.03 20.19 3.96
C VAL D 176 -20.27 19.20 5.10
N HIS D 177 -20.18 17.92 4.78
CA HIS D 177 -20.32 16.85 5.76
C HIS D 177 -19.19 15.85 5.54
N THR D 178 -18.25 15.79 6.48
CA THR D 178 -17.17 14.81 6.48
C THR D 178 -17.46 13.81 7.58
N PHE D 179 -17.73 12.57 7.19
CA PHE D 179 -18.17 11.54 8.11
C PHE D 179 -17.00 10.98 8.91
N PRO D 180 -17.26 10.51 10.14
CA PRO D 180 -16.21 9.84 10.90
C PRO D 180 -15.71 8.60 10.16
N ALA D 181 -14.39 8.38 10.23
CA ALA D 181 -13.79 7.24 9.57
C ALA D 181 -14.27 5.95 10.21
N VAL D 182 -14.34 4.90 9.40
CA VAL D 182 -14.68 3.56 9.87
C VAL D 182 -13.46 2.67 9.67
N LEU D 183 -13.21 1.81 10.66
CA LEU D 183 -12.09 0.88 10.58
C LEU D 183 -12.56 -0.37 9.83
N GLN D 184 -11.97 -0.61 8.66
CA GLN D 184 -12.37 -1.74 7.84
C GLN D 184 -11.74 -3.03 8.34
N SER D 185 -12.19 -4.14 7.76
CA SER D 185 -11.68 -5.46 8.12
C SER D 185 -10.22 -5.64 7.73
N SER D 186 -9.71 -4.82 6.82
CA SER D 186 -8.30 -4.87 6.44
C SER D 186 -7.40 -4.17 7.45
N GLY D 187 -7.96 -3.49 8.44
CA GLY D 187 -7.19 -2.67 9.36
C GLY D 187 -6.95 -1.25 8.89
N LEU D 188 -7.45 -0.89 7.72
CA LEU D 188 -7.31 0.46 7.18
C LEU D 188 -8.61 1.24 7.36
N TYR D 189 -8.48 2.55 7.34
CA TYR D 189 -9.62 3.45 7.55
C TYR D 189 -10.17 3.93 6.22
N SER D 190 -11.39 4.45 6.28
CA SER D 190 -12.06 4.99 5.10
C SER D 190 -13.18 5.91 5.56
N LEU D 191 -13.38 7.00 4.82
CA LEU D 191 -14.48 7.92 5.09
C LEU D 191 -14.89 8.57 3.77
N SER D 192 -15.92 9.40 3.85
CA SER D 192 -16.36 10.22 2.73
C SER D 192 -16.64 11.63 3.23
N SER D 193 -16.43 12.60 2.35
CA SER D 193 -16.81 13.99 2.59
C SER D 193 -17.71 14.43 1.46
N VAL D 194 -18.92 14.87 1.80
CA VAL D 194 -19.92 15.25 0.80
C VAL D 194 -20.31 16.71 1.01
N VAL D 195 -20.96 17.26 0.00
CA VAL D 195 -21.43 18.64 0.04
C VAL D 195 -22.56 18.77 -0.98
N THR D 196 -23.58 19.55 -0.62
CA THR D 196 -24.72 19.79 -1.49
C THR D 196 -24.60 21.17 -2.12
N VAL D 197 -24.81 21.24 -3.44
CA VAL D 197 -24.66 22.48 -4.21
C VAL D 197 -25.87 22.63 -5.11
N PRO D 198 -26.12 23.80 -5.69
CA PRO D 198 -27.25 23.93 -6.63
C PRO D 198 -27.01 23.12 -7.90
N SER D 199 -28.12 22.59 -8.45
CA SER D 199 -28.05 21.84 -9.70
C SER D 199 -27.59 22.69 -10.87
N SER D 200 -27.81 24.01 -10.81
CA SER D 200 -27.38 24.89 -11.88
C SER D 200 -25.88 25.13 -11.88
N SER D 201 -25.21 24.92 -10.74
CA SER D 201 -23.80 25.26 -10.60
C SER D 201 -22.87 24.23 -11.23
N LEU D 202 -23.35 23.01 -11.50
CA LEU D 202 -22.46 21.94 -11.93
C LEU D 202 -21.78 22.24 -13.25
N GLY D 203 -22.45 22.97 -14.14
CA GLY D 203 -21.87 23.23 -15.45
C GLY D 203 -20.72 24.22 -15.42
N THR D 204 -20.82 25.24 -14.59
CA THR D 204 -19.85 26.34 -14.56
C THR D 204 -18.90 26.27 -13.37
N GLN D 205 -19.41 26.12 -12.15
CA GLN D 205 -18.58 26.14 -10.97
C GLN D 205 -17.77 24.85 -10.84
N THR D 206 -16.51 24.99 -10.42
CA THR D 206 -15.62 23.86 -10.22
C THR D 206 -15.67 23.39 -8.76
N TYR D 207 -15.36 22.13 -8.55
CA TYR D 207 -15.38 21.54 -7.21
C TYR D 207 -14.19 20.60 -7.05
N ILE D 208 -13.37 20.86 -6.04
CA ILE D 208 -12.16 20.09 -5.78
C ILE D 208 -12.07 19.83 -4.29
N CYS D 209 -11.80 18.58 -3.91
CA CYS D 209 -11.58 18.23 -2.51
C CYS D 209 -10.08 18.12 -2.25
N ASN D 210 -9.64 18.69 -1.14
CA ASN D 210 -8.24 18.69 -0.76
C ASN D 210 -8.10 17.77 0.45
N VAL D 211 -7.44 16.64 0.25
CA VAL D 211 -7.27 15.62 1.28
C VAL D 211 -5.87 15.72 1.85
N ASN D 212 -5.75 15.57 3.17
CA ASN D 212 -4.49 15.71 3.88
C ASN D 212 -4.30 14.51 4.79
N HIS D 213 -3.19 13.78 4.60
CA HIS D 213 -2.79 12.72 5.52
C HIS D 213 -1.36 13.02 5.96
N LYS D 214 -1.23 13.67 7.12
CA LYS D 214 0.09 14.04 7.61
C LYS D 214 1.00 12.86 7.93
N PRO D 215 0.54 11.77 8.57
CA PRO D 215 1.48 10.68 8.88
C PRO D 215 2.19 10.09 7.67
N SER D 216 1.52 10.03 6.51
CA SER D 216 2.13 9.52 5.29
C SER D 216 2.59 10.63 4.36
N ASN D 217 2.45 11.89 4.77
CA ASN D 217 2.89 13.05 3.97
C ASN D 217 2.25 13.09 2.60
N THR D 218 1.00 12.66 2.50
CA THR D 218 0.26 12.69 1.25
C THR D 218 -0.75 13.83 1.25
N LYS D 219 -1.05 14.32 0.05
CA LYS D 219 -1.96 15.45 -0.09
C LYS D 219 -2.51 15.42 -1.51
N VAL D 220 -3.79 15.15 -1.65
CA VAL D 220 -4.41 14.89 -2.94
C VAL D 220 -5.51 15.93 -3.19
N ASP D 221 -5.42 16.63 -4.31
CA ASP D 221 -6.48 17.50 -4.80
C ASP D 221 -7.22 16.76 -5.91
N LYS D 222 -8.51 16.47 -5.67
CA LYS D 222 -9.31 15.68 -6.60
C LYS D 222 -10.51 16.50 -7.04
N LYS D 223 -10.62 16.77 -8.33
CA LYS D 223 -11.73 17.54 -8.87
C LYS D 223 -12.88 16.61 -9.22
N VAL D 224 -14.08 16.97 -8.73
CA VAL D 224 -15.27 16.15 -8.88
C VAL D 224 -16.21 16.85 -9.87
N GLU D 225 -16.51 16.17 -10.96
CA GLU D 225 -17.31 16.72 -12.05
C GLU D 225 -18.21 15.63 -12.59
N PRO D 226 -19.33 16.00 -13.21
CA PRO D 226 -20.26 14.98 -13.74
C PRO D 226 -19.66 14.21 -14.91
N LYS D 227 -20.19 13.01 -15.11
CA LYS D 227 -19.76 12.14 -16.20
C LYS D 227 -20.95 11.47 -16.87
N GLU E 1 31.29 -17.02 25.93
CA GLU E 1 31.13 -16.65 24.53
C GLU E 1 32.38 -16.98 23.73
N ILE E 2 32.24 -17.82 22.71
CA ILE E 2 33.37 -18.18 21.87
C ILE E 2 33.72 -17.00 20.96
N VAL E 3 35.00 -16.64 20.95
CA VAL E 3 35.49 -15.51 20.16
C VAL E 3 36.15 -16.05 18.90
N LEU E 4 35.76 -15.50 17.75
CA LEU E 4 36.33 -15.86 16.46
C LEU E 4 37.13 -14.66 15.96
N THR E 5 38.43 -14.84 15.78
CA THR E 5 39.32 -13.78 15.33
C THR E 5 39.77 -14.10 13.91
N GLN E 6 39.28 -13.33 12.95
CA GLN E 6 39.69 -13.50 11.57
C GLN E 6 40.99 -12.76 11.30
N SER E 7 41.75 -13.28 10.31
CA SER E 7 43.03 -12.72 9.96
C SER E 7 43.24 -12.86 8.46
N PRO E 8 43.59 -11.78 7.76
CA PRO E 8 43.75 -10.40 8.26
C PRO E 8 42.41 -9.67 8.29
N SER E 9 42.34 -8.51 8.93
CA SER E 9 41.09 -7.74 8.90
C SER E 9 40.81 -7.21 7.50
N SER E 10 41.85 -6.93 6.73
CA SER E 10 41.71 -6.46 5.35
C SER E 10 42.91 -6.94 4.55
N LEU E 11 42.69 -7.20 3.27
CA LEU E 11 43.76 -7.60 2.39
C LEU E 11 43.46 -7.13 0.98
N SER E 12 44.50 -6.75 0.26
CA SER E 12 44.40 -6.34 -1.14
C SER E 12 44.89 -7.48 -2.03
N ALA E 13 44.14 -7.75 -3.10
CA ALA E 13 44.48 -8.84 -4.00
C ALA E 13 44.02 -8.49 -5.41
N SER E 14 44.75 -9.01 -6.38
CA SER E 14 44.45 -8.83 -7.79
C SER E 14 43.65 -10.01 -8.32
N VAL E 15 43.04 -9.81 -9.49
CA VAL E 15 42.32 -10.91 -10.14
C VAL E 15 43.32 -12.02 -10.47
N GLY E 16 43.04 -13.21 -9.96
CA GLY E 16 43.92 -14.35 -10.16
C GLY E 16 44.80 -14.71 -8.98
N ASP E 17 44.76 -13.93 -7.90
CA ASP E 17 45.56 -14.23 -6.72
C ASP E 17 44.99 -15.44 -5.97
N ARG E 18 45.87 -16.13 -5.26
CA ARG E 18 45.45 -17.15 -4.30
C ARG E 18 45.19 -16.45 -2.96
N VAL E 19 43.92 -16.37 -2.57
CA VAL E 19 43.51 -15.65 -1.38
C VAL E 19 43.29 -16.65 -0.25
N THR E 20 43.86 -16.35 0.91
CA THR E 20 43.78 -17.22 2.08
C THR E 20 43.36 -16.39 3.28
N ILE E 21 42.25 -16.77 3.90
CA ILE E 21 41.69 -16.07 5.05
C ILE E 21 41.52 -17.07 6.19
N THR E 22 41.98 -16.69 7.38
CA THR E 22 41.95 -17.58 8.53
C THR E 22 40.99 -17.05 9.59
N CYS E 23 40.59 -17.95 10.49
CA CYS E 23 39.65 -17.63 11.55
C CYS E 23 39.91 -18.57 12.72
N GLN E 24 40.27 -18.01 13.88
CA GLN E 24 40.68 -18.80 15.03
C GLN E 24 39.69 -18.63 16.16
N ALA E 25 39.26 -19.75 16.75
CA ALA E 25 38.32 -19.75 17.86
C ALA E 25 39.05 -19.87 19.19
N SER E 26 38.52 -19.20 20.22
CA SER E 26 39.11 -19.23 21.54
C SER E 26 39.01 -20.59 22.22
N GLN E 27 38.20 -21.50 21.67
CA GLN E 27 38.15 -22.87 22.16
C GLN E 27 37.73 -23.77 21.01
N ASP E 28 37.98 -25.07 21.16
CA ASP E 28 37.74 -26.00 20.06
C ASP E 28 36.26 -26.08 19.74
N ILE E 29 35.95 -26.11 18.45
CA ILE E 29 34.56 -26.12 17.99
C ILE E 29 34.38 -27.21 16.94
N SER E 30 35.27 -28.19 16.94
CA SER E 30 35.26 -29.30 15.96
C SER E 30 35.31 -28.68 14.57
N ASN E 31 34.47 -29.10 13.63
CA ASN E 31 34.37 -28.45 12.33
C ASN E 31 33.05 -27.69 12.16
N TYR E 32 32.41 -27.33 13.27
CA TYR E 32 31.16 -26.57 13.24
C TYR E 32 31.48 -25.09 12.99
N LEU E 33 31.95 -24.82 11.78
CA LEU E 33 32.29 -23.46 11.37
C LEU E 33 31.79 -23.22 9.95
N ASN E 34 31.23 -22.04 9.73
CA ASN E 34 30.65 -21.65 8.45
C ASN E 34 31.32 -20.40 7.93
N TRP E 35 31.20 -20.18 6.62
CA TRP E 35 31.76 -19.00 5.97
C TRP E 35 30.66 -18.31 5.17
N TYR E 36 30.54 -17.00 5.35
CA TYR E 36 29.56 -16.19 4.65
C TYR E 36 30.27 -15.11 3.84
N GLN E 37 29.61 -14.67 2.77
CA GLN E 37 30.09 -13.60 1.92
C GLN E 37 29.05 -12.50 1.88
N GLN E 38 29.47 -11.26 2.16
CA GLN E 38 28.55 -10.13 2.17
C GLN E 38 29.12 -9.01 1.32
N LYS E 39 28.27 -8.45 0.47
CA LYS E 39 28.57 -7.29 -0.36
C LYS E 39 27.75 -6.09 0.11
N PRO E 40 28.21 -4.86 -0.17
CA PRO E 40 27.55 -3.69 0.42
C PRO E 40 26.07 -3.60 0.07
N GLY E 41 25.25 -3.38 1.08
CA GLY E 41 23.82 -3.20 0.90
C GLY E 41 23.03 -4.49 0.73
N LYS E 42 23.64 -5.65 0.92
CA LYS E 42 22.99 -6.92 0.70
C LYS E 42 23.22 -7.84 1.88
N ALA E 43 22.34 -8.83 2.02
CA ALA E 43 22.40 -9.77 3.12
C ALA E 43 23.58 -10.73 2.94
N PRO E 44 24.08 -11.31 4.04
CA PRO E 44 25.13 -12.31 3.92
C PRO E 44 24.63 -13.54 3.17
N LYS E 45 25.55 -14.19 2.46
CA LYS E 45 25.25 -15.35 1.64
C LYS E 45 26.08 -16.52 2.12
N LEU E 46 25.40 -17.61 2.48
CA LEU E 46 26.10 -18.79 2.98
C LEU E 46 26.94 -19.42 1.88
N LEU E 47 28.22 -19.62 2.16
CA LEU E 47 29.14 -20.23 1.20
C LEU E 47 29.57 -21.63 1.61
N ILE E 48 30.04 -21.81 2.84
CA ILE E 48 30.55 -23.08 3.31
C ILE E 48 29.96 -23.36 4.68
N TYR E 49 29.54 -24.60 4.91
CA TYR E 49 29.20 -25.08 6.24
C TYR E 49 30.03 -26.31 6.54
N ALA E 50 30.13 -26.64 7.83
CA ALA E 50 30.92 -27.77 8.30
C ALA E 50 32.37 -27.67 7.82
N ALA E 51 32.93 -26.46 7.95
CA ALA E 51 34.32 -26.16 7.62
C ALA E 51 34.63 -26.28 6.13
N SER E 52 34.16 -27.34 5.47
CA SER E 52 34.57 -27.62 4.10
C SER E 52 33.43 -27.85 3.11
N SER E 53 32.22 -28.14 3.56
CA SER E 53 31.14 -28.49 2.65
C SER E 53 30.58 -27.26 1.95
N LEU E 54 30.55 -27.29 0.63
CA LEU E 54 30.07 -26.15 -0.15
C LEU E 54 28.56 -26.15 -0.26
N GLU E 55 27.97 -24.97 -0.07
CA GLU E 55 26.56 -24.76 -0.36
C GLU E 55 26.32 -24.84 -1.86
N SER E 56 25.13 -25.31 -2.25
CA SER E 56 24.81 -25.46 -3.66
C SER E 56 24.91 -24.12 -4.38
N GLY E 57 25.61 -24.12 -5.50
CA GLY E 57 25.80 -22.93 -6.30
C GLY E 57 27.14 -22.24 -6.13
N VAL E 58 27.89 -22.57 -5.10
CA VAL E 58 29.17 -21.89 -4.83
C VAL E 58 30.24 -22.44 -5.77
N PRO E 59 31.00 -21.58 -6.46
CA PRO E 59 32.04 -22.07 -7.38
C PRO E 59 33.10 -22.89 -6.67
N SER E 60 33.76 -23.75 -7.47
CA SER E 60 34.73 -24.68 -6.92
C SER E 60 36.02 -24.01 -6.46
N ARG E 61 36.25 -22.76 -6.87
CA ARG E 61 37.46 -22.05 -6.44
C ARG E 61 37.44 -21.74 -4.95
N PHE E 62 36.27 -21.77 -4.32
CA PHE E 62 36.17 -21.65 -2.87
C PHE E 62 36.36 -23.01 -2.22
N SER E 63 37.05 -23.01 -1.09
CA SER E 63 37.24 -24.24 -0.32
C SER E 63 37.61 -23.86 1.10
N GLY E 64 37.28 -24.74 2.04
CA GLY E 64 37.56 -24.52 3.43
C GLY E 64 38.21 -25.73 4.07
N SER E 65 38.95 -25.47 5.14
CA SER E 65 39.63 -26.53 5.87
C SER E 65 39.77 -26.10 7.32
N GLY E 66 40.04 -27.08 8.18
CA GLY E 66 40.29 -26.82 9.59
C GLY E 66 39.37 -27.60 10.50
N SER E 67 39.84 -27.84 11.73
CA SER E 67 39.05 -28.50 12.75
C SER E 67 39.67 -28.19 14.11
N GLY E 68 38.82 -27.91 15.10
CA GLY E 68 39.30 -27.55 16.41
C GLY E 68 39.26 -26.06 16.65
N THR E 69 40.40 -25.39 16.45
CA THR E 69 40.52 -23.97 16.75
C THR E 69 40.96 -23.11 15.58
N ASP E 70 41.51 -23.68 14.52
CA ASP E 70 42.07 -22.91 13.41
C ASP E 70 41.44 -23.35 12.10
N PHE E 71 41.04 -22.38 11.29
CA PHE E 71 40.31 -22.65 10.06
C PHE E 71 40.82 -21.72 8.96
N THR E 72 40.54 -22.11 7.72
CA THR E 72 41.04 -21.37 6.56
C THR E 72 40.01 -21.42 5.43
N LEU E 73 39.77 -20.27 4.82
CA LEU E 73 39.00 -20.16 3.58
C LEU E 73 39.95 -19.76 2.45
N THR E 74 39.82 -20.42 1.31
CA THR E 74 40.73 -20.22 0.20
C THR E 74 39.97 -19.97 -1.10
N ILE E 75 40.44 -18.99 -1.86
CA ILE E 75 39.99 -18.75 -3.22
C ILE E 75 41.20 -19.01 -4.11
N SER E 76 41.16 -20.10 -4.88
CA SER E 76 42.31 -20.48 -5.68
C SER E 76 42.66 -19.43 -6.73
N SER E 77 41.65 -18.69 -7.21
CA SER E 77 41.88 -17.64 -8.20
C SER E 77 40.84 -16.56 -7.96
N GLN E 78 41.29 -15.42 -7.42
CA GLN E 78 40.40 -14.31 -7.16
C GLN E 78 39.74 -13.83 -8.46
N GLN E 79 38.43 -13.65 -8.42
CA GLN E 79 37.62 -13.24 -9.55
C GLN E 79 36.95 -11.90 -9.26
N PRO E 80 36.49 -11.19 -10.31
CA PRO E 80 35.89 -9.86 -10.07
C PRO E 80 34.74 -9.87 -9.08
N GLU E 81 33.90 -10.91 -9.10
CA GLU E 81 32.76 -10.97 -8.19
C GLU E 81 33.15 -11.37 -6.77
N ASP E 82 34.41 -11.75 -6.55
CA ASP E 82 34.84 -12.23 -5.24
C ASP E 82 35.24 -11.12 -4.28
N PHE E 83 35.35 -9.88 -4.75
CA PHE E 83 35.72 -8.77 -3.88
C PHE E 83 34.54 -8.43 -2.97
N ALA E 84 34.67 -8.75 -1.68
CA ALA E 84 33.62 -8.53 -0.71
C ALA E 84 34.16 -8.66 0.71
N THR E 85 33.27 -8.95 1.67
CA THR E 85 33.65 -9.19 3.05
C THR E 85 33.21 -10.59 3.46
N TYR E 86 34.10 -11.31 4.12
CA TYR E 86 33.88 -12.71 4.49
C TYR E 86 33.85 -12.85 6.01
N TYR E 87 32.86 -13.57 6.50
CA TYR E 87 32.68 -13.79 7.94
C TYR E 87 32.69 -15.28 8.23
N CYS E 88 33.44 -15.67 9.26
CA CYS E 88 33.28 -17.01 9.81
C CYS E 88 32.25 -17.00 10.94
N GLN E 89 31.70 -18.16 11.23
CA GLN E 89 30.63 -18.28 12.22
C GLN E 89 30.64 -19.70 12.79
N GLN E 90 30.55 -19.81 14.10
CA GLN E 90 30.58 -21.10 14.78
C GLN E 90 29.16 -21.51 15.19
N ALA E 91 28.89 -22.81 15.12
CA ALA E 91 27.61 -23.38 15.53
C ALA E 91 27.82 -24.49 16.55
N ASN E 92 28.92 -24.42 17.30
CA ASN E 92 29.23 -25.47 18.26
C ASN E 92 28.37 -25.34 19.51
N SER E 93 28.29 -24.15 20.09
CA SER E 93 27.54 -23.96 21.32
C SER E 93 26.98 -22.54 21.34
N PHE E 94 25.99 -22.34 22.22
CA PHE E 94 25.35 -21.04 22.37
C PHE E 94 26.28 -20.08 23.12
N PRO E 95 26.31 -18.81 22.72
CA PRO E 95 25.58 -18.20 21.60
C PRO E 95 26.32 -18.35 20.28
N TYR E 96 25.60 -18.43 19.16
CA TYR E 96 26.26 -18.35 17.86
C TYR E 96 27.03 -17.04 17.75
N THR E 97 28.26 -17.12 17.26
CA THR E 97 29.11 -15.94 17.15
C THR E 97 29.72 -15.85 15.76
N PHE E 98 30.04 -14.63 15.36
CA PHE E 98 30.63 -14.34 14.07
C PHE E 98 32.03 -13.75 14.26
N GLY E 99 32.90 -13.97 13.28
CA GLY E 99 34.14 -13.24 13.24
C GLY E 99 33.91 -11.78 12.88
N GLN E 100 34.91 -10.94 13.20
CA GLN E 100 34.74 -9.52 12.95
C GLN E 100 34.76 -9.17 11.46
N GLY E 101 35.15 -10.10 10.61
CA GLY E 101 35.03 -9.89 9.18
C GLY E 101 36.38 -9.65 8.53
N THR E 102 36.47 -10.01 7.25
CA THR E 102 37.67 -9.82 6.44
C THR E 102 37.24 -9.27 5.09
N LYS E 103 37.75 -8.09 4.74
CA LYS E 103 37.37 -7.41 3.51
C LYS E 103 38.47 -7.57 2.46
N VAL E 104 38.13 -8.16 1.33
CA VAL E 104 39.04 -8.32 0.20
C VAL E 104 38.81 -7.15 -0.76
N GLU E 105 39.86 -6.37 -1.01
CA GLU E 105 39.78 -5.17 -1.83
C GLU E 105 40.73 -5.27 -3.01
N ILE E 106 40.47 -4.42 -4.01
CA ILE E 106 41.23 -4.46 -5.26
C ILE E 106 42.62 -3.89 -5.04
N LYS E 107 43.64 -4.67 -5.39
CA LYS E 107 45.00 -4.18 -5.41
C LYS E 107 45.27 -3.44 -6.71
N ARG E 108 45.95 -2.30 -6.61
CA ARG E 108 46.29 -1.51 -7.79
C ARG E 108 47.51 -0.65 -7.46
N THR E 109 47.87 0.24 -8.38
CA THR E 109 49.03 1.09 -8.23
C THR E 109 48.73 2.24 -7.26
N VAL E 110 49.77 2.67 -6.55
CA VAL E 110 49.63 3.76 -5.59
C VAL E 110 49.31 5.06 -6.32
N ALA E 111 48.39 5.84 -5.76
CA ALA E 111 47.98 7.11 -6.36
C ALA E 111 47.91 8.17 -5.26
N ALA E 112 48.55 9.31 -5.52
CA ALA E 112 48.53 10.42 -4.57
C ALA E 112 47.17 11.11 -4.57
N PRO E 113 46.74 11.63 -3.42
CA PRO E 113 45.42 12.27 -3.35
C PRO E 113 45.44 13.76 -3.67
N SER E 114 44.41 14.20 -4.38
CA SER E 114 44.17 15.63 -4.54
C SER E 114 43.59 16.19 -3.25
N VAL E 115 44.18 17.27 -2.75
CA VAL E 115 43.81 17.82 -1.45
C VAL E 115 43.19 19.19 -1.66
N PHE E 116 41.96 19.35 -1.20
CA PHE E 116 41.25 20.62 -1.21
C PHE E 116 40.81 20.96 0.21
N ILE E 117 40.71 22.26 0.49
CA ILE E 117 40.18 22.74 1.76
C ILE E 117 39.08 23.75 1.44
N PHE E 118 37.95 23.63 2.14
CA PHE E 118 36.81 24.52 1.95
C PHE E 118 36.53 25.28 3.23
N PRO E 119 36.63 26.60 3.25
CA PRO E 119 36.24 27.37 4.43
C PRO E 119 34.74 27.29 4.63
N PRO E 120 34.26 27.51 5.86
CA PRO E 120 32.81 27.46 6.09
C PRO E 120 32.10 28.61 5.37
N SER E 121 30.92 28.29 4.83
CA SER E 121 30.11 29.21 4.04
C SER E 121 29.43 30.25 4.92
N ASP E 122 29.37 31.49 4.39
CA ASP E 122 28.83 32.62 5.13
C ASP E 122 27.46 32.31 5.72
N GLU E 123 26.65 31.48 5.04
CA GLU E 123 25.33 31.18 5.57
C GLU E 123 25.40 30.30 6.81
N GLN E 124 26.38 29.39 6.86
CA GLN E 124 26.56 28.58 8.07
C GLN E 124 27.12 29.41 9.21
N LEU E 125 28.06 30.31 8.91
CA LEU E 125 28.56 31.25 9.92
C LEU E 125 27.41 32.12 10.44
N LYS E 126 26.61 32.68 9.54
CA LYS E 126 25.42 33.44 9.93
C LYS E 126 24.50 32.66 10.86
N SER E 127 24.57 31.33 10.83
CA SER E 127 23.78 30.46 11.69
C SER E 127 24.53 30.02 12.94
N GLY E 128 25.73 30.55 13.18
CA GLY E 128 26.43 30.35 14.43
C GLY E 128 27.36 29.15 14.50
N THR E 129 27.59 28.46 13.38
CA THR E 129 28.45 27.28 13.35
C THR E 129 29.44 27.39 12.20
N ALA E 130 30.64 26.88 12.43
CA ALA E 130 31.70 26.87 11.43
C ALA E 130 32.15 25.44 11.18
N SER E 131 32.04 25.00 9.92
CA SER E 131 32.48 23.67 9.52
C SER E 131 33.53 23.80 8.42
N VAL E 132 34.78 23.51 8.75
CA VAL E 132 35.85 23.43 7.78
C VAL E 132 35.97 21.98 7.32
N VAL E 133 36.05 21.77 6.00
CA VAL E 133 36.08 20.44 5.43
C VAL E 133 37.30 20.32 4.51
N CYS E 134 38.06 19.25 4.68
CA CYS E 134 39.23 18.96 3.87
C CYS E 134 38.96 17.69 3.06
N LEU E 135 39.33 17.71 1.78
CA LEU E 135 39.03 16.64 0.85
C LEU E 135 40.31 15.95 0.39
N LEU E 136 40.31 14.62 0.43
CA LEU E 136 41.33 13.79 -0.19
C LEU E 136 40.63 13.01 -1.31
N ASN E 137 41.03 13.29 -2.55
CA ASN E 137 40.30 12.80 -3.71
C ASN E 137 41.12 11.78 -4.48
N ASN E 138 40.54 10.60 -4.68
CA ASN E 138 41.09 9.55 -5.54
C ASN E 138 42.53 9.12 -5.25
N PHE E 139 42.72 8.29 -4.23
CA PHE E 139 44.04 7.82 -3.84
C PHE E 139 43.98 6.34 -3.53
N TYR E 140 45.16 5.76 -3.28
CA TYR E 140 45.28 4.35 -2.94
C TYR E 140 46.68 4.14 -2.39
N PRO E 141 46.85 3.35 -1.33
CA PRO E 141 45.84 2.58 -0.59
C PRO E 141 45.02 3.45 0.36
N ARG E 142 44.07 2.85 1.08
CA ARG E 142 43.18 3.62 1.94
C ARG E 142 43.91 4.20 3.15
N GLU E 143 44.98 3.54 3.61
CA GLU E 143 45.72 3.96 4.79
C GLU E 143 46.25 5.38 4.62
N ALA E 144 45.58 6.35 5.24
CA ALA E 144 45.99 7.75 5.15
C ALA E 144 45.71 8.43 6.49
N LYS E 145 46.49 9.47 6.78
CA LYS E 145 46.35 10.24 8.01
C LYS E 145 46.11 11.70 7.67
N VAL E 146 45.21 12.33 8.41
CA VAL E 146 44.83 13.72 8.20
C VAL E 146 44.90 14.45 9.52
N GLN E 147 45.57 15.60 9.54
CA GLN E 147 45.74 16.39 10.74
C GLN E 147 45.32 17.84 10.48
N TRP E 148 44.63 18.42 11.45
CA TRP E 148 44.19 19.81 11.37
C TRP E 148 45.15 20.71 12.14
N LYS E 149 45.42 21.88 11.57
CA LYS E 149 46.31 22.86 12.18
C LYS E 149 45.62 24.22 12.20
N VAL E 150 45.35 24.73 13.40
CA VAL E 150 44.70 26.02 13.58
C VAL E 150 45.73 26.94 14.23
N ASP E 151 46.32 27.82 13.43
CA ASP E 151 47.43 28.67 13.86
C ASP E 151 48.55 27.84 14.48
N ASN E 152 48.98 26.82 13.73
CA ASN E 152 50.10 25.95 14.11
C ASN E 152 49.78 25.14 15.36
N ALA E 153 48.51 24.77 15.55
CA ALA E 153 48.09 23.96 16.69
C ALA E 153 47.27 22.78 16.18
N LEU E 154 47.67 21.58 16.57
CA LEU E 154 46.97 20.38 16.13
C LEU E 154 45.66 20.22 16.91
N GLN E 155 44.59 19.93 16.18
CA GLN E 155 43.28 19.73 16.80
C GLN E 155 43.05 18.25 17.05
N SER E 156 42.35 17.95 18.15
CA SER E 156 42.10 16.59 18.55
C SER E 156 40.67 16.46 19.08
N GLY E 157 40.00 15.39 18.66
CA GLY E 157 38.68 15.10 19.16
C GLY E 157 37.58 16.05 18.73
N ASN E 158 37.81 16.84 17.68
CA ASN E 158 36.81 17.78 17.20
C ASN E 158 36.61 17.67 15.68
N SER E 159 37.02 16.56 15.08
CA SER E 159 36.86 16.34 13.65
C SER E 159 36.26 14.96 13.40
N GLN E 160 35.63 14.81 12.24
CA GLN E 160 35.05 13.55 11.82
C GLN E 160 35.35 13.33 10.35
N GLU E 161 35.81 12.12 10.01
CA GLU E 161 36.15 11.78 8.64
C GLU E 161 35.27 10.62 8.17
N SER E 162 35.02 10.59 6.86
CA SER E 162 34.28 9.51 6.24
C SER E 162 34.96 9.13 4.92
N VAL E 163 34.98 7.85 4.62
CA VAL E 163 35.67 7.32 3.44
C VAL E 163 34.66 6.64 2.53
N THR E 164 34.80 6.86 1.23
CA THR E 164 33.98 6.16 0.26
C THR E 164 34.57 4.78 -0.01
N GLU E 165 33.77 3.93 -0.67
CA GLU E 165 34.25 2.62 -1.07
C GLU E 165 35.09 2.76 -2.34
N GLN E 166 35.67 1.66 -2.80
CA GLN E 166 36.54 1.71 -3.97
C GLN E 166 35.74 2.11 -5.20
N ASP E 167 36.23 3.13 -5.90
CA ASP E 167 35.58 3.62 -7.11
C ASP E 167 35.47 2.50 -8.15
N SER E 168 34.30 2.40 -8.79
CA SER E 168 34.06 1.29 -9.69
C SER E 168 34.91 1.37 -10.96
N LYS E 169 35.51 2.52 -11.24
CA LYS E 169 36.33 2.70 -12.44
C LYS E 169 37.82 2.59 -12.14
N ASP E 170 38.37 3.49 -11.32
CA ASP E 170 39.80 3.53 -11.05
C ASP E 170 40.18 2.83 -9.74
N SER E 171 39.20 2.36 -8.96
CA SER E 171 39.44 1.60 -7.73
C SER E 171 40.28 2.39 -6.73
N THR E 172 39.95 3.68 -6.57
CA THR E 172 40.62 4.54 -5.62
C THR E 172 39.67 4.91 -4.48
N TYR E 173 40.24 5.47 -3.42
CA TYR E 173 39.50 5.89 -2.24
C TYR E 173 39.44 7.41 -2.16
N SER E 174 38.33 7.91 -1.62
CA SER E 174 38.16 9.33 -1.36
C SER E 174 37.77 9.52 0.10
N LEU E 175 38.37 10.53 0.74
CA LEU E 175 38.18 10.78 2.16
C LEU E 175 37.83 12.24 2.37
N SER E 176 36.85 12.50 3.25
CA SER E 176 36.45 13.85 3.61
C SER E 176 36.54 14.00 5.12
N SER E 177 37.36 14.93 5.57
CA SER E 177 37.51 15.23 7.00
C SER E 177 36.90 16.59 7.28
N THR E 178 35.99 16.65 8.24
CA THR E 178 35.25 17.87 8.58
C THR E 178 35.58 18.29 9.99
N LEU E 179 35.98 19.55 10.16
CA LEU E 179 36.28 20.13 11.45
C LEU E 179 35.18 21.11 11.82
N THR E 180 34.60 20.93 13.01
CA THR E 180 33.46 21.74 13.46
C THR E 180 33.88 22.59 14.64
N LEU E 181 33.72 23.90 14.51
CA LEU E 181 34.02 24.85 15.57
C LEU E 181 32.88 25.86 15.66
N SER E 182 32.75 26.48 16.82
CA SER E 182 31.72 27.48 17.03
C SER E 182 32.07 28.76 16.27
N LYS E 183 31.06 29.61 16.11
CA LYS E 183 31.26 30.86 15.39
C LYS E 183 32.28 31.74 16.10
N ALA E 184 32.30 31.69 17.43
CA ALA E 184 33.28 32.47 18.20
C ALA E 184 34.67 31.88 18.12
N ASP E 185 34.79 30.55 18.28
CA ASP E 185 36.09 29.90 18.18
C ASP E 185 36.69 30.08 16.80
N TYR E 186 35.86 30.10 15.76
CA TYR E 186 36.36 30.23 14.40
C TYR E 186 36.92 31.63 14.14
N GLU E 187 36.24 32.67 14.64
CA GLU E 187 36.70 34.03 14.41
C GLU E 187 37.96 34.38 15.18
N LYS E 188 38.36 33.56 16.16
CA LYS E 188 39.54 33.87 16.95
C LYS E 188 40.81 33.77 16.13
N HIS E 189 40.97 32.69 15.38
CA HIS E 189 42.22 32.41 14.70
C HIS E 189 42.19 32.91 13.26
N LYS E 190 43.29 32.69 12.55
CA LYS E 190 43.49 33.27 11.22
C LYS E 190 43.77 32.21 10.16
N VAL E 191 44.70 31.30 10.41
CA VAL E 191 45.15 30.31 9.43
C VAL E 191 44.60 28.95 9.82
N TYR E 192 43.90 28.31 8.89
CA TYR E 192 43.36 26.96 9.09
C TYR E 192 43.96 26.06 8.01
N ALA E 193 44.65 25.00 8.45
CA ALA E 193 45.42 24.16 7.55
C ALA E 193 44.97 22.70 7.65
N CYS E 194 45.21 21.95 6.58
CA CYS E 194 44.92 20.52 6.52
C CYS E 194 46.17 19.79 6.08
N GLU E 195 46.81 19.10 7.01
CA GLU E 195 48.04 18.36 6.72
C GLU E 195 47.68 16.92 6.34
N VAL E 196 48.10 16.51 5.14
CA VAL E 196 47.78 15.20 4.60
C VAL E 196 49.07 14.40 4.46
N THR E 197 49.04 13.15 4.93
CA THR E 197 50.17 12.24 4.82
C THR E 197 49.69 10.96 4.14
N HIS E 198 50.29 10.65 3.00
CA HIS E 198 49.91 9.46 2.23
C HIS E 198 51.15 8.89 1.56
N GLN E 199 51.12 7.56 1.32
CA GLN E 199 52.25 6.89 0.71
C GLN E 199 52.56 7.44 -0.68
N GLY E 200 51.52 7.85 -1.42
CA GLY E 200 51.72 8.41 -2.74
C GLY E 200 52.38 9.78 -2.76
N LEU E 201 52.53 10.40 -1.59
CA LEU E 201 53.17 11.71 -1.48
C LEU E 201 54.61 11.55 -1.00
N SER E 202 55.50 12.41 -1.51
CA SER E 202 56.89 12.34 -1.09
C SER E 202 57.06 12.83 0.34
N SER E 203 56.30 13.83 0.73
CA SER E 203 56.36 14.40 2.07
C SER E 203 54.97 14.89 2.44
N PRO E 204 54.68 15.03 3.74
CA PRO E 204 53.35 15.50 4.15
C PRO E 204 52.97 16.82 3.50
N VAL E 205 51.82 16.82 2.84
CA VAL E 205 51.33 17.94 2.07
C VAL E 205 50.31 18.69 2.92
N THR E 206 50.36 20.03 2.89
CA THR E 206 49.57 20.88 3.76
C THR E 206 48.86 21.95 2.94
N LYS E 207 47.53 21.99 3.02
CA LYS E 207 46.73 23.00 2.33
C LYS E 207 45.99 23.84 3.37
N SER E 208 46.01 25.15 3.17
CA SER E 208 45.50 26.07 4.18
C SER E 208 44.86 27.28 3.49
N PHE E 209 44.01 27.98 4.25
CA PHE E 209 43.51 29.29 3.88
C PHE E 209 43.75 30.25 5.05
N ASN E 210 43.53 31.54 4.80
CA ASN E 210 43.50 32.52 5.87
C ASN E 210 42.08 33.07 5.99
N ARG E 211 41.70 33.40 7.22
CA ARG E 211 40.31 33.72 7.53
C ARG E 211 39.86 34.99 6.80
N GLY E 212 38.78 34.86 6.03
CA GLY E 212 38.15 36.00 5.40
C GLY E 212 38.41 36.14 3.91
N GLU E 213 39.68 36.05 3.51
CA GLU E 213 40.08 36.28 2.13
C GLU E 213 39.37 35.37 1.15
N GLU F 1 9.86 -20.53 -4.58
CA GLU F 1 11.04 -19.71 -4.34
C GLU F 1 11.03 -19.15 -2.91
N VAL F 2 12.15 -19.32 -2.21
CA VAL F 2 12.24 -18.98 -0.80
C VAL F 2 12.43 -17.48 -0.64
N GLN F 3 11.83 -16.92 0.42
CA GLN F 3 11.89 -15.49 0.65
C GLN F 3 11.51 -15.18 2.09
N LEU F 4 12.19 -14.19 2.67
CA LEU F 4 11.90 -13.71 4.02
C LEU F 4 11.78 -12.19 3.96
N VAL F 5 10.63 -11.66 4.35
CA VAL F 5 10.42 -10.22 4.34
C VAL F 5 10.18 -9.79 5.78
N GLU F 6 10.94 -8.80 6.23
CA GLU F 6 10.86 -8.30 7.60
C GLU F 6 10.17 -6.94 7.60
N SER F 7 9.44 -6.68 8.67
CA SER F 7 8.74 -5.40 8.83
C SER F 7 8.87 -4.97 10.28
N GLY F 8 8.22 -3.86 10.61
CA GLY F 8 8.21 -3.34 11.96
C GLY F 8 9.30 -2.36 12.30
N GLY F 9 10.11 -1.96 11.32
CA GLY F 9 11.23 -1.08 11.57
C GLY F 9 10.84 0.38 11.69
N GLY F 10 11.84 1.19 11.96
CA GLY F 10 11.68 2.61 12.19
C GLY F 10 12.72 3.09 13.19
N PHE F 11 12.37 4.12 13.95
CA PHE F 11 13.22 4.60 15.02
C PHE F 11 12.41 4.83 16.28
N VAL F 12 13.06 4.63 17.42
CA VAL F 12 12.41 4.66 18.73
C VAL F 12 13.38 5.26 19.74
N GLN F 13 12.82 5.89 20.77
CA GLN F 13 13.61 6.52 21.82
C GLN F 13 14.21 5.49 22.77
N PRO F 14 15.34 5.80 23.39
CA PRO F 14 15.93 4.86 24.38
C PRO F 14 14.95 4.57 25.50
N GLY F 15 14.96 3.32 25.95
CA GLY F 15 13.99 2.83 26.91
C GLY F 15 12.67 2.38 26.31
N GLY F 16 12.41 2.68 25.04
CA GLY F 16 11.15 2.31 24.41
C GLY F 16 11.13 0.87 23.92
N SER F 17 10.02 0.52 23.27
CA SER F 17 9.79 -0.82 22.76
C SER F 17 9.54 -0.79 21.26
N LEU F 18 9.65 -1.97 20.64
CA LEU F 18 9.39 -2.14 19.22
C LEU F 18 9.30 -3.63 18.91
N ARG F 19 8.31 -4.00 18.10
CA ARG F 19 8.10 -5.38 17.68
C ARG F 19 8.39 -5.52 16.20
N LEU F 20 9.22 -6.49 15.84
CA LEU F 20 9.50 -6.83 14.45
C LEU F 20 8.74 -8.10 14.07
N SER F 21 8.48 -8.24 12.77
CA SER F 21 7.80 -9.41 12.26
C SER F 21 8.44 -9.84 10.95
N CYS F 22 8.39 -11.13 10.67
CA CYS F 22 9.03 -11.73 9.51
C CYS F 22 8.02 -12.63 8.82
N ALA F 23 7.74 -12.37 7.55
CA ALA F 23 6.84 -13.22 6.77
C ALA F 23 7.66 -14.11 5.85
N ALA F 24 7.40 -15.42 5.92
CA ALA F 24 8.14 -16.43 5.19
C ALA F 24 7.27 -17.02 4.08
N SER F 25 7.87 -17.26 2.92
CA SER F 25 7.18 -17.86 1.80
C SER F 25 8.13 -18.82 1.08
N GLY F 26 7.54 -19.82 0.45
CA GLY F 26 8.28 -20.76 -0.37
C GLY F 26 8.75 -22.02 0.33
N PHE F 27 8.41 -22.22 1.60
CA PHE F 27 8.80 -23.42 2.30
C PHE F 27 7.86 -23.65 3.49
N THR F 28 7.91 -24.86 4.03
CA THR F 28 7.09 -25.22 5.18
C THR F 28 7.71 -24.58 6.43
N PHE F 29 7.11 -23.47 6.87
CA PHE F 29 7.71 -22.66 7.93
C PHE F 29 7.86 -23.44 9.23
N SER F 30 6.96 -24.38 9.50
CA SER F 30 6.92 -25.04 10.80
C SER F 30 8.07 -26.02 11.01
N ASN F 31 8.73 -26.45 9.94
CA ASN F 31 9.76 -27.49 10.07
C ASN F 31 11.12 -26.96 10.50
N PHE F 32 11.35 -25.66 10.41
CA PHE F 32 12.70 -25.11 10.51
C PHE F 32 12.90 -24.31 11.79
N ASP F 33 14.14 -24.27 12.26
CA ASP F 33 14.55 -23.29 13.25
C ASP F 33 14.65 -21.92 12.60
N MET F 34 14.27 -20.88 13.34
CA MET F 34 14.36 -19.51 12.87
C MET F 34 15.23 -18.70 13.81
N HIS F 35 15.87 -17.67 13.26
CA HIS F 35 16.81 -16.85 14.01
C HIS F 35 16.65 -15.39 13.63
N TRP F 36 17.05 -14.52 14.55
CA TRP F 36 17.22 -13.10 14.28
C TRP F 36 18.70 -12.76 14.39
N VAL F 37 19.24 -12.12 13.35
CA VAL F 37 20.64 -11.71 13.31
C VAL F 37 20.69 -10.24 12.92
N ARG F 38 21.41 -9.43 13.70
CA ARG F 38 21.49 -8.01 13.44
C ARG F 38 22.91 -7.61 13.05
N GLN F 39 23.01 -6.48 12.36
CA GLN F 39 24.30 -5.98 11.89
C GLN F 39 24.36 -4.48 12.03
N SER F 40 25.41 -4.00 12.68
CA SER F 40 25.74 -2.59 12.76
C SER F 40 27.21 -2.41 12.40
N PRO F 41 27.57 -1.29 11.76
CA PRO F 41 28.97 -1.11 11.33
C PRO F 41 29.96 -1.12 12.49
N GLY F 42 29.51 -0.97 13.72
CA GLY F 42 30.42 -0.91 14.86
C GLY F 42 30.55 -2.22 15.61
N LYS F 43 29.73 -3.22 15.27
CA LYS F 43 29.79 -4.50 15.96
C LYS F 43 29.66 -5.69 15.02
N GLY F 44 29.66 -5.47 13.70
CA GLY F 44 29.58 -6.58 12.76
C GLY F 44 28.26 -7.33 12.83
N LEU F 45 28.32 -8.59 12.40
CA LEU F 45 27.15 -9.48 12.47
C LEU F 45 27.01 -10.03 13.87
N GLU F 46 25.79 -9.99 14.41
CA GLU F 46 25.53 -10.41 15.77
C GLU F 46 24.26 -11.24 15.79
N TRP F 47 24.38 -12.50 16.22
CA TRP F 47 23.20 -13.33 16.44
C TRP F 47 22.44 -12.85 17.67
N VAL F 48 21.12 -12.72 17.54
CA VAL F 48 20.27 -12.14 18.59
C VAL F 48 19.48 -13.22 19.32
N SER F 49 18.67 -13.99 18.59
CA SER F 49 17.79 -14.97 19.22
C SER F 49 17.47 -16.07 18.23
N GLY F 50 17.08 -17.22 18.77
CA GLY F 50 16.68 -18.34 17.93
C GLY F 50 15.55 -19.14 18.56
N LEU F 51 14.59 -19.54 17.75
CA LEU F 51 13.45 -20.33 18.20
C LEU F 51 13.44 -21.61 17.37
N ASP F 52 13.87 -22.71 17.98
CA ASP F 52 14.04 -23.93 17.20
C ASP F 52 12.70 -24.59 16.92
N HIS F 53 12.76 -25.65 16.09
CA HIS F 53 11.55 -26.32 15.64
C HIS F 53 10.75 -26.89 16.80
N SER F 54 11.42 -27.27 17.89
CA SER F 54 10.77 -27.88 19.04
C SER F 54 10.34 -26.86 20.09
N GLY F 55 10.31 -25.56 19.74
CA GLY F 55 9.78 -24.54 20.60
C GLY F 55 10.76 -23.89 21.55
N GLY F 56 11.98 -24.41 21.65
CA GLY F 56 12.96 -23.85 22.58
C GLY F 56 13.53 -22.54 22.07
N ALA F 57 13.61 -21.55 22.96
CA ALA F 57 14.13 -20.23 22.63
C ALA F 57 15.49 -20.02 23.28
N HIS F 58 16.35 -19.29 22.56
CA HIS F 58 17.70 -18.98 23.03
C HIS F 58 18.04 -17.55 22.62
N TYR F 59 18.68 -16.82 23.52
CA TYR F 59 18.99 -15.42 23.32
C TYR F 59 20.48 -15.17 23.55
N ALA F 60 20.98 -14.09 22.96
CA ALA F 60 22.33 -13.65 23.25
C ALA F 60 22.39 -12.98 24.62
N GLY F 61 23.60 -12.85 25.15
CA GLY F 61 23.75 -12.28 26.48
C GLY F 61 23.24 -10.86 26.56
N SER F 62 23.68 -10.01 25.63
CA SER F 62 23.36 -8.58 25.57
C SER F 62 21.89 -8.31 25.33
N VAL F 63 21.03 -9.33 25.33
CA VAL F 63 19.66 -9.17 24.85
C VAL F 63 18.71 -9.93 25.77
N LYS F 64 19.25 -10.92 26.48
CA LYS F 64 18.43 -11.77 27.34
C LYS F 64 17.68 -10.94 28.39
N GLY F 65 16.43 -11.32 28.64
CA GLY F 65 15.55 -10.60 29.53
C GLY F 65 14.81 -9.46 28.87
N ARG F 66 15.35 -8.90 27.79
CA ARG F 66 14.74 -7.76 27.11
C ARG F 66 14.03 -8.14 25.81
N PHE F 67 14.52 -9.14 25.09
CA PHE F 67 13.92 -9.56 23.84
C PHE F 67 13.16 -10.86 24.02
N THR F 68 12.14 -11.05 23.19
CA THR F 68 11.36 -12.28 23.17
C THR F 68 11.08 -12.65 21.73
N ILE F 69 11.49 -13.86 21.34
CA ILE F 69 11.25 -14.36 20.00
C ILE F 69 9.97 -15.20 20.02
N SER F 70 9.18 -15.09 18.95
CA SER F 70 7.93 -15.81 18.87
C SER F 70 7.61 -16.12 17.41
N ARG F 71 6.74 -17.09 17.20
CA ARG F 71 6.36 -17.51 15.86
C ARG F 71 4.90 -17.95 15.87
N GLU F 72 4.21 -17.68 14.77
CA GLU F 72 2.85 -18.18 14.53
C GLU F 72 2.92 -19.00 13.25
N ASP F 73 2.97 -20.34 13.41
CA ASP F 73 3.21 -21.22 12.27
C ASP F 73 2.10 -21.12 11.24
N ALA F 74 0.84 -21.12 11.70
CA ALA F 74 -0.29 -21.06 10.77
C ALA F 74 -0.35 -19.74 10.02
N LYS F 75 0.48 -18.76 10.38
CA LYS F 75 0.51 -17.47 9.70
C LYS F 75 1.85 -17.20 9.01
N ASN F 76 2.77 -18.17 9.02
CA ASN F 76 4.08 -18.04 8.37
C ASN F 76 4.84 -16.81 8.86
N SER F 77 4.76 -16.54 10.17
CA SER F 77 5.33 -15.32 10.73
C SER F 77 6.22 -15.64 11.92
N LEU F 78 7.28 -14.85 12.07
CA LEU F 78 8.17 -14.90 13.22
C LEU F 78 8.33 -13.49 13.76
N ASP F 79 8.22 -13.32 15.07
CA ASP F 79 8.24 -12.01 15.69
C ASP F 79 9.37 -11.89 16.72
N LEU F 80 9.78 -10.64 16.95
CA LEU F 80 10.80 -10.32 17.96
C LEU F 80 10.30 -9.11 18.74
N GLN F 81 10.03 -9.29 20.02
CA GLN F 81 9.55 -8.21 20.89
C GLN F 81 10.76 -7.63 21.61
N MET F 82 11.06 -6.35 21.35
CA MET F 82 12.24 -5.69 21.87
C MET F 82 11.82 -4.62 22.88
N ASN F 83 12.12 -4.87 24.16
CA ASN F 83 11.84 -3.92 25.22
C ASN F 83 13.14 -3.37 25.79
N ASN F 84 13.04 -2.17 26.37
CA ASN F 84 14.18 -1.49 27.02
C ASN F 84 15.35 -1.33 26.06
N LEU F 85 15.07 -0.74 24.90
CA LEU F 85 16.09 -0.57 23.88
C LEU F 85 17.10 0.49 24.28
N ARG F 86 18.34 0.29 23.85
CA ARG F 86 19.43 1.25 24.03
C ARG F 86 19.97 1.66 22.67
N VAL F 87 20.88 2.64 22.69
CA VAL F 87 21.45 3.14 21.44
C VAL F 87 22.19 2.04 20.69
N ASP F 88 22.97 1.23 21.40
CA ASP F 88 23.75 0.19 20.72
C ASP F 88 22.88 -0.96 20.21
N ASP F 89 21.56 -0.90 20.38
CA ASP F 89 20.67 -1.80 19.68
C ASP F 89 20.40 -1.35 18.25
N THR F 90 20.89 -0.17 17.87
CA THR F 90 20.75 0.33 16.51
C THR F 90 21.47 -0.59 15.54
N ALA F 91 20.72 -1.21 14.62
CA ALA F 91 21.29 -2.13 13.66
C ALA F 91 20.22 -2.47 12.63
N VAL F 92 20.68 -3.09 11.53
CA VAL F 92 19.78 -3.75 10.60
C VAL F 92 19.50 -5.15 11.15
N TYR F 93 18.22 -5.52 11.21
CA TYR F 93 17.81 -6.79 11.78
C TYR F 93 17.38 -7.73 10.68
N PHE F 94 18.07 -8.86 10.55
CA PHE F 94 17.79 -9.86 9.52
C PHE F 94 17.00 -11.02 10.11
N CYS F 95 15.93 -11.40 9.43
CA CYS F 95 15.23 -12.65 9.72
C CYS F 95 15.96 -13.77 9.00
N VAL F 96 16.21 -14.88 9.70
CA VAL F 96 17.11 -15.91 9.21
C VAL F 96 16.52 -17.28 9.46
N ARG F 97 16.61 -18.16 8.46
CA ARG F 97 16.21 -19.56 8.60
C ARG F 97 17.44 -20.40 8.94
N GLY F 98 17.30 -21.27 9.94
CA GLY F 98 18.34 -22.26 10.21
C GLY F 98 18.20 -23.46 9.29
N THR F 99 19.35 -24.01 8.90
CA THR F 99 19.36 -25.13 7.97
C THR F 99 18.70 -26.37 8.57
N LEU F 100 18.08 -27.18 7.71
CA LEU F 100 17.54 -28.47 8.08
C LEU F 100 18.12 -29.48 7.09
N TYR F 101 19.17 -30.18 7.52
CA TYR F 101 19.88 -31.14 6.69
C TYR F 101 19.54 -32.56 7.13
N HIS F 102 19.30 -33.43 6.15
CA HIS F 102 18.94 -34.81 6.41
C HIS F 102 20.07 -35.76 6.03
N TYR F 103 20.28 -36.76 6.87
CA TYR F 103 21.31 -37.76 6.67
C TYR F 103 20.70 -39.15 6.81
N THR F 104 21.51 -40.17 6.54
CA THR F 104 21.09 -41.52 6.83
C THR F 104 20.87 -41.72 8.34
N SER F 105 21.32 -40.79 9.17
CA SER F 105 21.25 -40.91 10.62
C SER F 105 20.20 -39.99 11.23
N GLY F 106 19.59 -39.15 10.40
CA GLY F 106 18.46 -38.37 10.85
C GLY F 106 18.56 -36.93 10.42
N SER F 107 17.89 -36.07 11.17
CA SER F 107 17.81 -34.65 10.91
C SER F 107 18.72 -33.86 11.83
N TYR F 108 19.24 -32.75 11.32
CA TYR F 108 20.14 -31.88 12.06
C TYR F 108 19.80 -30.43 11.75
N TYR F 109 19.71 -29.59 12.78
CA TYR F 109 19.14 -28.26 12.68
C TYR F 109 20.17 -27.18 12.97
N SER F 110 20.08 -26.08 12.21
CA SER F 110 20.84 -24.85 12.47
C SER F 110 22.35 -25.08 12.43
N ASP F 111 22.79 -25.97 11.56
CA ASP F 111 24.22 -26.05 11.26
C ASP F 111 24.72 -24.73 10.70
N ALA F 112 23.88 -24.02 9.95
CA ALA F 112 24.25 -22.75 9.35
C ALA F 112 22.97 -21.93 9.13
N PHE F 113 23.15 -20.77 8.48
CA PHE F 113 22.07 -19.84 8.19
C PHE F 113 21.96 -19.70 6.68
N ASP F 114 21.03 -20.44 6.08
CA ASP F 114 21.01 -20.52 4.62
C ASP F 114 20.15 -19.46 3.95
N ILE F 115 19.04 -19.05 4.57
CA ILE F 115 18.12 -18.08 3.96
C ILE F 115 18.05 -16.85 4.86
N TRP F 116 18.40 -15.70 4.30
CA TRP F 116 18.37 -14.42 4.99
C TRP F 116 17.37 -13.49 4.31
N GLY F 117 16.77 -12.60 5.10
CA GLY F 117 15.91 -11.57 4.56
C GLY F 117 16.71 -10.39 4.04
N GLN F 118 15.99 -9.36 3.59
CA GLN F 118 16.63 -8.16 3.08
C GLN F 118 17.12 -7.25 4.20
N GLY F 119 16.54 -7.35 5.38
CA GLY F 119 16.96 -6.51 6.49
C GLY F 119 15.96 -5.42 6.79
N THR F 120 15.94 -4.99 8.05
CA THR F 120 15.01 -3.95 8.51
C THR F 120 15.73 -3.11 9.56
N LEU F 121 15.88 -1.82 9.27
CA LEU F 121 16.68 -0.95 10.12
C LEU F 121 15.91 -0.53 11.36
N VAL F 122 16.54 -0.67 12.52
CA VAL F 122 16.01 -0.19 13.79
C VAL F 122 17.01 0.82 14.34
N THR F 123 16.54 2.05 14.56
CA THR F 123 17.38 3.13 15.06
C THR F 123 16.88 3.55 16.43
N VAL F 124 17.76 3.53 17.42
CA VAL F 124 17.42 3.97 18.76
C VAL F 124 18.15 5.28 19.02
N SER F 125 17.38 6.36 19.14
CA SER F 125 17.98 7.69 19.26
C SER F 125 16.98 8.62 19.94
N SER F 126 17.52 9.67 20.56
CA SER F 126 16.70 10.72 21.15
C SER F 126 16.38 11.85 20.20
N ALA F 127 16.99 11.86 19.00
CA ALA F 127 16.77 12.94 18.06
C ALA F 127 15.37 12.88 17.47
N SER F 128 14.96 13.98 16.86
CA SER F 128 13.67 14.11 16.19
C SER F 128 13.90 14.30 14.70
N VAL F 129 12.80 14.16 13.94
CA VAL F 129 12.87 14.38 12.50
C VAL F 129 13.21 15.85 12.24
N LYS F 130 14.29 16.07 11.48
CA LYS F 130 14.76 17.42 11.21
C LYS F 130 15.29 17.50 9.79
N GLY F 131 14.89 18.57 9.08
CA GLY F 131 15.38 18.82 7.75
C GLY F 131 16.80 19.34 7.76
N PRO F 132 17.56 19.02 6.71
CA PRO F 132 18.97 19.42 6.69
C PRO F 132 19.17 20.84 6.20
N SER F 133 20.22 21.46 6.72
CA SER F 133 20.69 22.76 6.22
C SER F 133 21.78 22.50 5.19
N VAL F 134 21.59 23.02 3.98
CA VAL F 134 22.53 22.83 2.88
C VAL F 134 23.41 24.06 2.78
N PHE F 135 24.72 23.84 2.67
CA PHE F 135 25.70 24.90 2.56
C PHE F 135 26.65 24.60 1.41
N PRO F 136 27.09 25.64 0.70
CA PRO F 136 27.96 25.43 -0.47
C PRO F 136 29.42 25.27 -0.11
N LEU F 137 30.11 24.45 -0.88
CA LEU F 137 31.56 24.26 -0.78
C LEU F 137 32.17 24.90 -2.03
N ALA F 138 32.45 26.21 -1.94
CA ALA F 138 32.89 26.98 -3.10
C ALA F 138 34.40 26.79 -3.31
N PRO F 139 34.83 26.67 -4.58
CA PRO F 139 36.25 26.54 -4.96
C PRO F 139 37.09 27.74 -4.52
N THR F 148 42.71 20.40 -11.56
CA THR F 148 41.30 20.75 -11.70
C THR F 148 40.74 21.31 -10.40
N ALA F 149 39.53 21.83 -10.45
CA ALA F 149 38.87 22.42 -9.30
C ALA F 149 37.86 21.45 -8.69
N ALA F 150 37.35 21.81 -7.52
CA ALA F 150 36.42 20.97 -6.78
C ALA F 150 35.25 21.81 -6.26
N LEU F 151 34.05 21.26 -6.39
CA LEU F 151 32.83 21.86 -5.88
C LEU F 151 32.33 21.05 -4.68
N GLY F 152 31.13 21.37 -4.21
CA GLY F 152 30.56 20.60 -3.12
C GLY F 152 29.36 21.20 -2.41
N CYS F 153 28.63 20.36 -1.68
CA CYS F 153 27.51 20.78 -0.85
C CYS F 153 27.59 20.05 0.48
N LEU F 154 27.27 20.75 1.56
CA LEU F 154 27.31 20.19 2.91
C LEU F 154 25.89 20.02 3.40
N VAL F 155 25.50 18.78 3.68
CA VAL F 155 24.15 18.46 4.14
C VAL F 155 24.28 18.14 5.63
N LYS F 156 24.04 19.15 6.46
CA LYS F 156 24.40 19.12 7.87
C LYS F 156 23.16 19.09 8.75
N ASP F 157 23.23 18.30 9.82
CA ASP F 157 22.23 18.27 10.89
C ASP F 157 20.85 17.89 10.36
N TYR F 158 20.71 16.62 10.01
CA TYR F 158 19.43 16.06 9.61
C TYR F 158 19.21 14.74 10.35
N PHE F 159 17.92 14.38 10.47
CA PHE F 159 17.55 13.11 11.09
C PHE F 159 16.15 12.74 10.64
N PRO F 160 15.89 11.47 10.34
CA PRO F 160 16.84 10.35 10.33
C PRO F 160 17.47 10.17 8.96
N GLU F 161 18.37 9.20 8.82
CA GLU F 161 18.86 8.82 7.51
C GLU F 161 17.68 8.35 6.65
N PRO F 162 17.80 8.43 5.32
CA PRO F 162 18.92 8.93 4.53
C PRO F 162 18.63 10.24 3.81
N VAL F 163 19.61 10.75 3.07
CA VAL F 163 19.39 11.80 2.08
C VAL F 163 19.99 11.32 0.76
N THR F 164 19.41 11.78 -0.34
CA THR F 164 19.94 11.53 -1.67
C THR F 164 20.42 12.85 -2.27
N VAL F 165 21.52 12.79 -3.02
CA VAL F 165 22.12 13.99 -3.61
C VAL F 165 22.39 13.72 -5.08
N SER F 166 21.82 14.55 -5.94
CA SER F 166 22.13 14.56 -7.36
C SER F 166 22.55 15.97 -7.77
N TRP F 167 23.30 16.05 -8.87
CA TRP F 167 23.81 17.32 -9.37
C TRP F 167 23.17 17.63 -10.72
N ASN F 168 22.59 18.83 -10.83
CA ASN F 168 21.98 19.31 -12.07
C ASN F 168 20.90 18.35 -12.57
N SER F 169 20.03 17.94 -11.64
CA SER F 169 18.95 16.98 -11.92
C SER F 169 19.50 15.68 -12.52
N GLY F 170 20.62 15.20 -11.97
CA GLY F 170 21.21 13.96 -12.42
C GLY F 170 22.08 14.05 -13.65
N ALA F 171 22.15 15.22 -14.30
CA ALA F 171 22.94 15.35 -15.52
C ALA F 171 24.44 15.23 -15.26
N LEU F 172 24.89 15.53 -14.05
CA LEU F 172 26.31 15.49 -13.70
C LEU F 172 26.53 14.32 -12.75
N THR F 173 26.98 13.19 -13.31
CA THR F 173 27.31 12.01 -12.52
C THR F 173 28.79 11.68 -12.53
N SER F 174 29.58 12.29 -13.42
CA SER F 174 31.00 12.00 -13.51
C SER F 174 31.78 12.80 -12.48
N GLY F 175 32.75 12.14 -11.85
CA GLY F 175 33.57 12.79 -10.83
C GLY F 175 32.89 13.04 -9.52
N VAL F 176 31.66 12.56 -9.34
CA VAL F 176 30.91 12.79 -8.10
C VAL F 176 31.38 11.84 -7.03
N HIS F 177 31.48 12.34 -5.79
CA HIS F 177 31.81 11.52 -4.62
C HIS F 177 30.87 11.94 -3.49
N THR F 178 29.78 11.19 -3.33
CA THR F 178 28.84 11.42 -2.23
C THR F 178 29.26 10.56 -1.05
N PHE F 179 29.75 11.19 0.00
CA PHE F 179 30.33 10.49 1.14
C PHE F 179 29.26 9.88 2.03
N PRO F 180 29.60 8.83 2.78
CA PRO F 180 28.66 8.30 3.77
C PRO F 180 28.52 9.25 4.95
N ALA F 181 27.29 9.32 5.47
CA ALA F 181 26.99 10.23 6.56
C ALA F 181 27.71 9.81 7.84
N VAL F 182 27.98 10.79 8.70
CA VAL F 182 28.55 10.57 10.01
C VAL F 182 27.53 11.01 11.05
N LEU F 183 27.45 10.26 12.15
CA LEU F 183 26.56 10.60 13.25
C LEU F 183 27.29 11.54 14.20
N GLN F 184 26.87 12.80 14.23
CA GLN F 184 27.52 13.78 15.08
C GLN F 184 27.16 13.53 16.54
N SER F 185 27.90 14.22 17.43
CA SER F 185 27.68 14.06 18.86
C SER F 185 26.27 14.50 19.27
N SER F 186 25.66 15.40 18.50
CA SER F 186 24.32 15.86 18.81
C SER F 186 23.23 14.84 18.45
N GLY F 187 23.61 13.70 17.88
CA GLY F 187 22.64 12.74 17.40
C GLY F 187 22.10 13.01 16.02
N LEU F 188 22.64 14.01 15.32
CA LEU F 188 22.22 14.34 13.96
C LEU F 188 23.29 13.90 12.97
N TYR F 189 22.86 13.69 11.73
CA TYR F 189 23.74 13.21 10.67
C TYR F 189 24.23 14.37 9.81
N SER F 190 25.37 14.15 9.17
CA SER F 190 25.95 15.13 8.26
C SER F 190 26.85 14.41 7.26
N LEU F 191 26.61 14.66 5.97
CA LEU F 191 27.47 14.16 4.91
C LEU F 191 27.82 15.29 3.96
N SER F 192 28.72 14.99 3.03
CA SER F 192 29.17 15.95 2.05
C SER F 192 29.19 15.31 0.67
N SER F 193 28.79 16.07 -0.34
CA SER F 193 28.76 15.63 -1.73
C SER F 193 29.71 16.50 -2.53
N VAL F 194 30.75 15.89 -3.08
CA VAL F 194 31.78 16.64 -3.82
C VAL F 194 31.78 16.17 -5.27
N VAL F 195 32.10 17.10 -6.17
CA VAL F 195 32.34 16.80 -7.58
C VAL F 195 33.52 17.65 -8.04
N THR F 196 34.39 17.07 -8.87
CA THR F 196 35.51 17.78 -9.43
C THR F 196 35.22 18.12 -10.90
N VAL F 197 35.65 19.30 -11.32
CA VAL F 197 35.28 19.85 -12.63
C VAL F 197 36.47 20.60 -13.22
N PRO F 198 36.45 20.83 -14.53
CA PRO F 198 37.51 21.64 -15.13
C PRO F 198 37.47 23.08 -14.65
N SER F 199 38.65 23.70 -14.57
CA SER F 199 38.78 25.07 -14.08
C SER F 199 38.21 26.10 -15.04
N SER F 200 37.97 25.74 -16.30
CA SER F 200 37.35 26.65 -17.26
C SER F 200 35.84 26.60 -17.24
N SER F 201 35.25 25.66 -16.50
CA SER F 201 33.80 25.54 -16.44
C SER F 201 33.19 26.53 -15.45
N LEU F 202 33.95 26.95 -14.44
CA LEU F 202 33.46 27.93 -13.49
C LEU F 202 33.22 29.27 -14.16
N GLY F 203 32.04 29.86 -13.92
CA GLY F 203 31.64 31.10 -14.54
C GLY F 203 30.77 30.90 -15.78
N THR F 204 31.00 29.82 -16.53
CA THR F 204 30.20 29.50 -17.70
C THR F 204 29.38 28.23 -17.51
N GLN F 205 29.23 27.76 -16.28
CA GLN F 205 28.41 26.60 -15.97
C GLN F 205 27.67 26.85 -14.67
N THR F 206 26.46 26.31 -14.58
CA THR F 206 25.58 26.50 -13.43
C THR F 206 25.44 25.17 -12.71
N TYR F 207 26.12 25.04 -11.57
CA TYR F 207 26.11 23.82 -10.78
C TYR F 207 25.08 23.91 -9.66
N ILE F 208 24.24 22.89 -9.53
CA ILE F 208 23.22 22.83 -8.50
C ILE F 208 23.14 21.41 -7.96
N CYS F 209 23.31 21.25 -6.65
CA CYS F 209 23.13 19.97 -5.99
C CYS F 209 21.69 19.85 -5.53
N ASN F 210 21.07 18.70 -5.81
CA ASN F 210 19.67 18.46 -5.51
C ASN F 210 19.58 17.58 -4.27
N VAL F 211 19.16 18.16 -3.15
CA VAL F 211 19.09 17.48 -1.87
C VAL F 211 17.65 17.03 -1.62
N ASN F 212 17.49 15.79 -1.17
CA ASN F 212 16.17 15.20 -0.95
C ASN F 212 16.18 14.48 0.40
N HIS F 213 15.42 15.00 1.36
CA HIS F 213 15.24 14.37 2.67
C HIS F 213 13.74 14.12 2.85
N LYS F 214 13.32 12.88 2.59
CA LYS F 214 11.90 12.52 2.60
C LYS F 214 11.25 12.58 3.98
N PRO F 215 11.88 12.06 5.05
CA PRO F 215 11.21 12.10 6.36
C PRO F 215 10.80 13.50 6.80
N SER F 216 11.60 14.52 6.49
CA SER F 216 11.22 15.89 6.76
C SER F 216 10.50 16.55 5.58
N ASN F 217 10.48 15.89 4.42
CA ASN F 217 9.79 16.38 3.23
C ASN F 217 10.34 17.75 2.80
N THR F 218 11.65 17.90 2.87
CA THR F 218 12.33 19.14 2.51
C THR F 218 13.19 18.90 1.29
N LYS F 219 12.93 19.65 0.22
CA LYS F 219 13.76 19.65 -0.98
C LYS F 219 14.53 20.96 -1.04
N VAL F 220 15.84 20.86 -1.28
CA VAL F 220 16.72 22.01 -1.36
C VAL F 220 17.57 21.88 -2.62
N ASP F 221 17.60 22.94 -3.43
CA ASP F 221 18.43 23.00 -4.63
C ASP F 221 19.37 24.20 -4.48
N LYS F 222 20.61 23.94 -4.11
CA LYS F 222 21.59 24.97 -3.84
C LYS F 222 22.58 25.07 -4.99
N LYS F 223 22.95 26.31 -5.34
CA LYS F 223 23.87 26.58 -6.43
C LYS F 223 25.24 26.96 -5.86
N VAL F 224 26.28 26.31 -6.37
CA VAL F 224 27.65 26.53 -5.91
C VAL F 224 28.41 27.28 -6.99
N GLU F 225 29.16 28.30 -6.57
CA GLU F 225 29.80 29.23 -7.50
C GLU F 225 31.02 29.84 -6.80
N PRO F 226 31.90 30.51 -7.55
CA PRO F 226 33.10 31.09 -6.92
C PRO F 226 32.80 32.27 -6.01
N LYS F 227 33.84 33.06 -5.71
CA LYS F 227 33.70 34.21 -4.83
C LYS F 227 33.88 35.52 -5.60
N GLU G 1 47.21 13.07 -51.02
CA GLU G 1 46.96 12.73 -49.62
C GLU G 1 47.43 11.31 -49.32
N ILE G 2 48.15 11.15 -48.22
CA ILE G 2 48.68 9.85 -47.81
C ILE G 2 47.67 9.17 -46.91
N VAL G 3 47.27 7.95 -47.28
CA VAL G 3 46.24 7.20 -46.58
C VAL G 3 46.90 6.18 -45.66
N LEU G 4 46.44 6.14 -44.41
CA LEU G 4 46.96 5.24 -43.40
C LEU G 4 45.88 4.24 -43.04
N THR G 5 46.10 2.96 -43.38
CA THR G 5 45.11 1.90 -43.17
C THR G 5 45.54 1.05 -41.99
N GLN G 6 44.78 1.12 -40.91
CA GLN G 6 45.09 0.39 -39.68
C GLN G 6 44.39 -0.97 -39.70
N SER G 7 45.17 -2.04 -39.54
CA SER G 7 44.65 -3.38 -39.45
C SER G 7 45.04 -3.99 -38.11
N PRO G 8 44.11 -4.59 -37.38
CA PRO G 8 42.67 -4.71 -37.68
C PRO G 8 41.93 -3.45 -37.25
N SER G 9 40.75 -3.18 -37.81
CA SER G 9 39.97 -2.02 -37.39
C SER G 9 39.51 -2.15 -35.94
N SER G 10 39.48 -3.36 -35.40
CA SER G 10 39.13 -3.61 -34.02
C SER G 10 39.52 -5.04 -33.69
N LEU G 11 39.85 -5.27 -32.41
CA LEU G 11 40.20 -6.59 -31.94
C LEU G 11 39.79 -6.72 -30.48
N SER G 12 39.90 -7.94 -29.95
CA SER G 12 39.57 -8.24 -28.56
C SER G 12 40.71 -9.03 -27.96
N ALA G 13 41.23 -8.56 -26.83
CA ALA G 13 42.36 -9.18 -26.17
C ALA G 13 42.09 -9.36 -24.69
N SER G 14 42.78 -10.32 -24.10
CA SER G 14 42.74 -10.55 -22.65
C SER G 14 43.95 -9.88 -22.00
N VAL G 15 43.93 -9.86 -20.66
CA VAL G 15 45.08 -9.35 -19.93
C VAL G 15 46.28 -10.25 -20.16
N GLY G 16 47.40 -9.66 -20.57
CA GLY G 16 48.60 -10.40 -20.87
C GLY G 16 48.78 -10.80 -22.32
N ASP G 17 47.71 -10.76 -23.11
CA ASP G 17 47.80 -11.12 -24.52
C ASP G 17 48.75 -10.19 -25.26
N ARG G 18 49.48 -10.75 -26.22
CA ARG G 18 50.34 -9.97 -27.10
C ARG G 18 49.49 -9.30 -28.16
N VAL G 19 49.55 -7.97 -28.24
CA VAL G 19 48.75 -7.19 -29.16
C VAL G 19 49.67 -6.57 -30.20
N THR G 20 49.37 -6.82 -31.48
CA THR G 20 50.13 -6.25 -32.59
C THR G 20 49.16 -5.45 -33.46
N ILE G 21 49.35 -4.14 -33.50
CA ILE G 21 48.53 -3.23 -34.31
C ILE G 21 49.39 -2.75 -35.46
N THR G 22 48.94 -2.99 -36.68
CA THR G 22 49.68 -2.62 -37.88
C THR G 22 49.10 -1.38 -38.52
N CYS G 23 49.96 -0.61 -39.17
CA CYS G 23 49.57 0.60 -39.88
C CYS G 23 50.32 0.62 -41.21
N GLN G 24 49.58 0.62 -42.32
CA GLN G 24 50.17 0.61 -43.64
C GLN G 24 49.96 1.96 -44.32
N ALA G 25 51.05 2.55 -44.80
CA ALA G 25 51.00 3.84 -45.48
C ALA G 25 50.86 3.63 -46.99
N SER G 26 50.04 4.46 -47.63
CA SER G 26 49.82 4.34 -49.06
C SER G 26 51.04 4.72 -49.88
N GLN G 27 52.06 5.31 -49.27
CA GLN G 27 53.32 5.58 -49.95
C GLN G 27 54.41 5.68 -48.88
N ASP G 28 55.66 5.70 -49.34
CA ASP G 28 56.80 5.67 -48.44
C ASP G 28 56.85 6.95 -47.61
N ILE G 29 56.81 6.80 -46.28
CA ILE G 29 56.85 7.91 -45.33
C ILE G 29 58.07 7.80 -44.41
N SER G 30 59.06 6.99 -44.81
CA SER G 30 60.28 6.74 -44.05
C SER G 30 59.93 6.31 -42.63
N ASN G 31 60.35 7.02 -41.58
CA ASN G 31 59.97 6.68 -40.21
C ASN G 31 59.23 7.80 -39.51
N TYR G 32 58.56 8.66 -40.27
CA TYR G 32 57.75 9.75 -39.74
C TYR G 32 56.35 9.23 -39.46
N LEU G 33 56.25 8.38 -38.43
CA LEU G 33 54.99 7.80 -38.02
C LEU G 33 54.88 7.81 -36.50
N ASN G 34 53.71 8.20 -36.01
CA ASN G 34 53.46 8.33 -34.57
C ASN G 34 52.28 7.46 -34.17
N TRP G 35 52.18 7.21 -32.86
CA TRP G 35 51.09 6.43 -32.30
C TRP G 35 50.45 7.19 -31.15
N TYR G 36 49.12 7.16 -31.09
CA TYR G 36 48.37 7.86 -30.04
C TYR G 36 47.40 6.89 -29.38
N GLN G 37 47.20 7.08 -28.09
CA GLN G 37 46.20 6.34 -27.32
C GLN G 37 45.06 7.28 -26.95
N GLN G 38 43.82 6.86 -27.21
CA GLN G 38 42.66 7.67 -26.88
C GLN G 38 41.62 6.82 -26.16
N LYS G 39 41.22 7.28 -24.99
CA LYS G 39 40.11 6.74 -24.23
C LYS G 39 38.87 7.60 -24.46
N PRO G 40 37.68 6.99 -24.49
CA PRO G 40 36.48 7.74 -24.88
C PRO G 40 36.24 8.94 -23.97
N GLY G 41 35.93 10.08 -24.58
CA GLY G 41 35.71 11.32 -23.86
C GLY G 41 36.96 12.12 -23.56
N LYS G 42 38.14 11.65 -23.97
CA LYS G 42 39.39 12.32 -23.70
C LYS G 42 40.14 12.58 -25.00
N ALA G 43 41.09 13.51 -24.93
CA ALA G 43 41.92 13.81 -26.07
C ALA G 43 42.95 12.71 -26.27
N PRO G 44 43.44 12.53 -27.50
CA PRO G 44 44.50 11.53 -27.72
C PRO G 44 45.74 11.87 -26.92
N LYS G 45 46.54 10.84 -26.63
CA LYS G 45 47.77 10.99 -25.87
C LYS G 45 48.92 10.41 -26.67
N LEU G 46 49.99 11.18 -26.83
CA LEU G 46 51.11 10.77 -27.65
C LEU G 46 51.90 9.65 -26.95
N LEU G 47 52.05 8.52 -27.63
CA LEU G 47 52.80 7.39 -27.09
C LEU G 47 54.19 7.28 -27.72
N ILE G 48 54.25 7.14 -29.04
CA ILE G 48 55.49 6.88 -29.76
C ILE G 48 55.59 7.82 -30.94
N TYR G 49 56.75 8.44 -31.11
CA TYR G 49 57.07 9.21 -32.30
C TYR G 49 58.28 8.58 -32.99
N ALA G 50 58.46 8.95 -34.27
CA ALA G 50 59.55 8.43 -35.09
C ALA G 50 59.53 6.90 -35.16
N ALA G 51 58.32 6.33 -35.13
CA ALA G 51 58.06 4.91 -35.32
C ALA G 51 58.53 4.03 -34.16
N SER G 52 59.48 4.52 -33.36
CA SER G 52 60.02 3.68 -32.28
C SER G 52 60.34 4.43 -30.99
N SER G 53 60.47 5.76 -31.00
CA SER G 53 60.91 6.50 -29.83
C SER G 53 59.75 6.67 -28.86
N LEU G 54 59.94 6.21 -27.62
CA LEU G 54 58.90 6.33 -26.61
C LEU G 54 58.85 7.74 -26.04
N GLU G 55 57.65 8.20 -25.73
CA GLU G 55 57.47 9.51 -25.13
C GLU G 55 57.69 9.45 -23.62
N SER G 56 58.11 10.58 -23.04
CA SER G 56 58.34 10.66 -21.61
C SER G 56 57.08 10.30 -20.84
N GLY G 57 57.21 9.35 -19.91
CA GLY G 57 56.10 8.91 -19.10
C GLY G 57 55.41 7.66 -19.58
N VAL G 58 55.69 7.21 -20.79
CA VAL G 58 55.03 6.03 -21.34
C VAL G 58 55.64 4.78 -20.72
N PRO G 59 54.83 3.84 -20.22
CA PRO G 59 55.37 2.58 -19.73
C PRO G 59 56.21 1.87 -20.78
N SER G 60 57.21 1.12 -20.32
CA SER G 60 58.13 0.44 -21.21
C SER G 60 57.46 -0.67 -22.02
N ARG G 61 56.30 -1.15 -21.59
CA ARG G 61 55.66 -2.29 -22.26
C ARG G 61 55.16 -1.95 -23.65
N PHE G 62 55.05 -0.68 -24.00
CA PHE G 62 54.71 -0.27 -25.35
C PHE G 62 55.98 -0.16 -26.21
N SER G 63 55.84 -0.51 -27.49
CA SER G 63 56.96 -0.39 -28.41
C SER G 63 56.42 -0.35 -29.83
N GLY G 64 57.18 0.27 -30.73
CA GLY G 64 56.81 0.34 -32.12
C GLY G 64 58.01 0.06 -33.01
N SER G 65 57.70 -0.41 -34.22
CA SER G 65 58.76 -0.72 -35.17
C SER G 65 58.25 -0.44 -36.57
N GLY G 66 59.18 -0.24 -37.49
CA GLY G 66 58.82 -0.03 -38.87
C GLY G 66 59.58 1.07 -39.57
N SER G 67 59.60 1.00 -40.90
CA SER G 67 60.19 2.04 -41.74
C SER G 67 59.78 1.81 -43.19
N GLY G 68 59.19 2.82 -43.82
CA GLY G 68 58.75 2.66 -45.18
C GLY G 68 57.25 2.83 -45.36
N THR G 69 56.54 1.71 -45.54
CA THR G 69 55.09 1.72 -45.70
C THR G 69 54.38 0.85 -44.70
N ASP G 70 55.11 0.09 -43.87
CA ASP G 70 54.52 -0.86 -42.95
C ASP G 70 55.07 -0.63 -41.55
N PHE G 71 54.18 -0.49 -40.57
CA PHE G 71 54.54 -0.18 -39.21
C PHE G 71 53.71 -1.04 -38.26
N THR G 72 54.20 -1.17 -37.03
CA THR G 72 53.58 -2.07 -36.06
C THR G 72 53.63 -1.45 -34.67
N LEU G 73 52.53 -1.60 -33.94
CA LEU G 73 52.44 -1.22 -32.53
C LEU G 73 52.31 -2.50 -31.72
N THR G 74 53.25 -2.72 -30.80
CA THR G 74 53.32 -3.97 -30.03
C THR G 74 53.19 -3.66 -28.55
N ILE G 75 52.21 -4.28 -27.91
CA ILE G 75 52.02 -4.22 -26.47
C ILE G 75 52.42 -5.58 -25.91
N SER G 76 53.55 -5.62 -25.19
CA SER G 76 54.12 -6.87 -24.72
C SER G 76 53.28 -7.54 -23.63
N SER G 77 52.37 -6.80 -22.99
CA SER G 77 51.51 -7.36 -21.96
C SER G 77 50.30 -6.46 -21.72
N GLN G 78 49.17 -6.80 -22.36
CA GLN G 78 47.95 -5.99 -22.26
C GLN G 78 47.51 -5.84 -20.81
N GLN G 79 47.69 -4.63 -20.26
CA GLN G 79 47.29 -4.29 -18.91
C GLN G 79 45.94 -3.58 -18.94
N PRO G 80 45.22 -3.51 -17.80
CA PRO G 80 43.84 -3.03 -17.85
C PRO G 80 43.72 -1.56 -18.25
N GLU G 81 44.79 -0.77 -18.14
CA GLU G 81 44.78 0.63 -18.52
C GLU G 81 45.13 0.84 -19.99
N ASP G 82 45.29 -0.24 -20.76
CA ASP G 82 45.64 -0.15 -22.17
C ASP G 82 44.46 -0.37 -23.09
N PHE G 83 43.33 -0.84 -22.57
CA PHE G 83 42.13 -1.02 -23.38
C PHE G 83 41.62 0.35 -23.81
N ALA G 84 41.86 0.70 -25.07
CA ALA G 84 41.48 2.00 -25.60
C ALA G 84 41.54 1.90 -27.12
N THR G 85 41.53 3.06 -27.79
CA THR G 85 41.68 3.12 -29.24
C THR G 85 43.04 3.69 -29.58
N TYR G 86 43.67 3.14 -30.62
CA TYR G 86 45.02 3.51 -31.00
C TYR G 86 45.05 3.95 -32.46
N TYR G 87 45.74 5.06 -32.73
CA TYR G 87 45.80 5.65 -34.05
C TYR G 87 47.26 5.83 -34.46
N CYS G 88 47.51 5.71 -35.76
CA CYS G 88 48.79 6.09 -36.34
C CYS G 88 48.62 7.40 -37.11
N GLN G 89 49.73 8.13 -37.24
CA GLN G 89 49.69 9.44 -37.87
C GLN G 89 51.04 9.71 -38.52
N GLN G 90 51.01 10.11 -39.79
CA GLN G 90 52.23 10.40 -40.53
C GLN G 90 52.54 11.89 -40.47
N ALA G 91 53.83 12.21 -40.42
CA ALA G 91 54.32 13.59 -40.44
C ALA G 91 55.29 13.79 -41.59
N ASN G 92 55.14 13.00 -42.65
CA ASN G 92 56.05 13.08 -43.79
C ASN G 92 55.78 14.29 -44.66
N SER G 93 54.51 14.56 -44.97
CA SER G 93 54.17 15.65 -45.87
C SER G 93 52.76 16.15 -45.56
N PHE G 94 52.51 17.40 -45.91
CA PHE G 94 51.19 17.97 -45.78
C PHE G 94 50.23 17.29 -46.76
N PRO G 95 48.98 17.03 -46.35
CA PRO G 95 48.41 17.28 -45.03
C PRO G 95 48.72 16.15 -44.05
N TYR G 96 48.89 16.44 -42.76
CA TYR G 96 49.02 15.38 -41.78
C TYR G 96 47.76 14.54 -41.76
N THR G 97 47.92 13.23 -41.82
CA THR G 97 46.78 12.32 -41.86
C THR G 97 46.90 11.29 -40.74
N PHE G 98 45.75 10.85 -40.27
CA PHE G 98 45.64 9.83 -39.22
C PHE G 98 45.11 8.53 -39.81
N GLY G 99 45.39 7.42 -39.10
CA GLY G 99 44.75 6.17 -39.40
C GLY G 99 43.33 6.13 -38.84
N GLN G 100 42.53 5.21 -39.37
CA GLN G 100 41.13 5.15 -38.97
C GLN G 100 40.94 4.61 -37.57
N GLY G 101 42.00 4.10 -36.93
CA GLY G 101 41.91 3.71 -35.54
C GLY G 101 41.68 2.22 -35.31
N THR G 102 42.29 1.68 -34.25
CA THR G 102 42.13 0.29 -33.86
C THR G 102 41.66 0.24 -32.41
N LYS G 103 40.50 -0.36 -32.17
CA LYS G 103 39.91 -0.44 -30.85
C LYS G 103 40.26 -1.78 -30.22
N VAL G 104 40.90 -1.74 -29.06
CA VAL G 104 41.31 -2.94 -28.33
C VAL G 104 40.27 -3.17 -27.23
N GLU G 105 39.37 -4.12 -27.48
CA GLU G 105 38.31 -4.45 -26.54
C GLU G 105 38.78 -5.56 -25.59
N ILE G 106 37.90 -5.94 -24.67
CA ILE G 106 38.21 -6.92 -23.64
C ILE G 106 37.67 -8.28 -24.06
N LYS G 107 38.50 -9.32 -23.92
CA LYS G 107 38.11 -10.67 -24.26
C LYS G 107 37.47 -11.36 -23.06
N ARG G 108 36.33 -11.99 -23.29
CA ARG G 108 35.64 -12.76 -22.25
C ARG G 108 35.03 -13.99 -22.91
N THR G 109 34.35 -14.81 -22.11
CA THR G 109 33.72 -16.01 -22.62
C THR G 109 32.46 -15.65 -23.42
N VAL G 110 32.20 -16.44 -24.47
CA VAL G 110 31.08 -16.16 -25.35
C VAL G 110 29.77 -16.31 -24.61
N ALA G 111 28.82 -15.43 -24.91
CA ALA G 111 27.48 -15.47 -24.35
C ALA G 111 26.48 -15.06 -25.40
N ALA G 112 25.35 -15.77 -25.45
CA ALA G 112 24.31 -15.50 -26.43
C ALA G 112 23.52 -14.25 -26.05
N PRO G 113 22.93 -13.58 -27.03
CA PRO G 113 22.10 -12.40 -26.73
C PRO G 113 20.71 -12.78 -26.26
N SER G 114 20.24 -12.08 -25.23
CA SER G 114 18.86 -12.18 -24.79
C SER G 114 18.01 -11.28 -25.66
N VAL G 115 17.27 -11.86 -26.59
CA VAL G 115 16.53 -11.11 -27.60
C VAL G 115 15.17 -10.71 -27.07
N PHE G 116 14.81 -9.45 -27.31
CA PHE G 116 13.51 -8.91 -26.91
C PHE G 116 12.93 -8.11 -28.06
N ILE G 117 11.60 -8.06 -28.11
CA ILE G 117 10.88 -7.26 -29.10
C ILE G 117 9.83 -6.43 -28.37
N PHE G 118 9.58 -5.24 -28.88
CA PHE G 118 8.60 -4.34 -28.30
C PHE G 118 7.70 -3.80 -29.41
N PRO G 119 6.40 -3.72 -29.17
CA PRO G 119 5.50 -3.11 -30.13
C PRO G 119 5.62 -1.61 -30.09
N PRO G 120 5.12 -0.90 -31.12
CA PRO G 120 5.12 0.56 -31.06
C PRO G 120 4.30 1.07 -29.88
N SER G 121 4.55 2.32 -29.52
CA SER G 121 3.89 2.91 -28.36
C SER G 121 2.44 3.23 -28.70
N ASP G 122 1.63 3.32 -27.63
CA ASP G 122 0.21 3.64 -27.80
C ASP G 122 0.03 5.03 -28.40
N GLU G 123 0.52 6.06 -27.69
CA GLU G 123 0.41 7.42 -28.18
C GLU G 123 1.22 7.67 -29.45
N GLN G 124 2.20 6.80 -29.74
CA GLN G 124 3.00 6.99 -30.95
C GLN G 124 2.18 6.69 -32.21
N LEU G 125 1.22 5.77 -32.12
CA LEU G 125 0.29 5.57 -33.22
C LEU G 125 -0.53 6.82 -33.47
N LYS G 126 -0.94 7.51 -32.41
CA LYS G 126 -1.63 8.79 -32.45
C LYS G 126 -0.74 9.93 -32.94
N SER G 127 0.50 9.62 -33.33
CA SER G 127 1.40 10.60 -33.91
C SER G 127 1.59 10.43 -35.42
N GLY G 128 1.35 9.23 -35.94
CA GLY G 128 1.59 8.94 -37.33
C GLY G 128 2.89 8.21 -37.63
N THR G 129 3.52 7.62 -36.61
CA THR G 129 4.83 6.98 -36.75
C THR G 129 4.83 5.69 -35.94
N ALA G 130 5.50 4.66 -36.48
CA ALA G 130 5.63 3.37 -35.81
C ALA G 130 7.09 3.01 -35.71
N SER G 131 7.58 2.90 -34.47
CA SER G 131 8.97 2.50 -34.21
C SER G 131 8.96 1.16 -33.48
N VAL G 132 9.44 0.12 -34.16
CA VAL G 132 9.51 -1.23 -33.60
C VAL G 132 10.94 -1.48 -33.13
N VAL G 133 11.09 -1.89 -31.87
CA VAL G 133 12.39 -2.00 -31.21
C VAL G 133 12.69 -3.48 -30.97
N CYS G 134 13.87 -3.92 -31.41
CA CYS G 134 14.41 -5.23 -31.13
C CYS G 134 15.66 -5.05 -30.29
N LEU G 135 15.66 -5.62 -29.08
CA LEU G 135 16.71 -5.38 -28.10
C LEU G 135 17.55 -6.64 -27.92
N LEU G 136 18.83 -6.55 -28.26
CA LEU G 136 19.82 -7.55 -27.91
C LEU G 136 20.59 -7.05 -26.70
N ASN G 137 20.69 -7.88 -25.67
CA ASN G 137 21.26 -7.46 -24.39
C ASN G 137 22.25 -8.50 -23.88
N ASN G 138 23.32 -7.99 -23.28
CA ASN G 138 24.34 -8.80 -22.59
C ASN G 138 24.83 -9.96 -23.46
N PHE G 139 25.49 -9.60 -24.56
CA PHE G 139 26.04 -10.58 -25.48
C PHE G 139 27.48 -10.22 -25.83
N TYR G 140 28.25 -11.25 -26.16
CA TYR G 140 29.64 -11.13 -26.56
C TYR G 140 29.90 -12.25 -27.55
N PRO G 141 30.56 -11.98 -28.68
CA PRO G 141 31.22 -10.72 -29.08
C PRO G 141 30.28 -9.70 -29.73
N ARG G 142 30.87 -8.66 -30.30
CA ARG G 142 30.08 -7.56 -30.86
C ARG G 142 29.33 -7.98 -32.12
N GLU G 143 29.80 -9.01 -32.81
CA GLU G 143 29.23 -9.35 -34.10
C GLU G 143 27.82 -9.90 -33.95
N ALA G 144 26.88 -9.25 -34.62
CA ALA G 144 25.49 -9.68 -34.63
C ALA G 144 24.88 -9.29 -35.98
N LYS G 145 23.79 -9.98 -36.32
CA LYS G 145 23.04 -9.71 -37.55
C LYS G 145 21.57 -9.62 -37.18
N VAL G 146 21.03 -8.40 -37.20
CA VAL G 146 19.62 -8.16 -36.89
C VAL G 146 18.88 -8.06 -38.21
N GLN G 147 17.91 -8.95 -38.42
CA GLN G 147 17.18 -9.08 -39.68
C GLN G 147 15.73 -8.72 -39.47
N TRP G 148 15.30 -7.60 -40.04
CA TRP G 148 13.92 -7.15 -39.94
C TRP G 148 13.10 -7.75 -41.08
N LYS G 149 12.08 -8.52 -40.72
CA LYS G 149 11.17 -9.13 -41.68
C LYS G 149 9.75 -8.88 -41.20
N VAL G 150 8.89 -8.42 -42.11
CA VAL G 150 7.47 -8.25 -41.84
C VAL G 150 6.68 -8.95 -42.94
N ASP G 151 5.75 -9.83 -42.55
CA ASP G 151 4.97 -10.63 -43.48
C ASP G 151 5.88 -11.36 -44.48
N ASN G 152 6.91 -12.01 -43.93
CA ASN G 152 7.92 -12.74 -44.68
C ASN G 152 8.68 -11.87 -45.68
N ALA G 153 8.50 -10.56 -45.63
CA ALA G 153 9.20 -9.64 -46.52
C ALA G 153 10.32 -8.96 -45.74
N LEU G 154 11.56 -9.30 -46.08
CA LEU G 154 12.71 -8.72 -45.39
C LEU G 154 12.74 -7.21 -45.61
N GLN G 155 12.65 -6.47 -44.51
CA GLN G 155 12.77 -5.02 -44.57
C GLN G 155 14.23 -4.62 -44.60
N SER G 156 14.53 -3.55 -45.33
CA SER G 156 15.90 -3.08 -45.49
C SER G 156 15.90 -1.58 -45.71
N GLY G 157 16.78 -0.89 -44.99
CA GLY G 157 17.02 0.52 -45.20
C GLY G 157 16.35 1.44 -44.20
N ASN G 158 15.17 1.07 -43.70
CA ASN G 158 14.44 1.94 -42.78
C ASN G 158 14.74 1.63 -41.32
N SER G 159 15.66 0.72 -41.03
CA SER G 159 15.99 0.38 -39.66
C SER G 159 17.30 1.03 -39.24
N GLN G 160 17.50 1.11 -37.93
CA GLN G 160 18.69 1.75 -37.38
C GLN G 160 19.02 1.09 -36.05
N GLU G 161 20.29 0.78 -35.83
CA GLU G 161 20.73 0.10 -34.63
C GLU G 161 21.95 0.80 -34.04
N SER G 162 21.90 1.04 -32.72
CA SER G 162 23.01 1.61 -31.98
C SER G 162 23.44 0.62 -30.91
N VAL G 163 24.75 0.59 -30.64
CA VAL G 163 25.35 -0.37 -29.73
C VAL G 163 26.07 0.38 -28.62
N THR G 164 25.96 -0.14 -27.40
CA THR G 164 26.64 0.44 -26.25
C THR G 164 28.07 -0.07 -26.14
N GLU G 165 28.84 0.56 -25.27
CA GLU G 165 30.20 0.12 -24.98
C GLU G 165 30.17 -1.13 -24.11
N GLN G 166 31.36 -1.71 -23.92
CA GLN G 166 31.48 -2.86 -23.04
C GLN G 166 31.11 -2.47 -21.62
N ASP G 167 30.10 -3.14 -21.06
CA ASP G 167 29.65 -2.83 -19.72
C ASP G 167 30.81 -2.97 -18.72
N SER G 168 30.81 -2.09 -17.73
CA SER G 168 31.98 -1.92 -16.87
C SER G 168 32.25 -3.09 -15.94
N LYS G 169 31.38 -4.08 -15.87
CA LYS G 169 31.62 -5.19 -14.94
C LYS G 169 31.64 -6.56 -15.59
N ASP G 170 30.79 -6.80 -16.59
CA ASP G 170 30.74 -8.10 -17.25
C ASP G 170 31.30 -8.07 -18.67
N SER G 171 31.68 -6.90 -19.17
CA SER G 171 32.45 -6.75 -20.41
C SER G 171 31.67 -7.25 -21.62
N THR G 172 30.35 -7.13 -21.59
CA THR G 172 29.52 -7.54 -22.72
C THR G 172 28.84 -6.32 -23.35
N TYR G 173 28.07 -6.58 -24.40
CA TYR G 173 27.46 -5.55 -25.22
C TYR G 173 25.94 -5.64 -25.16
N SER G 174 25.30 -4.57 -25.61
CA SER G 174 23.86 -4.52 -25.79
C SER G 174 23.56 -3.74 -27.08
N LEU G 175 22.54 -4.18 -27.80
CA LEU G 175 22.21 -3.61 -29.09
C LEU G 175 20.73 -3.25 -29.13
N SER G 176 20.42 -2.13 -29.78
CA SER G 176 19.04 -1.64 -29.94
C SER G 176 18.81 -1.30 -31.41
N SER G 177 18.14 -2.20 -32.13
CA SER G 177 17.75 -1.96 -33.51
C SER G 177 16.31 -1.49 -33.56
N THR G 178 16.06 -0.42 -34.31
CA THR G 178 14.75 0.21 -34.36
C THR G 178 14.26 0.30 -35.80
N LEU G 179 13.04 -0.18 -36.03
CA LEU G 179 12.39 -0.13 -37.33
C LEU G 179 11.34 0.98 -37.31
N THR G 180 11.52 1.98 -38.15
CA THR G 180 10.63 3.14 -38.19
C THR G 180 9.83 3.15 -39.49
N LEU G 181 8.51 3.33 -39.37
CA LEU G 181 7.63 3.41 -40.53
C LEU G 181 6.49 4.36 -40.22
N SER G 182 5.72 4.67 -41.25
CA SER G 182 4.50 5.46 -41.05
C SER G 182 3.43 4.60 -40.40
N LYS G 183 2.36 5.25 -39.96
CA LYS G 183 1.23 4.51 -39.40
C LYS G 183 0.54 3.67 -40.46
N ALA G 184 0.54 4.12 -41.72
CA ALA G 184 -0.10 3.36 -42.79
C ALA G 184 0.67 2.07 -43.08
N ASP G 185 1.99 2.16 -43.21
CA ASP G 185 2.78 0.96 -43.47
C ASP G 185 2.73 0.00 -42.30
N TYR G 186 2.53 0.51 -41.08
CA TYR G 186 2.46 -0.35 -39.91
C TYR G 186 1.16 -1.15 -39.90
N GLU G 187 0.04 -0.48 -40.14
CA GLU G 187 -1.26 -1.15 -40.09
C GLU G 187 -1.63 -1.82 -41.40
N LYS G 188 -0.74 -1.80 -42.41
CA LYS G 188 -0.89 -2.58 -43.63
C LYS G 188 -0.07 -3.86 -43.57
N HIS G 189 0.19 -4.37 -42.38
CA HIS G 189 0.90 -5.62 -42.17
C HIS G 189 0.32 -6.30 -40.94
N LYS G 190 0.94 -7.40 -40.52
CA LYS G 190 0.40 -8.15 -39.38
C LYS G 190 1.48 -8.53 -38.37
N VAL G 191 2.50 -9.25 -38.80
CA VAL G 191 3.50 -9.82 -37.90
C VAL G 191 4.85 -9.14 -38.14
N TYR G 192 5.53 -8.79 -37.05
CA TYR G 192 6.83 -8.15 -37.09
C TYR G 192 7.84 -8.98 -36.33
N ALA G 193 8.99 -9.24 -36.94
CA ALA G 193 10.00 -10.11 -36.35
C ALA G 193 11.40 -9.57 -36.63
N CYS G 194 12.30 -9.81 -35.67
CA CYS G 194 13.72 -9.56 -35.87
C CYS G 194 14.48 -10.87 -35.69
N GLU G 195 15.37 -11.16 -36.65
CA GLU G 195 16.13 -12.40 -36.67
C GLU G 195 17.56 -12.12 -36.24
N VAL G 196 17.97 -12.71 -35.13
CA VAL G 196 19.28 -12.47 -34.53
C VAL G 196 20.20 -13.62 -34.93
N THR G 197 21.32 -13.28 -35.58
CA THR G 197 22.30 -14.26 -36.03
C THR G 197 23.61 -13.97 -35.29
N HIS G 198 23.68 -14.40 -34.04
CA HIS G 198 24.87 -14.27 -33.20
C HIS G 198 25.47 -15.64 -32.98
N GLN G 199 26.80 -15.69 -32.89
CA GLN G 199 27.49 -16.99 -32.82
C GLN G 199 27.14 -17.75 -31.54
N GLY G 200 26.78 -17.04 -30.48
CA GLY G 200 26.55 -17.68 -29.19
C GLY G 200 25.30 -18.53 -29.14
N LEU G 201 24.51 -18.53 -30.21
CA LEU G 201 23.30 -19.32 -30.31
C LEU G 201 23.59 -20.60 -31.08
N SER G 202 22.99 -21.71 -30.63
CA SER G 202 23.12 -22.97 -31.34
C SER G 202 22.52 -22.87 -32.73
N SER G 203 21.50 -22.02 -32.90
CA SER G 203 20.85 -21.73 -34.16
C SER G 203 20.28 -20.32 -34.00
N PRO G 204 20.33 -19.49 -35.05
CA PRO G 204 19.83 -18.10 -34.93
C PRO G 204 18.38 -18.06 -34.47
N VAL G 205 18.16 -17.36 -33.35
CA VAL G 205 16.85 -17.26 -32.74
C VAL G 205 16.12 -16.07 -33.37
N THR G 206 14.79 -16.07 -33.25
CA THR G 206 13.97 -15.03 -33.86
C THR G 206 12.77 -14.75 -32.98
N LYS G 207 12.48 -13.48 -32.74
CA LYS G 207 11.32 -13.10 -31.95
C LYS G 207 10.35 -12.30 -32.82
N SER G 208 9.07 -12.35 -32.45
CA SER G 208 8.02 -11.80 -33.29
C SER G 208 6.81 -11.44 -32.43
N PHE G 209 5.86 -10.76 -33.05
CA PHE G 209 4.57 -10.43 -32.45
C PHE G 209 3.63 -10.03 -33.57
N ASN G 210 2.34 -10.16 -33.29
CA ASN G 210 1.29 -9.75 -34.20
C ASN G 210 0.69 -8.43 -33.75
N ARG G 211 0.18 -7.66 -34.70
CA ARG G 211 -0.31 -6.31 -34.43
C ARG G 211 -1.38 -6.33 -33.34
N GLY G 212 -1.22 -5.45 -32.35
CA GLY G 212 -2.18 -5.30 -31.28
C GLY G 212 -2.37 -6.52 -30.41
N GLU G 213 -1.27 -7.14 -29.98
CA GLU G 213 -1.34 -8.28 -29.08
C GLU G 213 -1.45 -7.78 -27.64
N GLU H 1 51.95 23.63 -14.89
CA GLU H 1 52.03 22.54 -15.87
C GLU H 1 51.48 22.98 -17.22
N VAL H 2 52.00 22.36 -18.29
CA VAL H 2 51.63 22.75 -19.64
C VAL H 2 50.22 22.26 -19.95
N GLN H 3 49.40 23.12 -20.54
CA GLN H 3 48.04 22.77 -20.92
C GLN H 3 47.55 23.73 -21.99
N LEU H 4 46.51 23.29 -22.71
CA LEU H 4 45.81 24.10 -23.70
C LEU H 4 44.32 24.07 -23.40
N VAL H 5 43.67 25.22 -23.51
CA VAL H 5 42.26 25.35 -23.17
C VAL H 5 41.53 25.95 -24.38
N GLU H 6 40.65 25.15 -25.00
CA GLU H 6 39.83 25.63 -26.10
C GLU H 6 38.61 26.39 -25.58
N SER H 7 38.05 27.21 -26.46
CA SER H 7 36.80 27.92 -26.18
C SER H 7 36.21 28.39 -27.50
N GLY H 8 34.96 28.83 -27.43
CA GLY H 8 34.26 29.36 -28.59
C GLY H 8 33.36 28.39 -29.31
N GLY H 9 33.25 27.15 -28.84
CA GLY H 9 32.40 26.17 -29.50
C GLY H 9 30.93 26.47 -29.26
N GLY H 10 30.10 26.02 -30.20
CA GLY H 10 28.68 26.25 -30.10
C GLY H 10 27.97 25.77 -31.36
N PHE H 11 26.67 26.08 -31.41
CA PHE H 11 25.80 25.67 -32.49
C PHE H 11 25.70 26.79 -33.53
N VAL H 12 25.88 26.44 -34.80
CA VAL H 12 25.84 27.40 -35.90
C VAL H 12 24.99 26.82 -37.01
N GLN H 13 24.35 27.72 -37.76
CA GLN H 13 23.60 27.30 -38.94
C GLN H 13 24.54 27.15 -40.14
N PRO H 14 24.21 26.27 -41.08
CA PRO H 14 25.02 26.15 -42.30
C PRO H 14 25.14 27.48 -43.00
N GLY H 15 26.32 27.71 -43.61
CA GLY H 15 26.63 28.98 -44.20
C GLY H 15 27.08 30.06 -43.23
N GLY H 16 26.99 29.83 -41.93
CA GLY H 16 27.38 30.80 -40.93
C GLY H 16 28.87 30.82 -40.66
N SER H 17 29.23 31.28 -39.46
CA SER H 17 30.62 31.39 -39.08
C SER H 17 30.76 31.24 -37.57
N LEU H 18 31.98 30.92 -37.13
CA LEU H 18 32.28 30.75 -35.72
C LEU H 18 33.78 30.87 -35.53
N ARG H 19 34.18 31.36 -34.36
CA ARG H 19 35.60 31.61 -34.07
C ARG H 19 35.98 30.81 -32.82
N LEU H 20 36.92 29.90 -32.97
CA LEU H 20 37.49 29.18 -31.84
C LEU H 20 38.76 29.87 -31.36
N SER H 21 38.98 29.82 -30.05
CA SER H 21 40.18 30.36 -29.43
C SER H 21 40.83 29.31 -28.57
N CYS H 22 42.11 29.50 -28.30
CA CYS H 22 42.88 28.55 -27.51
C CYS H 22 43.90 29.32 -26.68
N ALA H 23 43.83 29.16 -25.36
CA ALA H 23 44.75 29.81 -24.44
C ALA H 23 45.80 28.80 -24.00
N ALA H 24 47.07 29.17 -24.14
CA ALA H 24 48.18 28.32 -23.76
C ALA H 24 48.80 28.80 -22.45
N SER H 25 49.27 27.85 -21.64
CA SER H 25 49.94 28.19 -20.40
C SER H 25 51.02 27.16 -20.12
N GLY H 26 52.12 27.61 -19.54
CA GLY H 26 53.19 26.73 -19.12
C GLY H 26 54.35 26.59 -20.08
N PHE H 27 54.30 27.26 -21.23
CA PHE H 27 55.39 27.15 -22.20
C PHE H 27 55.44 28.42 -23.04
N THR H 28 56.64 28.72 -23.54
CA THR H 28 56.85 29.86 -24.44
C THR H 28 56.09 29.61 -25.73
N PHE H 29 54.90 30.21 -25.83
CA PHE H 29 53.97 29.89 -26.92
C PHE H 29 54.58 30.20 -28.29
N SER H 30 55.38 31.26 -28.38
CA SER H 30 55.88 31.70 -29.68
C SER H 30 56.92 30.76 -30.29
N ASN H 31 57.39 29.76 -29.54
CA ASN H 31 58.43 28.87 -30.04
C ASN H 31 57.90 27.69 -30.84
N PHE H 32 56.62 27.32 -30.66
CA PHE H 32 56.10 26.05 -31.13
C PHE H 32 55.18 26.22 -32.32
N ASP H 33 55.20 25.21 -33.20
CA ASP H 33 54.13 25.07 -34.19
C ASP H 33 52.82 24.78 -33.48
N MET H 34 51.74 25.35 -34.00
CA MET H 34 50.41 25.15 -33.44
C MET H 34 49.48 24.63 -34.51
N HIS H 35 48.56 23.75 -34.12
CA HIS H 35 47.67 23.08 -35.06
C HIS H 35 46.27 22.97 -34.47
N TRP H 36 45.30 22.76 -35.35
CA TRP H 36 43.95 22.39 -34.97
C TRP H 36 43.63 21.02 -35.56
N VAL H 37 43.09 20.13 -34.73
CA VAL H 37 42.70 18.78 -35.15
C VAL H 37 41.28 18.53 -34.70
N ARG H 38 40.42 18.09 -35.61
CA ARG H 38 39.03 17.81 -35.28
C ARG H 38 38.76 16.32 -35.36
N GLN H 39 37.80 15.87 -34.55
CA GLN H 39 37.44 14.45 -34.48
C GLN H 39 35.93 14.31 -34.59
N SER H 40 35.49 13.40 -35.48
CA SER H 40 34.08 13.14 -35.67
C SER H 40 33.87 11.65 -35.92
N PRO H 41 32.82 11.06 -35.32
CA PRO H 41 32.49 9.65 -35.60
C PRO H 41 31.95 9.50 -37.01
N GLY H 42 32.83 9.13 -37.94
CA GLY H 42 32.48 9.10 -39.34
C GLY H 42 33.67 9.44 -40.20
N LYS H 43 34.62 10.18 -39.61
CA LYS H 43 35.88 10.49 -40.27
C LYS H 43 37.05 10.28 -39.32
N GLY H 44 36.81 10.49 -38.02
CA GLY H 44 37.85 10.31 -37.03
C GLY H 44 38.72 11.55 -36.89
N LEU H 45 40.00 11.32 -36.66
CA LEU H 45 40.93 12.41 -36.42
C LEU H 45 41.33 13.08 -37.74
N GLU H 46 41.22 14.40 -37.78
CA GLU H 46 41.41 15.17 -39.00
C GLU H 46 42.27 16.39 -38.68
N TRP H 47 43.44 16.47 -39.31
CA TRP H 47 44.23 17.69 -39.22
C TRP H 47 43.55 18.80 -40.02
N VAL H 48 43.30 19.93 -39.36
CA VAL H 48 42.53 21.02 -39.96
C VAL H 48 43.46 22.08 -40.53
N SER H 49 44.31 22.65 -39.68
CA SER H 49 45.19 23.72 -40.11
C SER H 49 46.35 23.85 -39.14
N GLY H 50 47.39 24.53 -39.61
CA GLY H 50 48.57 24.75 -38.80
C GLY H 50 49.19 26.10 -39.10
N LEU H 51 49.76 26.71 -38.06
CA LEU H 51 50.48 27.96 -38.17
C LEU H 51 51.85 27.74 -37.52
N ASP H 52 52.89 27.61 -38.33
CA ASP H 52 54.18 27.20 -37.80
C ASP H 52 54.87 28.33 -37.05
N HIS H 53 56.00 27.99 -36.42
CA HIS H 53 56.75 28.95 -35.61
C HIS H 53 57.23 30.15 -36.42
N SER H 54 57.38 30.00 -37.73
CA SER H 54 57.83 31.08 -38.59
C SER H 54 56.68 31.85 -39.24
N GLY H 55 55.45 31.61 -38.80
CA GLY H 55 54.30 32.38 -39.25
C GLY H 55 53.64 31.90 -40.52
N GLY H 56 53.99 30.72 -41.02
CA GLY H 56 53.39 30.19 -42.23
C GLY H 56 52.14 29.39 -41.91
N ALA H 57 51.06 29.68 -42.63
CA ALA H 57 49.77 29.03 -42.42
C ALA H 57 49.58 27.91 -43.42
N HIS H 58 48.98 26.80 -42.96
CA HIS H 58 48.70 25.65 -43.80
C HIS H 58 47.28 25.17 -43.52
N TYR H 59 46.60 24.70 -44.56
CA TYR H 59 45.22 24.26 -44.42
C TYR H 59 45.00 22.99 -45.21
N ALA H 60 44.19 22.09 -44.65
CA ALA H 60 43.72 20.94 -45.41
C ALA H 60 42.81 21.40 -46.55
N GLY H 61 42.73 20.56 -47.59
CA GLY H 61 41.98 20.93 -48.77
C GLY H 61 40.50 21.13 -48.52
N SER H 62 39.92 20.36 -47.59
CA SER H 62 38.50 20.46 -47.29
C SER H 62 38.16 21.71 -46.49
N VAL H 63 39.12 22.60 -46.25
CA VAL H 63 38.94 23.69 -45.30
C VAL H 63 39.56 24.96 -45.87
N LYS H 64 40.48 24.81 -46.82
CA LYS H 64 41.18 25.95 -47.39
C LYS H 64 40.20 26.91 -48.06
N GLY H 65 40.46 28.20 -47.91
CA GLY H 65 39.56 29.22 -48.40
C GLY H 65 38.42 29.56 -47.49
N ARG H 66 38.14 28.73 -46.48
CA ARG H 66 37.06 28.95 -45.53
C ARG H 66 37.53 29.19 -44.11
N PHE H 67 38.64 28.57 -43.70
CA PHE H 67 39.19 28.73 -42.36
C PHE H 67 40.42 29.62 -42.39
N THR H 68 40.63 30.36 -41.30
CA THR H 68 41.82 31.20 -41.15
C THR H 68 42.37 31.00 -39.74
N ILE H 69 43.59 30.47 -39.66
CA ILE H 69 44.27 30.30 -38.37
C ILE H 69 45.14 31.53 -38.12
N SER H 70 45.16 31.99 -36.87
CA SER H 70 45.97 33.13 -36.48
C SER H 70 46.36 32.95 -35.02
N ARG H 71 47.29 33.80 -34.56
CA ARG H 71 47.79 33.69 -33.21
C ARG H 71 48.31 35.04 -32.74
N GLU H 72 48.17 35.29 -31.45
CA GLU H 72 48.72 36.48 -30.80
C GLU H 72 49.75 35.98 -29.79
N ASP H 73 51.02 35.99 -30.20
CA ASP H 73 52.08 35.49 -29.32
C ASP H 73 52.16 36.26 -28.02
N ALA H 74 51.80 37.55 -28.05
CA ALA H 74 51.79 38.34 -26.82
C ALA H 74 50.67 37.91 -25.87
N LYS H 75 49.63 37.26 -26.37
CA LYS H 75 48.49 36.84 -25.56
C LYS H 75 48.46 35.34 -25.31
N ASN H 76 49.44 34.59 -25.82
CA ASN H 76 49.46 33.12 -25.70
C ASN H 76 48.16 32.50 -26.22
N SER H 77 47.66 33.03 -27.33
CA SER H 77 46.36 32.64 -27.86
C SER H 77 46.47 32.22 -29.31
N LEU H 78 45.70 31.20 -29.67
CA LEU H 78 45.56 30.72 -31.04
C LEU H 78 44.09 30.76 -31.43
N ASP H 79 43.79 31.28 -32.61
CA ASP H 79 42.43 31.45 -33.07
C ASP H 79 42.20 30.72 -34.39
N LEU H 80 40.95 30.31 -34.60
CA LEU H 80 40.53 29.66 -35.84
C LEU H 80 39.21 30.28 -36.28
N GLN H 81 39.26 31.09 -37.34
CA GLN H 81 38.08 31.75 -37.87
C GLN H 81 37.48 30.89 -38.97
N MET H 82 36.32 30.29 -38.70
CA MET H 82 35.67 29.34 -39.58
C MET H 82 34.48 30.00 -40.27
N ASN H 83 34.61 30.27 -41.56
CA ASN H 83 33.55 30.90 -42.34
C ASN H 83 32.90 29.87 -43.27
N ASN H 84 31.66 30.12 -43.64
CA ASN H 84 30.89 29.28 -44.55
C ASN H 84 30.85 27.83 -44.05
N LEU H 85 30.27 27.67 -42.86
CA LEU H 85 30.31 26.38 -42.18
C LEU H 85 29.37 25.38 -42.84
N ARG H 86 29.76 24.12 -42.80
CA ARG H 86 29.01 23.01 -43.38
C ARG H 86 28.62 22.04 -42.30
N VAL H 87 27.56 21.26 -42.57
CA VAL H 87 27.10 20.22 -41.65
C VAL H 87 28.26 19.29 -41.29
N ASP H 88 29.06 18.90 -42.28
CA ASP H 88 30.15 17.96 -42.04
C ASP H 88 31.38 18.62 -41.40
N ASP H 89 31.28 19.91 -41.03
CA ASP H 89 32.27 20.51 -40.13
C ASP H 89 32.00 20.17 -38.67
N THR H 90 30.84 19.59 -38.38
CA THR H 90 30.49 19.19 -37.02
C THR H 90 31.50 18.20 -36.47
N ALA H 91 32.21 18.59 -35.41
CA ALA H 91 33.23 17.73 -34.81
C ALA H 91 33.66 18.34 -33.48
N VAL H 92 34.45 17.58 -32.75
CA VAL H 92 35.18 18.07 -31.59
C VAL H 92 36.51 18.62 -32.09
N TYR H 93 36.80 19.88 -31.78
CA TYR H 93 37.99 20.54 -32.28
C TYR H 93 39.01 20.64 -31.15
N PHE H 94 40.21 20.10 -31.40
CA PHE H 94 41.29 20.09 -30.42
C PHE H 94 42.34 21.13 -30.81
N CYS H 95 42.71 21.97 -29.84
CA CYS H 95 43.90 22.80 -29.96
C CYS H 95 45.12 21.97 -29.62
N VAL H 96 46.10 21.92 -30.53
CA VAL H 96 47.19 20.96 -30.46
C VAL H 96 48.52 21.68 -30.65
N ARG H 97 49.53 21.27 -29.87
CA ARG H 97 50.88 21.79 -29.98
C ARG H 97 51.75 20.82 -30.78
N GLY H 98 52.50 21.36 -31.74
CA GLY H 98 53.49 20.55 -32.43
C GLY H 98 54.77 20.44 -31.61
N THR H 99 55.40 19.27 -31.69
CA THR H 99 56.59 19.02 -30.90
C THR H 99 57.74 19.92 -31.34
N LEU H 100 58.57 20.30 -30.37
CA LEU H 100 59.81 21.04 -30.60
C LEU H 100 60.93 20.22 -29.97
N TYR H 101 61.56 19.37 -30.78
CA TYR H 101 62.58 18.45 -30.31
C TYR H 101 63.96 18.98 -30.69
N HIS H 102 64.88 19.02 -29.72
CA HIS H 102 66.22 19.55 -29.92
C HIS H 102 67.24 18.42 -30.02
N TYR H 103 68.19 18.58 -30.93
CA TYR H 103 69.24 17.62 -31.19
C TYR H 103 70.58 18.35 -31.22
N THR H 104 71.66 17.57 -31.30
CA THR H 104 72.98 18.19 -31.47
C THR H 104 73.08 18.93 -32.81
N SER H 105 72.23 18.57 -33.78
CA SER H 105 72.21 19.23 -35.08
C SER H 105 71.23 20.40 -35.14
N GLY H 106 70.42 20.61 -34.10
CA GLY H 106 69.49 21.72 -34.10
C GLY H 106 68.09 21.38 -33.63
N SER H 107 67.09 22.13 -34.10
CA SER H 107 65.72 22.01 -33.65
C SER H 107 64.82 21.59 -34.80
N TYR H 108 63.86 20.71 -34.51
CA TYR H 108 62.95 20.17 -35.52
C TYR H 108 61.51 20.29 -35.02
N TYR H 109 60.60 20.63 -35.92
CA TYR H 109 59.26 21.05 -35.58
C TYR H 109 58.21 20.08 -36.10
N SER H 110 57.21 19.80 -35.27
CA SER H 110 55.99 19.09 -35.66
C SER H 110 56.27 17.67 -36.14
N ASP H 111 57.24 17.02 -35.49
CA ASP H 111 57.39 15.57 -35.70
C ASP H 111 56.16 14.82 -35.22
N ALA H 112 55.49 15.34 -34.20
CA ALA H 112 54.30 14.72 -33.64
C ALA H 112 53.47 15.80 -32.95
N PHE H 113 52.36 15.38 -32.36
CA PHE H 113 51.46 16.25 -31.62
C PHE H 113 51.45 15.79 -30.17
N ASP H 114 52.12 16.53 -29.29
CA ASP H 114 52.35 16.07 -27.93
C ASP H 114 51.39 16.66 -26.91
N ILE H 115 50.94 17.89 -27.09
CA ILE H 115 50.03 18.56 -26.15
C ILE H 115 48.70 18.76 -26.86
N TRP H 116 47.62 18.27 -26.23
CA TRP H 116 46.28 18.38 -26.76
C TRP H 116 45.39 19.07 -25.75
N GLY H 117 44.44 19.86 -26.24
CA GLY H 117 43.49 20.53 -25.38
C GLY H 117 42.31 19.64 -25.04
N GLN H 118 41.41 20.19 -24.22
CA GLN H 118 40.19 19.48 -23.85
C GLN H 118 39.33 19.17 -25.07
N GLY H 119 39.40 20.01 -26.09
CA GLY H 119 38.53 19.87 -27.24
C GLY H 119 37.19 20.54 -27.03
N THR H 120 36.69 21.26 -28.03
CA THR H 120 35.42 21.95 -27.93
C THR H 120 34.50 21.51 -29.05
N LEU H 121 33.23 21.29 -28.70
CA LEU H 121 32.26 20.75 -29.65
C LEU H 121 31.68 21.87 -30.52
N VAL H 122 31.77 21.69 -31.83
CA VAL H 122 31.18 22.60 -32.81
C VAL H 122 30.11 21.83 -33.57
N THR H 123 28.87 22.32 -33.51
CA THR H 123 27.73 21.66 -34.15
C THR H 123 27.14 22.58 -35.20
N VAL H 124 27.14 22.14 -36.45
CA VAL H 124 26.53 22.88 -37.55
C VAL H 124 25.22 22.19 -37.90
N SER H 125 24.11 22.88 -37.74
CA SER H 125 22.79 22.28 -37.93
C SER H 125 21.75 23.37 -38.09
N SER H 126 20.76 23.11 -38.95
CA SER H 126 19.64 24.02 -39.12
C SER H 126 18.45 23.66 -38.24
N ALA H 127 18.62 22.69 -37.33
CA ALA H 127 17.53 22.22 -36.50
C ALA H 127 17.23 23.22 -35.38
N SER H 128 16.16 22.94 -34.64
CA SER H 128 15.66 23.82 -33.60
C SER H 128 15.68 23.12 -32.25
N VAL H 129 15.84 23.91 -31.18
CA VAL H 129 15.76 23.36 -29.83
C VAL H 129 14.36 22.78 -29.62
N LYS H 130 14.31 21.51 -29.21
CA LYS H 130 13.05 20.81 -29.09
C LYS H 130 13.17 19.73 -28.02
N GLY H 131 12.19 19.69 -27.12
CA GLY H 131 12.13 18.65 -26.11
C GLY H 131 11.72 17.32 -26.71
N PRO H 132 12.06 16.24 -26.03
CA PRO H 132 11.76 14.90 -26.57
C PRO H 132 10.38 14.40 -26.17
N SER H 133 9.77 13.67 -27.10
CA SER H 133 8.59 12.87 -26.82
C SER H 133 9.04 11.47 -26.43
N VAL H 134 8.75 11.06 -25.20
CA VAL H 134 9.20 9.78 -24.68
C VAL H 134 8.04 8.81 -24.69
N PHE H 135 8.31 7.58 -25.12
CA PHE H 135 7.29 6.57 -25.32
C PHE H 135 7.68 5.28 -24.60
N PRO H 136 6.73 4.60 -23.97
CA PRO H 136 7.07 3.40 -23.21
C PRO H 136 7.32 2.20 -24.10
N LEU H 137 8.24 1.36 -23.65
CA LEU H 137 8.49 0.04 -24.24
C LEU H 137 8.00 -0.99 -23.21
N ALA H 138 6.71 -1.28 -23.27
CA ALA H 138 6.07 -2.08 -22.23
C ALA H 138 6.62 -3.50 -22.21
N PRO H 139 6.74 -4.10 -21.01
CA PRO H 139 7.20 -5.48 -20.82
C PRO H 139 6.35 -6.48 -21.61
N THR H 148 12.59 -13.14 -15.71
CA THR H 148 13.41 -11.96 -15.98
C THR H 148 12.99 -11.28 -17.28
N ALA H 149 12.33 -10.13 -17.15
CA ALA H 149 11.80 -9.39 -18.28
C ALA H 149 12.50 -8.05 -18.42
N ALA H 150 12.35 -7.43 -19.59
CA ALA H 150 13.00 -6.17 -19.91
C ALA H 150 11.96 -5.17 -20.39
N LEU H 151 12.04 -3.95 -19.88
CA LEU H 151 11.22 -2.84 -20.30
C LEU H 151 12.12 -1.66 -20.65
N GLY H 152 11.52 -0.60 -21.19
CA GLY H 152 12.34 0.52 -21.61
C GLY H 152 11.50 1.74 -21.96
N CYS H 153 12.22 2.82 -22.30
CA CYS H 153 11.63 4.08 -22.70
C CYS H 153 12.27 4.55 -24.00
N LEU H 154 11.44 4.88 -24.98
CA LEU H 154 11.92 5.40 -26.25
C LEU H 154 11.90 6.93 -26.19
N VAL H 155 13.07 7.54 -26.16
CA VAL H 155 13.22 9.00 -26.12
C VAL H 155 13.50 9.46 -27.54
N LYS H 156 12.52 10.15 -28.14
CA LYS H 156 12.49 10.36 -29.58
C LYS H 156 12.36 11.84 -29.92
N ASP H 157 13.03 12.24 -31.00
CA ASP H 157 12.89 13.57 -31.60
C ASP H 157 13.18 14.70 -30.63
N TYR H 158 14.46 14.96 -30.37
CA TYR H 158 14.86 16.10 -29.56
C TYR H 158 16.09 16.74 -30.18
N PHE H 159 16.37 17.98 -29.76
CA PHE H 159 17.56 18.69 -30.21
C PHE H 159 17.87 19.79 -29.22
N PRO H 160 19.13 20.00 -28.86
CA PRO H 160 20.30 19.21 -29.25
C PRO H 160 20.68 18.20 -28.18
N GLU H 161 21.82 17.54 -28.35
CA GLU H 161 22.35 16.70 -27.29
C GLU H 161 22.76 17.57 -26.10
N PRO H 162 22.75 17.01 -24.88
CA PRO H 162 22.37 15.64 -24.52
C PRO H 162 21.05 15.54 -23.75
N VAL H 163 20.55 14.33 -23.58
CA VAL H 163 19.49 14.03 -22.62
C VAL H 163 20.04 13.06 -21.60
N THR H 164 19.56 13.16 -20.37
CA THR H 164 19.99 12.30 -19.28
C THR H 164 18.78 11.50 -18.79
N VAL H 165 18.92 10.18 -18.74
CA VAL H 165 17.82 9.29 -18.37
C VAL H 165 18.24 8.51 -17.12
N SER H 166 17.34 8.43 -16.16
CA SER H 166 17.47 7.54 -15.02
C SER H 166 16.15 6.83 -14.80
N TRP H 167 16.13 5.90 -13.85
CA TRP H 167 14.94 5.14 -13.54
C TRP H 167 14.65 5.22 -12.05
N ASN H 168 13.38 5.52 -11.73
CA ASN H 168 12.93 5.68 -10.34
C ASN H 168 13.75 6.72 -9.60
N SER H 169 14.01 7.85 -10.27
CA SER H 169 14.75 8.97 -9.67
C SER H 169 16.15 8.55 -9.23
N GLY H 170 16.84 7.79 -10.08
CA GLY H 170 18.18 7.36 -9.78
C GLY H 170 18.30 6.20 -8.81
N ALA H 171 17.19 5.58 -8.43
CA ALA H 171 17.22 4.46 -7.51
C ALA H 171 17.49 3.12 -8.19
N LEU H 172 17.27 3.03 -9.50
CA LEU H 172 17.43 1.79 -10.25
C LEU H 172 18.60 1.96 -11.22
N THR H 173 19.80 1.58 -10.77
CA THR H 173 20.99 1.63 -11.60
C THR H 173 21.39 0.29 -12.18
N SER H 174 20.98 -0.81 -11.56
CA SER H 174 21.33 -2.14 -12.03
C SER H 174 20.55 -2.50 -13.28
N GLY H 175 21.26 -3.07 -14.26
CA GLY H 175 20.64 -3.53 -15.49
C GLY H 175 20.29 -2.46 -16.50
N VAL H 176 20.62 -1.20 -16.22
CA VAL H 176 20.25 -0.11 -17.11
C VAL H 176 21.26 0.00 -18.23
N HIS H 177 20.77 0.08 -19.47
CA HIS H 177 21.60 0.32 -20.65
C HIS H 177 20.99 1.48 -21.42
N THR H 178 21.62 2.66 -21.31
CA THR H 178 21.17 3.86 -22.02
C THR H 178 21.99 3.97 -23.30
N PHE H 179 21.35 3.70 -24.44
CA PHE H 179 22.04 3.64 -25.71
C PHE H 179 22.44 5.04 -26.18
N PRO H 180 23.46 5.13 -27.02
CA PRO H 180 23.84 6.44 -27.57
C PRO H 180 22.82 6.93 -28.58
N ALA H 181 22.65 8.25 -28.62
CA ALA H 181 21.68 8.87 -29.51
C ALA H 181 22.09 8.67 -30.97
N VAL H 182 21.10 8.66 -31.85
CA VAL H 182 21.32 8.55 -33.28
C VAL H 182 20.67 9.75 -33.94
N LEU H 183 21.40 10.38 -34.86
CA LEU H 183 20.92 11.57 -35.57
C LEU H 183 20.08 11.13 -36.77
N GLN H 184 18.81 11.51 -36.78
CA GLN H 184 17.89 11.09 -37.82
C GLN H 184 17.90 12.08 -38.98
N SER H 185 17.24 11.69 -40.07
CA SER H 185 17.18 12.52 -41.27
C SER H 185 16.51 13.86 -41.01
N SER H 186 15.64 13.96 -40.00
CA SER H 186 14.96 15.21 -39.70
C SER H 186 15.88 16.24 -39.05
N GLY H 187 17.02 15.80 -38.53
CA GLY H 187 17.89 16.67 -37.75
C GLY H 187 17.74 16.52 -36.25
N LEU H 188 16.87 15.63 -35.79
CA LEU H 188 16.64 15.40 -34.37
C LEU H 188 17.22 14.06 -33.96
N TYR H 189 17.38 13.89 -32.65
CA TYR H 189 18.02 12.71 -32.10
C TYR H 189 17.00 11.76 -31.50
N SER H 190 17.40 10.50 -31.34
CA SER H 190 16.58 9.46 -30.74
C SER H 190 17.47 8.45 -30.05
N LEU H 191 17.03 7.97 -28.89
CA LEU H 191 17.69 6.88 -28.20
C LEU H 191 16.64 6.05 -27.48
N SER H 192 17.10 4.96 -26.85
CA SER H 192 16.27 4.16 -25.98
C SER H 192 17.03 3.89 -24.68
N SER H 193 16.29 3.74 -23.59
CA SER H 193 16.85 3.37 -22.30
C SER H 193 16.11 2.15 -21.81
N VAL H 194 16.82 1.03 -21.65
CA VAL H 194 16.20 -0.24 -21.29
C VAL H 194 16.79 -0.71 -19.97
N VAL H 195 16.04 -1.60 -19.30
CA VAL H 195 16.45 -2.15 -18.02
C VAL H 195 15.82 -3.53 -17.88
N THR H 196 16.56 -4.44 -17.25
CA THR H 196 16.09 -5.81 -17.03
C THR H 196 15.66 -5.98 -15.58
N VAL H 197 14.51 -6.63 -15.39
CA VAL H 197 13.92 -6.80 -14.07
C VAL H 197 13.32 -8.18 -13.96
N PRO H 198 13.16 -8.70 -12.74
CA PRO H 198 12.53 -10.01 -12.57
C PRO H 198 11.06 -9.99 -12.95
N SER H 199 10.58 -11.14 -13.40
CA SER H 199 9.18 -11.24 -13.85
C SER H 199 8.21 -11.10 -12.68
N SER H 200 8.64 -11.41 -11.46
CA SER H 200 7.74 -11.33 -10.32
C SER H 200 7.50 -9.89 -9.90
N SER H 201 8.48 -9.01 -10.10
CA SER H 201 8.35 -7.61 -9.72
C SER H 201 7.54 -6.78 -10.70
N LEU H 202 6.99 -7.40 -11.75
CA LEU H 202 6.23 -6.65 -12.75
C LEU H 202 4.94 -6.09 -12.16
N GLY H 203 4.10 -6.97 -11.58
CA GLY H 203 2.78 -6.53 -11.15
C GLY H 203 2.80 -5.69 -9.89
N THR H 204 3.77 -5.91 -9.00
CA THR H 204 3.79 -5.24 -7.71
C THR H 204 4.45 -3.86 -7.76
N GLN H 205 5.60 -3.73 -8.42
CA GLN H 205 6.36 -2.49 -8.40
C GLN H 205 6.23 -1.75 -9.73
N THR H 206 6.34 -0.43 -9.67
CA THR H 206 6.24 0.43 -10.83
C THR H 206 7.62 0.94 -11.22
N TYR H 207 7.85 1.08 -12.54
CA TYR H 207 9.11 1.57 -13.08
C TYR H 207 8.84 2.81 -13.91
N ILE H 208 9.52 3.90 -13.58
CA ILE H 208 9.35 5.18 -14.25
C ILE H 208 10.72 5.67 -14.72
N CYS H 209 10.77 6.17 -15.95
CA CYS H 209 11.99 6.73 -16.51
C CYS H 209 11.89 8.26 -16.47
N ASN H 210 12.95 8.90 -15.96
CA ASN H 210 13.00 10.35 -15.81
C ASN H 210 13.89 10.92 -16.90
N VAL H 211 13.26 11.49 -17.93
CA VAL H 211 13.99 12.05 -19.06
C VAL H 211 14.22 13.53 -18.80
N ASN H 212 15.47 13.96 -18.96
CA ASN H 212 15.88 15.33 -18.68
C ASN H 212 16.53 15.92 -19.92
N HIS H 213 16.03 17.07 -20.37
CA HIS H 213 16.59 17.77 -21.52
C HIS H 213 16.74 19.25 -21.14
N LYS H 214 17.97 19.65 -20.82
CA LYS H 214 18.25 21.00 -20.34
C LYS H 214 18.03 22.08 -21.40
N PRO H 215 18.47 21.91 -22.66
CA PRO H 215 18.32 23.01 -23.63
C PRO H 215 16.88 23.45 -23.84
N SER H 216 15.91 22.53 -23.73
CA SER H 216 14.50 22.87 -23.93
C SER H 216 13.74 23.00 -22.62
N ASN H 217 14.42 22.88 -21.47
CA ASN H 217 13.77 22.94 -20.16
C ASN H 217 12.64 21.93 -20.04
N THR H 218 12.93 20.69 -20.43
CA THR H 218 11.95 19.62 -20.45
C THR H 218 12.31 18.59 -19.37
N LYS H 219 11.31 18.19 -18.58
CA LYS H 219 11.49 17.23 -17.50
C LYS H 219 10.30 16.28 -17.54
N VAL H 220 10.48 15.13 -18.19
CA VAL H 220 9.40 14.19 -18.44
C VAL H 220 9.58 12.96 -17.57
N ASP H 221 8.47 12.44 -17.05
CA ASP H 221 8.43 11.18 -16.32
C ASP H 221 7.31 10.34 -16.91
N LYS H 222 7.64 9.12 -17.35
CA LYS H 222 6.65 8.24 -17.95
C LYS H 222 6.67 6.89 -17.26
N LYS H 223 5.49 6.40 -16.90
CA LYS H 223 5.34 5.11 -16.23
C LYS H 223 5.34 4.00 -17.28
N VAL H 224 6.11 2.95 -17.01
CA VAL H 224 6.22 1.81 -17.92
C VAL H 224 5.68 0.59 -17.19
N GLU H 225 4.59 0.03 -17.69
CA GLU H 225 3.91 -1.09 -17.06
C GLU H 225 3.28 -1.94 -18.14
N PRO H 226 3.12 -3.24 -17.92
CA PRO H 226 2.50 -4.10 -18.94
C PRO H 226 1.02 -3.78 -19.10
N LYS H 227 0.43 -4.38 -20.15
CA LYS H 227 -0.98 -4.17 -20.43
C LYS H 227 -1.77 -5.46 -20.33
N ARG I 1 -77.12 -25.89 -26.50
CA ARG I 1 -76.69 -25.32 -27.77
C ARG I 1 -75.16 -25.24 -27.81
N ARG I 2 -74.60 -25.09 -29.02
CA ARG I 2 -73.16 -25.04 -29.21
C ARG I 2 -72.76 -23.68 -29.76
N CYS I 3 -71.65 -23.14 -29.24
CA CYS I 3 -71.07 -21.91 -29.73
C CYS I 3 -69.55 -22.03 -29.75
N PHE I 4 -68.91 -21.26 -30.62
CA PHE I 4 -67.46 -21.12 -30.58
C PHE I 4 -67.07 -20.31 -29.35
N THR I 5 -66.10 -20.83 -28.58
CA THR I 5 -65.68 -20.21 -27.34
C THR I 5 -64.17 -19.94 -27.36
N THR I 6 -63.78 -18.79 -26.83
CA THR I 6 -62.40 -18.41 -26.57
C THR I 6 -62.04 -18.71 -25.11
N PRO I 7 -60.75 -18.86 -24.77
CA PRO I 7 -59.51 -18.60 -25.53
C PRO I 7 -59.21 -19.58 -26.67
N SER I 8 -59.32 -20.89 -26.50
CA SER I 8 -58.96 -21.82 -27.57
C SER I 8 -60.21 -22.06 -28.41
N VAL I 9 -60.25 -21.47 -29.61
CA VAL I 9 -61.47 -21.38 -30.40
C VAL I 9 -61.95 -22.76 -30.83
N ARG I 10 -62.98 -23.26 -30.15
CA ARG I 10 -63.60 -24.53 -30.51
C ARG I 10 -65.07 -24.48 -30.16
N SER I 11 -65.84 -25.34 -30.82
CA SER I 11 -67.26 -25.47 -30.51
C SER I 11 -67.43 -26.16 -29.16
N GLU I 12 -68.24 -25.56 -28.30
CA GLU I 12 -68.50 -26.13 -26.98
C GLU I 12 -69.99 -26.11 -26.69
N ARG I 13 -70.43 -27.13 -25.95
CA ARG I 13 -71.81 -27.15 -25.46
C ARG I 13 -72.00 -26.02 -24.47
N CYS I 14 -72.97 -25.14 -24.76
CA CYS I 14 -73.24 -24.02 -23.88
C CYS I 14 -73.72 -24.53 -22.52
N PRO I 15 -73.36 -23.86 -21.43
CA PRO I 15 -74.00 -24.15 -20.14
C PRO I 15 -75.49 -23.99 -20.26
N PRO I 16 -76.26 -25.00 -19.85
CA PRO I 16 -77.70 -25.02 -20.14
C PRO I 16 -78.41 -23.75 -19.69
N GLY I 17 -79.40 -23.34 -20.47
CA GLY I 17 -80.04 -22.06 -20.28
C GLY I 17 -79.50 -21.04 -21.25
N GLN I 18 -78.17 -21.03 -21.42
CA GLN I 18 -77.52 -20.13 -22.37
C GLN I 18 -77.71 -20.67 -23.78
N GLU I 19 -78.47 -19.93 -24.60
CA GLU I 19 -78.76 -20.34 -25.97
C GLU I 19 -78.35 -19.27 -26.99
N VAL I 20 -77.50 -18.33 -26.61
CA VAL I 20 -77.10 -17.23 -27.47
C VAL I 20 -75.58 -17.25 -27.62
N CYS I 21 -75.11 -17.32 -28.86
CA CYS I 21 -73.70 -17.12 -29.14
C CYS I 21 -73.42 -15.63 -29.28
N TYR I 22 -72.22 -15.22 -28.89
CA TYR I 22 -71.86 -13.81 -29.00
C TYR I 22 -70.45 -13.66 -29.55
N THR I 23 -70.21 -12.50 -30.15
CA THR I 23 -68.88 -12.05 -30.56
C THR I 23 -68.66 -10.66 -29.98
N LYS I 24 -67.56 -10.49 -29.25
CA LYS I 24 -67.24 -9.22 -28.61
C LYS I 24 -65.85 -8.77 -29.03
N THR I 25 -65.74 -7.53 -29.50
CA THR I 25 -64.46 -6.95 -29.88
C THR I 25 -64.21 -5.66 -29.11
N TRP I 26 -62.93 -5.38 -28.86
CA TRP I 26 -62.52 -4.15 -28.21
C TRP I 26 -61.05 -3.91 -28.52
N THR I 27 -60.57 -2.73 -28.14
CA THR I 27 -59.22 -2.30 -28.45
C THR I 27 -58.29 -2.50 -27.25
N ASP I 28 -57.17 -3.17 -27.47
CA ASP I 28 -56.14 -3.38 -26.47
C ASP I 28 -55.15 -2.22 -26.48
N GLY I 29 -54.11 -2.35 -25.65
CA GLY I 29 -52.91 -1.54 -25.78
C GLY I 29 -52.02 -1.96 -26.93
N HIS I 30 -52.33 -3.08 -27.56
CA HIS I 30 -51.64 -3.56 -28.74
C HIS I 30 -52.46 -3.39 -30.02
N GLY I 31 -53.59 -2.68 -29.94
CA GLY I 31 -54.47 -2.54 -31.08
C GLY I 31 -53.84 -1.90 -32.29
N GLY I 32 -52.75 -1.15 -32.10
CA GLY I 32 -52.11 -0.50 -33.24
C GLY I 32 -51.41 -1.48 -34.17
N SER I 33 -50.83 -2.55 -33.60
CA SER I 33 -50.09 -3.52 -34.37
C SER I 33 -50.81 -4.86 -34.54
N ARG I 34 -51.80 -5.16 -33.69
CA ARG I 34 -52.48 -6.44 -33.75
C ARG I 34 -53.96 -6.34 -34.04
N GLY I 35 -54.55 -5.15 -33.97
CA GLY I 35 -55.96 -4.99 -34.22
C GLY I 35 -56.79 -5.15 -32.96
N LYS I 36 -58.07 -5.38 -33.18
CA LYS I 36 -59.02 -5.50 -32.08
C LYS I 36 -58.94 -6.88 -31.43
N ARG I 37 -59.11 -6.90 -30.11
CA ARG I 37 -59.34 -8.16 -29.42
C ARG I 37 -60.69 -8.72 -29.82
N VAL I 38 -60.88 -10.02 -29.58
CA VAL I 38 -62.13 -10.68 -29.92
C VAL I 38 -62.40 -11.79 -28.92
N ASP I 39 -63.58 -11.76 -28.31
CA ASP I 39 -64.01 -12.77 -27.36
C ASP I 39 -65.24 -13.49 -27.91
N LEU I 40 -65.31 -14.79 -27.66
CA LEU I 40 -66.39 -15.64 -28.15
C LEU I 40 -66.87 -16.55 -27.03
N GLY I 41 -68.19 -16.71 -26.92
CA GLY I 41 -68.73 -17.58 -25.91
C GLY I 41 -70.24 -17.69 -25.99
N CYS I 42 -70.81 -18.35 -25.00
CA CYS I 42 -72.25 -18.52 -24.85
C CYS I 42 -72.80 -17.46 -23.89
N ALA I 43 -74.13 -17.36 -23.86
CA ALA I 43 -74.84 -16.46 -22.96
C ALA I 43 -76.32 -16.77 -23.03
N ALA I 44 -77.02 -16.50 -21.92
CA ALA I 44 -78.47 -16.63 -21.89
C ALA I 44 -79.17 -15.37 -22.34
N THR I 45 -78.48 -14.22 -22.30
CA THR I 45 -79.00 -12.95 -22.79
C THR I 45 -77.88 -12.26 -23.54
N CYS I 46 -78.20 -11.74 -24.72
CA CYS I 46 -77.21 -11.05 -25.53
C CYS I 46 -76.59 -9.90 -24.73
N PRO I 47 -75.27 -9.88 -24.56
CA PRO I 47 -74.66 -8.86 -23.69
C PRO I 47 -74.87 -7.46 -24.21
N THR I 48 -74.81 -6.51 -23.28
CA THR I 48 -74.93 -5.09 -23.59
C THR I 48 -73.57 -4.44 -23.50
N PRO I 49 -73.07 -3.82 -24.57
CA PRO I 49 -71.73 -3.23 -24.52
C PRO I 49 -71.62 -2.17 -23.43
N LYS I 50 -70.55 -2.26 -22.64
CA LYS I 50 -70.33 -1.31 -21.52
C LYS I 50 -70.34 0.11 -22.09
N LYS I 51 -69.27 0.48 -22.79
CA LYS I 51 -69.12 1.82 -23.42
C LYS I 51 -67.94 1.79 -24.39
N LYS I 52 -67.54 2.97 -24.89
CA LYS I 52 -66.43 3.13 -25.86
C LYS I 52 -66.66 2.34 -27.15
N ASP I 53 -65.57 1.74 -27.63
CA ASP I 53 -65.54 0.98 -28.90
C ASP I 53 -65.80 -0.52 -28.68
N ILE I 54 -66.54 -0.90 -27.66
CA ILE I 54 -66.92 -2.30 -27.44
C ILE I 54 -68.21 -2.55 -28.22
N LYS I 55 -68.14 -3.42 -29.22
CA LYS I 55 -69.31 -3.82 -30.00
C LYS I 55 -69.53 -5.32 -29.83
N ILE I 56 -70.80 -5.71 -29.76
CA ILE I 56 -71.20 -7.07 -29.43
C ILE I 56 -72.20 -7.56 -30.46
N ILE I 57 -71.93 -8.72 -31.05
CA ILE I 57 -72.78 -9.34 -32.06
C ILE I 57 -73.31 -10.64 -31.50
N CYS I 58 -74.62 -10.87 -31.65
CA CYS I 58 -75.26 -12.06 -31.11
C CYS I 58 -76.03 -12.78 -32.21
N CYS I 59 -76.22 -14.08 -31.99
CA CYS I 59 -77.01 -14.93 -32.88
C CYS I 59 -77.52 -16.11 -32.05
N SER I 60 -78.27 -17.01 -32.70
CA SER I 60 -78.95 -18.07 -31.95
C SER I 60 -79.06 -19.34 -32.77
N THR I 61 -78.00 -19.68 -33.51
CA THR I 61 -77.90 -20.98 -34.17
C THR I 61 -76.56 -21.61 -33.79
N ASP I 62 -76.45 -22.91 -34.02
CA ASP I 62 -75.26 -23.64 -33.61
C ASP I 62 -74.01 -23.11 -34.31
N ASN I 63 -73.03 -22.71 -33.50
CA ASN I 63 -71.72 -22.28 -34.01
C ASN I 63 -71.86 -21.13 -35.00
N CYS I 64 -72.72 -20.17 -34.67
CA CYS I 64 -72.95 -19.02 -35.55
C CYS I 64 -71.99 -17.88 -35.31
N ASN I 65 -71.28 -17.87 -34.18
CA ASN I 65 -70.34 -16.80 -33.85
C ASN I 65 -68.95 -17.13 -34.38
N THR I 66 -68.86 -17.24 -35.70
CA THR I 66 -67.59 -17.59 -36.34
C THR I 66 -66.56 -16.49 -36.15
N PHE I 67 -65.29 -16.87 -36.25
CA PHE I 67 -64.19 -15.93 -36.04
C PHE I 67 -64.06 -15.01 -37.25
N PRO I 68 -63.92 -13.69 -37.04
CA PRO I 68 -63.75 -12.73 -38.14
C PRO I 68 -62.38 -12.84 -38.79
N ARG J 1 0.71 35.30 53.52
CA ARG J 1 -0.07 34.49 54.43
C ARG J 1 0.03 33.01 54.10
N ARG J 2 0.28 32.19 55.11
CA ARG J 2 0.29 30.74 54.98
C ARG J 2 -0.90 30.16 55.75
N CYS J 3 -1.67 29.31 55.08
CA CYS J 3 -2.78 28.61 55.69
C CYS J 3 -2.69 27.14 55.37
N PHE J 4 -3.29 26.32 56.23
CA PHE J 4 -3.52 24.92 55.87
C PHE J 4 -4.63 24.85 54.84
N THR J 5 -4.46 23.98 53.84
CA THR J 5 -5.44 23.83 52.78
C THR J 5 -5.79 22.36 52.59
N THR J 6 -6.98 22.12 52.05
CA THR J 6 -7.46 20.81 51.62
C THR J 6 -7.41 20.73 50.09
N PRO J 7 -7.28 19.52 49.52
CA PRO J 7 -7.26 18.18 50.14
C PRO J 7 -5.94 17.81 50.81
N SER J 8 -4.81 18.32 50.33
CA SER J 8 -3.51 18.00 50.92
C SER J 8 -3.31 18.88 52.16
N VAL J 9 -3.55 18.30 53.33
CA VAL J 9 -3.57 19.05 54.59
C VAL J 9 -2.19 19.63 54.92
N ARG J 10 -1.59 20.35 53.98
CA ARG J 10 -0.29 20.97 54.18
C ARG J 10 -0.40 22.48 54.14
N SER J 11 0.62 23.14 54.68
CA SER J 11 0.69 24.60 54.68
C SER J 11 1.08 25.09 53.30
N GLU J 12 0.31 26.05 52.78
CA GLU J 12 0.53 26.58 51.44
C GLU J 12 0.60 28.10 51.49
N ARG J 13 1.38 28.67 50.58
CA ARG J 13 1.43 30.12 50.42
C ARG J 13 0.16 30.59 49.74
N CYS J 14 -0.61 31.43 50.43
CA CYS J 14 -1.89 31.88 49.90
C CYS J 14 -1.69 32.84 48.73
N PRO J 15 -2.63 32.88 47.80
CA PRO J 15 -2.58 33.89 46.73
C PRO J 15 -2.62 35.29 47.32
N PRO J 16 -1.70 36.17 46.91
CA PRO J 16 -1.64 37.52 47.49
C PRO J 16 -2.98 38.23 47.40
N GLY J 17 -3.30 38.99 48.44
CA GLY J 17 -4.62 39.56 48.61
C GLY J 17 -5.54 38.73 49.48
N GLN J 18 -5.20 37.47 49.71
CA GLN J 18 -5.95 36.58 50.60
C GLN J 18 -5.09 36.33 51.83
N GLU J 19 -5.34 37.09 52.90
CA GLU J 19 -4.61 36.93 54.15
C GLU J 19 -5.45 36.29 55.24
N VAL J 20 -6.59 35.70 54.89
CA VAL J 20 -7.51 35.10 55.86
C VAL J 20 -7.52 33.59 55.66
N CYS J 21 -7.28 32.85 56.73
CA CYS J 21 -7.50 31.41 56.74
C CYS J 21 -8.91 31.12 57.21
N TYR J 22 -9.47 30.01 56.73
CA TYR J 22 -10.81 29.62 57.13
C TYR J 22 -10.88 28.13 57.36
N THR J 23 -11.83 27.72 58.20
CA THR J 23 -12.19 26.32 58.41
C THR J 23 -13.68 26.19 58.16
N LYS J 24 -14.06 25.35 57.20
CA LYS J 24 -15.45 25.22 56.79
C LYS J 24 -15.92 23.78 56.99
N THR J 25 -17.06 23.63 57.64
CA THR J 25 -17.65 22.32 57.91
C THR J 25 -19.09 22.29 57.39
N TRP J 26 -19.50 21.13 56.86
CA TRP J 26 -20.86 20.94 56.40
C TRP J 26 -21.14 19.45 56.35
N THR J 27 -22.42 19.11 56.19
CA THR J 27 -22.87 17.72 56.26
C THR J 27 -22.94 17.11 54.88
N ASP J 28 -22.31 15.93 54.72
CA ASP J 28 -22.33 15.16 53.49
C ASP J 28 -23.54 14.24 53.44
N GLY J 29 -23.64 13.46 52.36
CA GLY J 29 -24.50 12.30 52.36
C GLY J 29 -23.97 11.18 53.23
N HIS J 30 -22.68 11.19 53.54
CA HIS J 30 -22.06 10.27 54.49
C HIS J 30 -21.97 10.87 55.89
N GLY J 31 -22.78 11.89 56.19
CA GLY J 31 -22.63 12.60 57.44
C GLY J 31 -22.89 11.73 58.67
N GLY J 32 -23.86 10.82 58.57
CA GLY J 32 -24.24 10.01 59.72
C GLY J 32 -23.16 9.05 60.17
N SER J 33 -22.31 8.59 59.25
CA SER J 33 -21.26 7.64 59.57
C SER J 33 -19.86 8.25 59.63
N ARG J 34 -19.67 9.46 59.10
CA ARG J 34 -18.35 10.07 59.05
C ARG J 34 -18.24 11.40 59.78
N GLY J 35 -19.35 12.03 60.13
CA GLY J 35 -19.29 13.37 60.65
C GLY J 35 -19.33 14.41 59.54
N LYS J 36 -18.99 15.63 59.92
CA LYS J 36 -19.04 16.76 59.00
C LYS J 36 -17.81 16.77 58.09
N ARG J 37 -18.02 17.14 56.83
CA ARG J 37 -16.90 17.44 55.94
C ARG J 37 -16.11 18.63 56.48
N VAL J 38 -14.83 18.69 56.11
CA VAL J 38 -13.93 19.76 56.54
C VAL J 38 -13.19 20.31 55.32
N ASP J 39 -13.23 21.63 55.14
CA ASP J 39 -12.53 22.29 54.06
C ASP J 39 -11.68 23.41 54.63
N LEU J 40 -10.41 23.44 54.24
CA LEU J 40 -9.45 24.44 54.70
C LEU J 40 -8.86 25.18 53.51
N GLY J 41 -8.65 26.47 53.65
CA GLY J 41 -8.05 27.24 52.57
C GLY J 41 -7.85 28.69 52.93
N CYS J 42 -7.55 29.48 51.91
CA CYS J 42 -7.35 30.92 52.02
C CYS J 42 -8.54 31.65 51.40
N ALA J 43 -8.67 32.93 51.75
CA ALA J 43 -9.74 33.76 51.20
C ALA J 43 -9.41 35.23 51.43
N ALA J 44 -9.92 36.08 50.54
CA ALA J 44 -9.72 37.51 50.70
C ALA J 44 -10.52 38.05 51.89
N THR J 45 -11.80 37.71 51.96
CA THR J 45 -12.64 38.01 53.11
C THR J 45 -13.13 36.70 53.72
N CYS J 46 -13.71 36.80 54.90
CA CYS J 46 -14.21 35.61 55.57
C CYS J 46 -15.49 35.13 54.91
N PRO J 47 -15.63 33.84 54.63
CA PRO J 47 -16.86 33.35 54.00
C PRO J 47 -18.04 33.41 54.96
N THR J 48 -19.20 33.82 54.42
CA THR J 48 -20.42 33.92 55.20
C THR J 48 -21.33 32.77 54.85
N PRO J 49 -21.70 31.91 55.81
CA PRO J 49 -22.52 30.74 55.49
C PRO J 49 -23.97 31.14 55.20
N LYS J 50 -24.56 30.46 54.22
CA LYS J 50 -25.96 30.67 53.86
C LYS J 50 -26.87 29.60 54.40
N LYS J 51 -26.46 28.33 54.32
CA LYS J 51 -27.24 27.23 54.84
C LYS J 51 -27.03 27.09 56.35
N LYS J 52 -27.86 26.26 56.99
CA LYS J 52 -27.84 26.12 58.44
C LYS J 52 -26.63 25.33 58.93
N ASP J 53 -26.31 24.22 58.27
CA ASP J 53 -25.33 23.27 58.76
C ASP J 53 -23.89 23.65 58.39
N ILE J 54 -23.66 24.85 57.88
CA ILE J 54 -22.33 25.29 57.50
C ILE J 54 -21.81 26.25 58.56
N LYS J 55 -20.71 25.86 59.22
CA LYS J 55 -20.02 26.70 60.18
C LYS J 55 -18.70 27.18 59.59
N ILE J 56 -18.39 28.46 59.78
CA ILE J 56 -17.16 29.06 59.27
C ILE J 56 -16.35 29.57 60.46
N ILE J 57 -15.09 29.17 60.52
CA ILE J 57 -14.12 29.69 61.48
C ILE J 57 -13.02 30.36 60.68
N CYS J 58 -12.82 31.65 60.91
CA CYS J 58 -11.84 32.44 60.17
C CYS J 58 -10.71 32.89 61.07
N CYS J 59 -9.55 33.10 60.46
CA CYS J 59 -8.33 33.35 61.22
C CYS J 59 -7.39 34.21 60.40
N SER J 60 -6.40 34.81 61.07
CA SER J 60 -5.62 35.87 60.48
C SER J 60 -4.10 35.74 60.66
N THR J 61 -3.61 34.62 61.18
CA THR J 61 -2.17 34.41 61.31
C THR J 61 -1.75 33.21 60.46
N ASP J 62 -0.45 32.91 60.49
CA ASP J 62 0.10 31.85 59.66
C ASP J 62 -0.28 30.48 60.21
N ASN J 63 -0.86 29.64 59.35
CA ASN J 63 -1.13 28.24 59.66
C ASN J 63 -2.00 28.08 60.91
N CYS J 64 -2.96 28.99 61.08
CA CYS J 64 -3.81 28.94 62.26
C CYS J 64 -5.17 28.28 62.01
N ASN J 65 -5.52 27.99 60.76
CA ASN J 65 -6.71 27.21 60.47
C ASN J 65 -6.40 25.71 60.64
N THR J 66 -6.04 25.37 61.87
CA THR J 66 -5.61 24.02 62.20
C THR J 66 -6.76 23.03 62.02
N PHE J 67 -6.40 21.75 61.86
CA PHE J 67 -7.40 20.69 61.74
C PHE J 67 -7.76 20.15 63.12
N PRO J 68 -9.06 19.97 63.42
CA PRO J 68 -9.51 19.27 64.63
C PRO J 68 -9.16 17.78 64.60
N ARG K 1 1.25 -39.09 -9.06
CA ARG K 1 2.52 -39.55 -8.50
C ARG K 1 2.83 -38.86 -7.18
N ARG K 2 3.23 -39.64 -6.19
CA ARG K 2 3.74 -39.09 -4.94
C ARG K 2 5.08 -39.72 -4.60
N CYS K 3 5.91 -38.93 -3.93
CA CYS K 3 7.26 -39.35 -3.56
C CYS K 3 7.55 -38.86 -2.14
N PHE K 4 8.47 -39.54 -1.47
CA PHE K 4 9.03 -38.99 -0.25
C PHE K 4 9.84 -37.74 -0.60
N THR K 5 9.77 -36.74 0.26
CA THR K 5 10.46 -35.49 0.05
C THR K 5 11.19 -35.08 1.33
N THR K 6 12.22 -34.27 1.15
CA THR K 6 12.92 -33.57 2.21
C THR K 6 12.84 -32.07 1.95
N PRO K 7 12.88 -31.22 2.98
CA PRO K 7 13.09 -31.50 4.42
C PRO K 7 11.88 -32.08 5.16
N SER K 8 10.68 -32.07 4.57
CA SER K 8 9.50 -32.59 5.25
C SER K 8 9.39 -34.09 4.97
N VAL K 9 9.95 -34.90 5.87
CA VAL K 9 10.06 -36.34 5.66
C VAL K 9 8.67 -36.98 5.59
N ARG K 10 7.95 -36.71 4.51
CA ARG K 10 6.63 -37.27 4.32
C ARG K 10 6.36 -37.43 2.83
N SER K 11 5.43 -38.33 2.52
CA SER K 11 4.99 -38.48 1.14
C SER K 11 4.17 -37.27 0.73
N GLU K 12 4.46 -36.76 -0.47
CA GLU K 12 3.81 -35.57 -0.99
C GLU K 12 3.41 -35.79 -2.43
N ARG K 13 2.27 -35.22 -2.81
CA ARG K 13 1.84 -35.26 -4.20
C ARG K 13 2.79 -34.41 -5.05
N CYS K 14 3.23 -34.97 -6.17
CA CYS K 14 4.13 -34.24 -7.04
C CYS K 14 3.36 -33.25 -7.90
N PRO K 15 3.95 -32.10 -8.23
CA PRO K 15 3.29 -31.15 -9.12
C PRO K 15 3.16 -31.73 -10.52
N PRO K 16 2.20 -31.24 -11.31
CA PRO K 16 1.99 -31.78 -12.66
C PRO K 16 3.28 -31.76 -13.48
N GLY K 17 3.45 -32.79 -14.31
CA GLY K 17 4.65 -32.92 -15.11
C GLY K 17 5.85 -33.49 -14.40
N GLN K 18 5.68 -34.02 -13.19
CA GLN K 18 6.76 -34.63 -12.41
C GLN K 18 6.29 -35.99 -11.93
N GLU K 19 6.75 -37.05 -12.62
CA GLU K 19 6.33 -38.42 -12.32
C GLU K 19 7.51 -39.29 -11.89
N VAL K 20 8.63 -38.70 -11.52
CA VAL K 20 9.83 -39.43 -11.14
C VAL K 20 10.16 -39.11 -9.69
N CYS K 21 10.43 -40.15 -8.91
CA CYS K 21 10.92 -40.00 -7.55
C CYS K 21 12.43 -40.19 -7.54
N TYR K 22 13.15 -39.31 -6.86
CA TYR K 22 14.60 -39.36 -6.84
C TYR K 22 15.13 -39.45 -5.42
N THR K 23 16.38 -39.89 -5.30
CA THR K 23 17.09 -39.96 -4.04
C THR K 23 18.54 -39.56 -4.28
N LYS K 24 19.00 -38.52 -3.59
CA LYS K 24 20.37 -38.04 -3.69
C LYS K 24 21.13 -38.38 -2.41
N THR K 25 22.35 -38.86 -2.57
CA THR K 25 23.24 -39.12 -1.45
C THR K 25 24.62 -38.57 -1.77
N TRP K 26 25.23 -37.91 -0.79
CA TRP K 26 26.58 -37.38 -0.94
C TRP K 26 27.16 -37.12 0.44
N THR K 27 28.48 -37.03 0.49
CA THR K 27 29.22 -36.94 1.74
C THR K 27 29.33 -35.50 2.22
N ASP K 28 29.09 -35.29 3.51
CA ASP K 28 29.30 -34.02 4.17
C ASP K 28 30.66 -33.99 4.86
N GLY K 29 30.99 -32.82 5.41
CA GLY K 29 32.06 -32.75 6.37
C GLY K 29 31.75 -33.43 7.69
N HIS K 30 30.49 -33.78 7.91
CA HIS K 30 30.06 -34.55 9.07
C HIS K 30 29.81 -36.01 8.73
N GLY K 31 30.33 -36.49 7.60
CA GLY K 31 30.02 -37.83 7.14
C GLY K 31 30.42 -38.91 8.14
N GLY K 32 31.56 -38.71 8.81
CA GLY K 32 32.03 -39.70 9.77
C GLY K 32 31.10 -39.88 10.95
N SER K 33 30.37 -38.83 11.32
CA SER K 33 29.49 -38.88 12.48
C SER K 33 28.01 -38.97 12.12
N ARG K 34 27.60 -38.43 10.97
CA ARG K 34 26.21 -38.42 10.58
C ARG K 34 25.88 -39.31 9.37
N GLY K 35 26.89 -39.83 8.68
CA GLY K 35 26.63 -40.57 7.47
C GLY K 35 26.46 -39.63 6.29
N LYS K 36 25.83 -40.16 5.24
CA LYS K 36 25.69 -39.41 4.00
C LYS K 36 24.46 -38.50 4.05
N ARG K 37 24.59 -37.32 3.45
CA ARG K 37 23.43 -36.47 3.22
C ARG K 37 22.44 -37.19 2.30
N VAL K 38 21.15 -36.92 2.52
CA VAL K 38 20.08 -37.51 1.74
C VAL K 38 19.10 -36.42 1.33
N ASP K 39 18.62 -36.50 0.08
CA ASP K 39 17.66 -35.56 -0.48
C ASP K 39 16.63 -36.35 -1.28
N LEU K 40 15.35 -36.14 -0.96
CA LEU K 40 14.25 -36.84 -1.60
C LEU K 40 13.29 -35.83 -2.22
N GLY K 41 12.64 -36.23 -3.31
CA GLY K 41 11.65 -35.37 -3.92
C GLY K 41 11.19 -35.88 -5.27
N CYS K 42 10.45 -35.01 -5.96
CA CYS K 42 9.91 -35.28 -7.29
C CYS K 42 10.75 -34.60 -8.36
N ALA K 43 10.51 -34.98 -9.61
CA ALA K 43 11.18 -34.34 -10.74
C ALA K 43 10.48 -34.76 -12.04
N ALA K 44 10.66 -33.92 -13.06
CA ALA K 44 10.19 -34.27 -14.40
C ALA K 44 11.15 -35.25 -15.08
N THR K 45 12.45 -34.97 -15.01
CA THR K 45 13.49 -35.86 -15.49
C THR K 45 14.37 -36.24 -14.30
N CYS K 46 15.11 -37.33 -14.47
CA CYS K 46 16.01 -37.77 -13.41
C CYS K 46 17.18 -36.79 -13.29
N PRO K 47 17.48 -36.29 -12.10
CA PRO K 47 18.58 -35.33 -11.95
C PRO K 47 19.92 -35.94 -12.36
N THR K 48 20.83 -35.10 -12.82
CA THR K 48 22.13 -35.54 -13.28
C THR K 48 23.18 -35.24 -12.22
N PRO K 49 23.94 -36.23 -11.76
CA PRO K 49 24.93 -35.99 -10.69
C PRO K 49 26.13 -35.22 -11.21
N LYS K 50 26.46 -34.10 -10.55
CA LYS K 50 27.61 -33.29 -10.92
C LYS K 50 28.32 -32.70 -9.69
N LYS K 51 28.26 -33.39 -8.55
CA LYS K 51 28.92 -33.04 -7.30
C LYS K 51 30.05 -34.03 -7.09
N LYS K 52 30.73 -33.92 -5.93
CA LYS K 52 31.92 -34.73 -5.65
C LYS K 52 31.61 -36.21 -5.81
N ASP K 53 30.77 -36.78 -4.95
CA ASP K 53 30.45 -38.20 -5.00
C ASP K 53 28.96 -38.40 -4.75
N ILE K 54 28.14 -37.73 -5.54
CA ILE K 54 26.69 -37.77 -5.38
C ILE K 54 26.13 -38.94 -6.18
N LYS K 55 25.28 -39.73 -5.54
CA LYS K 55 24.60 -40.84 -6.19
C LYS K 55 23.11 -40.50 -6.28
N ILE K 56 22.52 -40.74 -7.45
CA ILE K 56 21.13 -40.38 -7.72
C ILE K 56 20.38 -41.65 -8.14
N ILE K 57 19.30 -41.95 -7.43
CA ILE K 57 18.46 -43.11 -7.70
C ILE K 57 17.09 -42.62 -8.14
N CYS K 58 16.59 -43.14 -9.26
CA CYS K 58 15.33 -42.70 -9.83
C CYS K 58 14.40 -43.88 -10.08
N CYS K 59 13.12 -43.66 -9.81
CA CYS K 59 12.10 -44.67 -10.05
C CYS K 59 10.78 -43.97 -10.34
N SER K 60 9.77 -44.77 -10.73
CA SER K 60 8.51 -44.20 -11.23
C SER K 60 7.26 -44.79 -10.58
N THR K 61 7.38 -45.51 -9.46
CA THR K 61 6.20 -45.95 -8.73
C THR K 61 6.05 -45.11 -7.47
N ASP K 62 4.82 -45.02 -6.96
CA ASP K 62 4.53 -44.12 -5.85
C ASP K 62 5.34 -44.50 -4.60
N ASN K 63 5.98 -43.49 -4.01
CA ASN K 63 6.70 -43.62 -2.74
C ASN K 63 7.80 -44.69 -2.83
N CYS K 64 8.56 -44.66 -3.92
CA CYS K 64 9.66 -45.59 -4.09
C CYS K 64 11.01 -45.01 -3.72
N ASN K 65 11.17 -43.69 -3.71
CA ASN K 65 12.45 -43.10 -3.31
C ASN K 65 12.64 -43.24 -1.81
N THR K 66 12.92 -44.48 -1.37
CA THR K 66 13.09 -44.79 0.04
C THR K 66 14.51 -44.46 0.48
N PHE K 67 14.63 -44.09 1.76
CA PHE K 67 15.94 -43.89 2.38
C PHE K 67 16.86 -45.08 2.07
N PRO K 68 18.13 -44.83 1.74
CA PRO K 68 19.11 -45.89 1.45
C PRO K 68 19.35 -46.82 2.64
N CYS L 3 72.09 28.26 -16.07
CA CYS L 3 72.16 27.12 -16.98
C CYS L 3 71.30 27.36 -18.22
N PHE L 4 71.69 26.74 -19.34
CA PHE L 4 70.81 26.67 -20.49
C PHE L 4 69.65 25.73 -20.19
N THR L 5 68.48 26.04 -20.75
CA THR L 5 67.29 25.27 -20.48
C THR L 5 66.54 24.99 -21.76
N THR L 6 65.95 23.79 -21.86
CA THR L 6 65.16 23.34 -22.99
C THR L 6 63.72 23.10 -22.55
N PRO L 7 62.74 23.31 -23.45
CA PRO L 7 62.85 23.76 -24.83
C PRO L 7 62.67 25.28 -24.96
N SER L 8 62.96 26.05 -23.90
CA SER L 8 62.94 27.50 -24.02
C SER L 8 64.11 28.03 -24.83
N VAL L 9 65.16 27.23 -24.97
CA VAL L 9 66.32 27.52 -25.81
C VAL L 9 66.97 28.83 -25.39
N ARG L 10 67.26 28.97 -24.10
CA ARG L 10 67.97 30.14 -23.60
C ARG L 10 68.48 29.84 -22.19
N SER L 11 69.30 30.76 -21.68
CA SER L 11 69.83 30.66 -20.33
C SER L 11 68.92 31.40 -19.36
N GLU L 12 68.61 30.74 -18.24
CA GLU L 12 67.81 31.33 -17.18
C GLU L 12 68.50 31.06 -15.85
N ARG L 13 68.17 31.88 -14.86
CA ARG L 13 68.59 31.58 -13.50
C ARG L 13 67.64 30.55 -12.91
N CYS L 14 68.20 29.47 -12.39
CA CYS L 14 67.38 28.36 -11.93
C CYS L 14 66.59 28.76 -10.68
N PRO L 15 65.45 28.10 -10.44
CA PRO L 15 64.68 28.44 -9.25
C PRO L 15 65.49 28.23 -7.99
N PRO L 16 65.15 28.93 -6.91
CA PRO L 16 65.93 28.80 -5.67
C PRO L 16 65.85 27.37 -5.11
N GLY L 17 67.01 26.82 -4.78
CA GLY L 17 67.13 25.46 -4.29
C GLY L 17 67.84 24.50 -5.21
N GLN L 18 68.64 25.01 -6.16
CA GLN L 18 69.36 24.14 -7.13
C GLN L 18 70.38 24.94 -7.93
N GLU L 19 71.53 24.32 -8.27
CA GLU L 19 72.58 24.99 -9.07
C GLU L 19 73.41 23.97 -9.87
N VAL L 20 72.90 22.74 -10.08
CA VAL L 20 73.59 21.85 -11.01
C VAL L 20 72.95 21.99 -12.40
N CYS L 21 73.78 22.27 -13.39
CA CYS L 21 73.34 22.31 -14.79
C CYS L 21 73.52 20.92 -15.39
N TYR L 22 72.48 20.42 -16.06
CA TYR L 22 72.53 19.08 -16.64
C TYR L 22 72.32 19.12 -18.15
N THR L 23 72.86 18.11 -18.82
CA THR L 23 72.58 17.85 -20.22
C THR L 23 72.19 16.38 -20.36
N LYS L 24 70.98 16.12 -20.84
CA LYS L 24 70.54 14.77 -21.15
C LYS L 24 70.69 14.54 -22.65
N THR L 25 71.27 13.40 -23.01
CA THR L 25 71.38 13.00 -24.41
C THR L 25 70.95 11.55 -24.55
N TRP L 26 70.20 11.27 -25.62
CA TRP L 26 69.79 9.91 -25.94
C TRP L 26 69.52 9.84 -27.43
N THR L 27 69.44 8.61 -27.94
CA THR L 27 69.15 8.37 -29.34
C THR L 27 67.67 8.07 -29.53
N ASP L 28 67.09 8.64 -30.58
CA ASP L 28 65.72 8.33 -30.98
C ASP L 28 65.74 7.79 -32.41
N GLY L 29 64.55 7.59 -32.98
CA GLY L 29 64.43 7.03 -34.31
C GLY L 29 65.09 7.85 -35.41
N HIS L 30 65.45 9.11 -35.13
CA HIS L 30 66.12 9.96 -36.09
C HIS L 30 67.61 10.15 -35.77
N GLY L 31 68.18 9.26 -34.98
CA GLY L 31 69.55 9.44 -34.55
C GLY L 31 70.54 9.47 -35.71
N GLY L 32 70.34 8.60 -36.70
CA GLY L 32 71.25 8.55 -37.83
C GLY L 32 71.24 9.80 -38.68
N SER L 33 70.18 10.58 -38.63
CA SER L 33 70.06 11.77 -39.47
C SER L 33 70.25 13.07 -38.71
N ARG L 34 69.84 13.13 -37.44
CA ARG L 34 69.86 14.37 -36.68
C ARG L 34 70.72 14.29 -35.43
N GLY L 35 71.35 13.16 -35.16
CA GLY L 35 72.16 13.02 -33.96
C GLY L 35 71.32 12.65 -32.75
N LYS L 36 71.87 12.93 -31.58
CA LYS L 36 71.21 12.61 -30.33
C LYS L 36 70.31 13.75 -29.88
N ARG L 37 69.13 13.40 -29.35
CA ARG L 37 68.29 14.37 -28.68
C ARG L 37 69.01 14.94 -27.47
N VAL L 38 68.74 16.21 -27.17
CA VAL L 38 69.33 16.88 -26.01
C VAL L 38 68.23 17.47 -25.15
N ASP L 39 68.52 17.55 -23.85
CA ASP L 39 67.61 18.15 -22.87
C ASP L 39 68.45 18.91 -21.86
N LEU L 40 68.20 20.21 -21.74
CA LEU L 40 68.93 21.07 -20.83
C LEU L 40 67.97 21.65 -19.79
N GLY L 41 68.47 21.82 -18.57
CA GLY L 41 67.63 22.37 -17.52
C GLY L 41 68.39 22.48 -16.22
N CYS L 42 67.63 22.65 -15.13
CA CYS L 42 68.20 22.70 -13.78
C CYS L 42 67.49 21.70 -12.88
N ALA L 43 68.22 21.25 -11.86
CA ALA L 43 67.66 20.35 -10.85
C ALA L 43 68.43 20.57 -9.55
N ALA L 44 67.86 20.07 -8.45
CA ALA L 44 68.54 20.16 -7.17
C ALA L 44 69.73 19.22 -7.10
N THR L 45 69.47 17.92 -7.19
CA THR L 45 70.51 16.92 -7.38
C THR L 45 70.60 16.56 -8.85
N CYS L 46 71.76 16.08 -9.26
CA CYS L 46 71.96 15.68 -10.64
C CYS L 46 71.01 14.54 -10.97
N PRO L 47 70.20 14.66 -12.03
CA PRO L 47 69.20 13.61 -12.31
C PRO L 47 69.86 12.27 -12.61
N THR L 48 69.22 11.21 -12.15
CA THR L 48 69.74 9.86 -12.31
C THR L 48 69.18 9.22 -13.58
N PRO L 49 70.02 8.66 -14.44
CA PRO L 49 69.53 8.00 -15.65
C PRO L 49 68.88 6.66 -15.32
N LYS L 50 67.72 6.41 -15.92
CA LYS L 50 67.03 5.13 -15.78
C LYS L 50 66.62 4.50 -17.10
N LYS L 51 66.62 5.23 -18.21
CA LYS L 51 66.42 4.66 -19.53
C LYS L 51 67.75 4.12 -20.08
N LYS L 52 67.66 3.27 -21.09
CA LYS L 52 68.86 2.81 -21.78
C LYS L 52 69.43 3.93 -22.65
N ASP L 53 70.74 3.89 -22.86
CA ASP L 53 71.41 4.76 -23.81
C ASP L 53 71.39 6.24 -23.41
N ILE L 54 70.74 6.59 -22.31
CA ILE L 54 70.68 8.00 -21.89
C ILE L 54 71.92 8.32 -21.07
N LYS L 55 72.57 9.43 -21.40
CA LYS L 55 73.72 9.93 -20.66
C LYS L 55 73.41 11.31 -20.12
N ILE L 56 73.66 11.50 -18.83
CA ILE L 56 73.41 12.76 -18.14
C ILE L 56 74.74 13.37 -17.74
N ILE L 57 74.94 14.64 -18.07
CA ILE L 57 76.19 15.35 -17.83
C ILE L 57 75.88 16.55 -16.96
N CYS L 58 76.38 16.55 -15.73
CA CYS L 58 76.14 17.62 -14.78
C CYS L 58 77.43 18.38 -14.50
N CYS L 59 77.27 19.62 -14.04
CA CYS L 59 78.40 20.51 -13.76
C CYS L 59 78.02 21.44 -12.61
N SER L 60 78.85 22.44 -12.38
CA SER L 60 78.66 23.38 -11.28
C SER L 60 78.61 24.84 -11.73
N THR L 61 79.43 25.24 -12.70
CA THR L 61 79.55 26.64 -13.08
C THR L 61 78.32 27.09 -13.87
N ASP L 62 78.29 28.38 -14.20
CA ASP L 62 77.14 28.97 -14.87
C ASP L 62 77.22 28.74 -16.38
N ASN L 63 76.08 28.33 -16.96
CA ASN L 63 75.93 28.18 -18.41
C ASN L 63 76.99 27.25 -18.98
N CYS L 64 77.22 26.13 -18.31
CA CYS L 64 78.14 25.12 -18.80
C CYS L 64 77.49 24.19 -19.81
N ASN L 65 76.20 23.94 -19.66
CA ASN L 65 75.48 22.98 -20.49
C ASN L 65 75.00 23.63 -21.79
#